data_1IPG
# 
_entry.id   1IPG 
# 
_audit_conform.dict_name       mmcif_pdbx.dic 
_audit_conform.dict_version    5.383 
_audit_conform.dict_location   http://mmcif.pdb.org/dictionaries/ascii/mmcif_pdbx.dic 
# 
loop_
_database_2.database_id 
_database_2.database_code 
_database_2.pdbx_database_accession 
_database_2.pdbx_DOI 
PDB   1IPG         pdb_00001ipg 10.2210/pdb1ipg/pdb 
RCSB  RCSB005149   ?            ?                   
WWPDB D_1000005149 ?            ?                   
# 
loop_
_pdbx_audit_revision_history.ordinal 
_pdbx_audit_revision_history.data_content_type 
_pdbx_audit_revision_history.major_revision 
_pdbx_audit_revision_history.minor_revision 
_pdbx_audit_revision_history.revision_date 
1 'Structure model' 1 0 2001-08-15 
2 'Structure model' 1 1 2008-04-27 
3 'Structure model' 1 2 2011-07-13 
4 'Structure model' 1 3 2022-02-23 
5 'Structure model' 1 4 2023-12-27 
# 
_pdbx_audit_revision_details.ordinal             1 
_pdbx_audit_revision_details.revision_ordinal    1 
_pdbx_audit_revision_details.data_content_type   'Structure model' 
_pdbx_audit_revision_details.provider            repository 
_pdbx_audit_revision_details.type                'Initial release' 
_pdbx_audit_revision_details.description         ? 
_pdbx_audit_revision_details.details             ? 
# 
loop_
_pdbx_audit_revision_group.ordinal 
_pdbx_audit_revision_group.revision_ordinal 
_pdbx_audit_revision_group.data_content_type 
_pdbx_audit_revision_group.group 
1 2 'Structure model' 'Version format compliance' 
2 3 'Structure model' 'Version format compliance' 
3 4 'Structure model' 'Database references'       
4 4 'Structure model' 'Derived calculations'      
5 5 'Structure model' 'Data collection'           
# 
loop_
_pdbx_audit_revision_category.ordinal 
_pdbx_audit_revision_category.revision_ordinal 
_pdbx_audit_revision_category.data_content_type 
_pdbx_audit_revision_category.category 
1 4 'Structure model' database_2            
2 4 'Structure model' pdbx_struct_assembly  
3 4 'Structure model' pdbx_struct_oper_list 
4 4 'Structure model' struct_ref_seq_dif    
5 5 'Structure model' chem_comp_atom        
6 5 'Structure model' chem_comp_bond        
# 
loop_
_pdbx_audit_revision_item.ordinal 
_pdbx_audit_revision_item.revision_ordinal 
_pdbx_audit_revision_item.data_content_type 
_pdbx_audit_revision_item.item 
1 4 'Structure model' '_database_2.pdbx_DOI'                
2 4 'Structure model' '_database_2.pdbx_database_accession' 
3 4 'Structure model' '_struct_ref_seq_dif.details'         
# 
_pdbx_database_status.status_code                     REL 
_pdbx_database_status.entry_id                        1IPG 
_pdbx_database_status.recvd_initial_deposition_date   2001-05-14 
_pdbx_database_status.deposit_site                    PDBJ 
_pdbx_database_status.process_site                    PDBJ 
_pdbx_database_status.status_code_mr                  REL 
_pdbx_database_status.SG_entry                        . 
_pdbx_database_status.pdb_format_compatible           Y 
_pdbx_database_status.status_code_sf                  ? 
_pdbx_database_status.status_code_cs                  ? 
_pdbx_database_status.status_code_nmr_data            ? 
_pdbx_database_status.methods_development_category    ? 
# 
_pdbx_database_related.db_name        PDB 
_pdbx_database_related.db_id          1IP9 
_pdbx_database_related.details        '1IP9 is the ensembles of 20 structures.' 
_pdbx_database_related.content_type   unspecified 
# 
loop_
_audit_author.name 
_audit_author.pdbx_ordinal 
'Terasawa, H.' 1 
'Noda, Y.'     2 
'Ito, T.'      3 
'Hatanaka, H.' 4 
'Ichikawa, S.' 5 
'Ogura, K.'    6 
'Sumimoto, H.' 7 
'Inagaki, F.'  8 
# 
loop_
_citation.id 
_citation.title 
_citation.journal_abbrev 
_citation.journal_volume 
_citation.page_first 
_citation.page_last 
_citation.year 
_citation.journal_id_ASTM 
_citation.country 
_citation.journal_id_ISSN 
_citation.journal_id_CSD 
_citation.book_publisher 
_citation.pdbx_database_id_PubMed 
_citation.pdbx_database_id_DOI 
primary 'Structure and ligand recognition of the PB1 domain: a novel protein module binding to the PC motif.' 'EMBO J.' 20 3947 
3956 2001 EMJODG UK 0261-4189 0897 ? 11483498 10.1093/emboj/20.15.3947 
1       'Novel modular domain PB1 recognizes PC motif to mediate functional protein-protein interactions'     'Embo J.' 20 3938 
3946 2001 EMJODG UK 0261-4189 0897 ? ?        10.1093/emboj/20.15.3938 
# 
loop_
_citation_author.citation_id 
_citation_author.name 
_citation_author.ordinal 
_citation_author.identifier_ORCID 
primary 'Terasawa, H.' 1  ? 
primary 'Noda, Y.'     2  ? 
primary 'Ito, T.'      3  ? 
primary 'Hatanaka, H.' 4  ? 
primary 'Ichikawa, S.' 5  ? 
primary 'Ogura, K.'    6  ? 
primary 'Sumimoto, H.' 7  ? 
primary 'Inagaki, F.'  8  ? 
1       'Ito, T.'      9  ? 
1       'Matsui, Y.'   10 ? 
1       'Ago, T.'      11 ? 
1       'Ota, K.'      12 ? 
1       'Sumimoto, H.' 13 ? 
# 
_entity.id                         1 
_entity.type                       polymer 
_entity.src_method                 man 
_entity.pdbx_description           'BEM1 PROTEIN' 
_entity.formula_weight             9519.925 
_entity.pdbx_number_of_molecules   1 
_entity.pdbx_ec                    ? 
_entity.pdbx_mutation              ? 
_entity.pdbx_fragment              'PB1 DOMAIN(RESIDUES 472-551)' 
_entity.details                    ? 
# 
_entity_poly.entity_id                      1 
_entity_poly.type                           'polypeptide(L)' 
_entity_poly.nstd_linkage                   no 
_entity_poly.nstd_monomer                   no 
_entity_poly.pdbx_seq_one_letter_code       
;GAMGSSTSGLKTTKIKFYYKDDIFALMLKGDTTYKELRSKIAPRIDTDNFKLQTKLFDGSGEEIKTDSQVSNIIQAKLKI
SVHDI
;
_entity_poly.pdbx_seq_one_letter_code_can   
;GAMGSSTSGLKTTKIKFYYKDDIFALMLKGDTTYKELRSKIAPRIDTDNFKLQTKLFDGSGEEIKTDSQVSNIIQAKLKI
SVHDI
;
_entity_poly.pdbx_strand_id                 A 
_entity_poly.pdbx_target_identifier         ? 
# 
loop_
_entity_poly_seq.entity_id 
_entity_poly_seq.num 
_entity_poly_seq.mon_id 
_entity_poly_seq.hetero 
1 1  GLY n 
1 2  ALA n 
1 3  MET n 
1 4  GLY n 
1 5  SER n 
1 6  SER n 
1 7  THR n 
1 8  SER n 
1 9  GLY n 
1 10 LEU n 
1 11 LYS n 
1 12 THR n 
1 13 THR n 
1 14 LYS n 
1 15 ILE n 
1 16 LYS n 
1 17 PHE n 
1 18 TYR n 
1 19 TYR n 
1 20 LYS n 
1 21 ASP n 
1 22 ASP n 
1 23 ILE n 
1 24 PHE n 
1 25 ALA n 
1 26 LEU n 
1 27 MET n 
1 28 LEU n 
1 29 LYS n 
1 30 GLY n 
1 31 ASP n 
1 32 THR n 
1 33 THR n 
1 34 TYR n 
1 35 LYS n 
1 36 GLU n 
1 37 LEU n 
1 38 ARG n 
1 39 SER n 
1 40 LYS n 
1 41 ILE n 
1 42 ALA n 
1 43 PRO n 
1 44 ARG n 
1 45 ILE n 
1 46 ASP n 
1 47 THR n 
1 48 ASP n 
1 49 ASN n 
1 50 PHE n 
1 51 LYS n 
1 52 LEU n 
1 53 GLN n 
1 54 THR n 
1 55 LYS n 
1 56 LEU n 
1 57 PHE n 
1 58 ASP n 
1 59 GLY n 
1 60 SER n 
1 61 GLY n 
1 62 GLU n 
1 63 GLU n 
1 64 ILE n 
1 65 LYS n 
1 66 THR n 
1 67 ASP n 
1 68 SER n 
1 69 GLN n 
1 70 VAL n 
1 71 SER n 
1 72 ASN n 
1 73 ILE n 
1 74 ILE n 
1 75 GLN n 
1 76 ALA n 
1 77 LYS n 
1 78 LEU n 
1 79 LYS n 
1 80 ILE n 
1 81 SER n 
1 82 VAL n 
1 83 HIS n 
1 84 ASP n 
1 85 ILE n 
# 
_entity_src_gen.entity_id                          1 
_entity_src_gen.pdbx_src_id                        1 
_entity_src_gen.pdbx_alt_source_flag               sample 
_entity_src_gen.pdbx_seq_type                      ? 
_entity_src_gen.pdbx_beg_seq_num                   ? 
_entity_src_gen.pdbx_end_seq_num                   ? 
_entity_src_gen.gene_src_common_name               
;baker's yeast
;
_entity_src_gen.gene_src_genus                     Saccharomyces 
_entity_src_gen.pdbx_gene_src_gene                 ? 
_entity_src_gen.gene_src_species                   ? 
_entity_src_gen.gene_src_strain                    ? 
_entity_src_gen.gene_src_tissue                    ? 
_entity_src_gen.gene_src_tissue_fraction           ? 
_entity_src_gen.gene_src_details                   ? 
_entity_src_gen.pdbx_gene_src_fragment             ? 
_entity_src_gen.pdbx_gene_src_scientific_name      'Saccharomyces cerevisiae' 
_entity_src_gen.pdbx_gene_src_ncbi_taxonomy_id     4932 
_entity_src_gen.pdbx_gene_src_variant              ? 
_entity_src_gen.pdbx_gene_src_cell_line            ? 
_entity_src_gen.pdbx_gene_src_atcc                 ? 
_entity_src_gen.pdbx_gene_src_organ                ? 
_entity_src_gen.pdbx_gene_src_organelle            ? 
_entity_src_gen.pdbx_gene_src_cell                 ? 
_entity_src_gen.pdbx_gene_src_cellular_location    ? 
_entity_src_gen.host_org_common_name               ? 
_entity_src_gen.pdbx_host_org_scientific_name      'Escherichia coli BL21(DE3)' 
_entity_src_gen.pdbx_host_org_ncbi_taxonomy_id     469008 
_entity_src_gen.host_org_genus                     Escherichia 
_entity_src_gen.pdbx_host_org_gene                 ? 
_entity_src_gen.pdbx_host_org_organ                ? 
_entity_src_gen.host_org_species                   'Escherichia coli' 
_entity_src_gen.pdbx_host_org_tissue               ? 
_entity_src_gen.pdbx_host_org_tissue_fraction      ? 
_entity_src_gen.pdbx_host_org_strain               'BL21 DE3' 
_entity_src_gen.pdbx_host_org_variant              ? 
_entity_src_gen.pdbx_host_org_cell_line            ? 
_entity_src_gen.pdbx_host_org_atcc                 ? 
_entity_src_gen.pdbx_host_org_culture_collection   ? 
_entity_src_gen.pdbx_host_org_cell                 ? 
_entity_src_gen.pdbx_host_org_organelle            ? 
_entity_src_gen.pdbx_host_org_cellular_location    ? 
_entity_src_gen.pdbx_host_org_vector_type          PLASMID 
_entity_src_gen.pdbx_host_org_vector               ? 
_entity_src_gen.host_org_details                   ? 
_entity_src_gen.expression_system_id               ? 
_entity_src_gen.plasmid_name                       PPROEX-HTA 
_entity_src_gen.plasmid_details                    ? 
_entity_src_gen.pdbx_description                   ? 
# 
loop_
_chem_comp.id 
_chem_comp.type 
_chem_comp.mon_nstd_flag 
_chem_comp.name 
_chem_comp.pdbx_synonyms 
_chem_comp.formula 
_chem_comp.formula_weight 
ALA 'L-peptide linking' y ALANINE         ? 'C3 H7 N O2'     89.093  
ARG 'L-peptide linking' y ARGININE        ? 'C6 H15 N4 O2 1' 175.209 
ASN 'L-peptide linking' y ASPARAGINE      ? 'C4 H8 N2 O3'    132.118 
ASP 'L-peptide linking' y 'ASPARTIC ACID' ? 'C4 H7 N O4'     133.103 
GLN 'L-peptide linking' y GLUTAMINE       ? 'C5 H10 N2 O3'   146.144 
GLU 'L-peptide linking' y 'GLUTAMIC ACID' ? 'C5 H9 N O4'     147.129 
GLY 'peptide linking'   y GLYCINE         ? 'C2 H5 N O2'     75.067  
HIS 'L-peptide linking' y HISTIDINE       ? 'C6 H10 N3 O2 1' 156.162 
ILE 'L-peptide linking' y ISOLEUCINE      ? 'C6 H13 N O2'    131.173 
LEU 'L-peptide linking' y LEUCINE         ? 'C6 H13 N O2'    131.173 
LYS 'L-peptide linking' y LYSINE          ? 'C6 H15 N2 O2 1' 147.195 
MET 'L-peptide linking' y METHIONINE      ? 'C5 H11 N O2 S'  149.211 
PHE 'L-peptide linking' y PHENYLALANINE   ? 'C9 H11 N O2'    165.189 
PRO 'L-peptide linking' y PROLINE         ? 'C5 H9 N O2'     115.130 
SER 'L-peptide linking' y SERINE          ? 'C3 H7 N O3'     105.093 
THR 'L-peptide linking' y THREONINE       ? 'C4 H9 N O3'     119.119 
TYR 'L-peptide linking' y TYROSINE        ? 'C9 H11 N O3'    181.189 
VAL 'L-peptide linking' y VALINE          ? 'C5 H11 N O2'    117.146 
# 
loop_
_pdbx_poly_seq_scheme.asym_id 
_pdbx_poly_seq_scheme.entity_id 
_pdbx_poly_seq_scheme.seq_id 
_pdbx_poly_seq_scheme.mon_id 
_pdbx_poly_seq_scheme.ndb_seq_num 
_pdbx_poly_seq_scheme.pdb_seq_num 
_pdbx_poly_seq_scheme.auth_seq_num 
_pdbx_poly_seq_scheme.pdb_mon_id 
_pdbx_poly_seq_scheme.auth_mon_id 
_pdbx_poly_seq_scheme.pdb_strand_id 
_pdbx_poly_seq_scheme.pdb_ins_code 
_pdbx_poly_seq_scheme.hetero 
A 1 1  GLY 1  1  1  GLY GLY A . n 
A 1 2  ALA 2  2  2  ALA ALA A . n 
A 1 3  MET 3  3  3  MET MET A . n 
A 1 4  GLY 4  4  4  GLY GLY A . n 
A 1 5  SER 5  5  5  SER SER A . n 
A 1 6  SER 6  6  6  SER SER A . n 
A 1 7  THR 7  7  7  THR THR A . n 
A 1 8  SER 8  8  8  SER SER A . n 
A 1 9  GLY 9  9  9  GLY GLY A . n 
A 1 10 LEU 10 10 10 LEU LEU A . n 
A 1 11 LYS 11 11 11 LYS LYS A . n 
A 1 12 THR 12 12 12 THR THR A . n 
A 1 13 THR 13 13 13 THR THR A . n 
A 1 14 LYS 14 14 14 LYS LYS A . n 
A 1 15 ILE 15 15 15 ILE ILE A . n 
A 1 16 LYS 16 16 16 LYS LYS A . n 
A 1 17 PHE 17 17 17 PHE PHE A . n 
A 1 18 TYR 18 18 18 TYR TYR A . n 
A 1 19 TYR 19 19 19 TYR TYR A . n 
A 1 20 LYS 20 20 20 LYS LYS A . n 
A 1 21 ASP 21 21 21 ASP ASP A . n 
A 1 22 ASP 22 22 22 ASP ASP A . n 
A 1 23 ILE 23 23 23 ILE ILE A . n 
A 1 24 PHE 24 24 24 PHE PHE A . n 
A 1 25 ALA 25 25 25 ALA ALA A . n 
A 1 26 LEU 26 26 26 LEU LEU A . n 
A 1 27 MET 27 27 27 MET MET A . n 
A 1 28 LEU 28 28 28 LEU LEU A . n 
A 1 29 LYS 29 29 29 LYS LYS A . n 
A 1 30 GLY 30 30 30 GLY GLY A . n 
A 1 31 ASP 31 31 31 ASP ASP A . n 
A 1 32 THR 32 32 32 THR THR A . n 
A 1 33 THR 33 33 33 THR THR A . n 
A 1 34 TYR 34 34 34 TYR TYR A . n 
A 1 35 LYS 35 35 35 LYS LYS A . n 
A 1 36 GLU 36 36 36 GLU GLU A . n 
A 1 37 LEU 37 37 37 LEU LEU A . n 
A 1 38 ARG 38 38 38 ARG ARG A . n 
A 1 39 SER 39 39 39 SER SER A . n 
A 1 40 LYS 40 40 40 LYS LYS A . n 
A 1 41 ILE 41 41 41 ILE ILE A . n 
A 1 42 ALA 42 42 42 ALA ALA A . n 
A 1 43 PRO 43 43 43 PRO PRO A . n 
A 1 44 ARG 44 44 44 ARG ARG A . n 
A 1 45 ILE 45 45 45 ILE ILE A . n 
A 1 46 ASP 46 46 46 ASP ASP A . n 
A 1 47 THR 47 47 47 THR THR A . n 
A 1 48 ASP 48 48 48 ASP ASP A . n 
A 1 49 ASN 49 49 49 ASN ASN A . n 
A 1 50 PHE 50 50 50 PHE PHE A . n 
A 1 51 LYS 51 51 51 LYS LYS A . n 
A 1 52 LEU 52 52 52 LEU LEU A . n 
A 1 53 GLN 53 53 53 GLN GLN A . n 
A 1 54 THR 54 54 54 THR THR A . n 
A 1 55 LYS 55 55 55 LYS LYS A . n 
A 1 56 LEU 56 56 56 LEU LEU A . n 
A 1 57 PHE 57 57 57 PHE PHE A . n 
A 1 58 ASP 58 58 58 ASP ASP A . n 
A 1 59 GLY 59 59 59 GLY GLY A . n 
A 1 60 SER 60 60 60 SER SER A . n 
A 1 61 GLY 61 61 61 GLY GLY A . n 
A 1 62 GLU 62 62 62 GLU GLU A . n 
A 1 63 GLU 63 63 63 GLU GLU A . n 
A 1 64 ILE 64 64 64 ILE ILE A . n 
A 1 65 LYS 65 65 65 LYS LYS A . n 
A 1 66 THR 66 66 66 THR THR A . n 
A 1 67 ASP 67 67 67 ASP ASP A . n 
A 1 68 SER 68 68 68 SER SER A . n 
A 1 69 GLN 69 69 69 GLN GLN A . n 
A 1 70 VAL 70 70 70 VAL VAL A . n 
A 1 71 SER 71 71 71 SER SER A . n 
A 1 72 ASN 72 72 72 ASN ASN A . n 
A 1 73 ILE 73 73 73 ILE ILE A . n 
A 1 74 ILE 74 74 74 ILE ILE A . n 
A 1 75 GLN 75 75 75 GLN GLN A . n 
A 1 76 ALA 76 76 76 ALA ALA A . n 
A 1 77 LYS 77 77 77 LYS LYS A . n 
A 1 78 LEU 78 78 78 LEU LEU A . n 
A 1 79 LYS 79 79 79 LYS LYS A . n 
A 1 80 ILE 80 80 80 ILE ILE A . n 
A 1 81 SER 81 81 81 SER SER A . n 
A 1 82 VAL 82 82 82 VAL VAL A . n 
A 1 83 HIS 83 83 83 HIS HIS A . n 
A 1 84 ASP 84 84 84 ASP ASP A . n 
A 1 85 ILE 85 85 85 ILE ILE A . n 
# 
_cell.entry_id           1IPG 
_cell.length_a           ? 
_cell.length_b           ? 
_cell.length_c           ? 
_cell.angle_alpha        ? 
_cell.angle_beta         ? 
_cell.angle_gamma        ? 
_cell.Z_PDB              1 
_cell.pdbx_unique_axis   ? 
# 
_exptl.entry_id          1IPG 
_exptl.method            'SOLUTION NMR' 
_exptl.crystals_number   ? 
# 
_exptl_crystal.id                    1 
_exptl_crystal.density_meas          ? 
_exptl_crystal.density_Matthews      ? 
_exptl_crystal.density_percent_sol   ? 
_exptl_crystal.description           ? 
# 
_diffrn.id                     1 
_diffrn.crystal_id             1 
_diffrn.ambient_temp           ? 
_diffrn.ambient_temp_details   ? 
# 
_diffrn_radiation.diffrn_id                        1 
_diffrn_radiation.wavelength_id                    1 
_diffrn_radiation.pdbx_monochromatic_or_laue_m_l   M 
_diffrn_radiation.monochromator                    ? 
_diffrn_radiation.pdbx_diffrn_protocol             'SINGLE WAVELENGTH' 
_diffrn_radiation.pdbx_scattering_type             ? 
# 
_diffrn_radiation_wavelength.id           1 
_diffrn_radiation_wavelength.wavelength   . 
_diffrn_radiation_wavelength.wt           1.0 
# 
_struct.entry_id                  1IPG 
_struct.title                     'SOLUTION STRUCTURE OF THE PB1 DOMAIN OF BEM1P' 
_struct.pdbx_model_details        ? 
_struct.pdbx_CASP_flag            ? 
_struct.pdbx_model_type_details   ? 
# 
_struct_keywords.entry_id        1IPG 
_struct_keywords.pdbx_keywords   'SIGNALING PROTEIN' 
_struct_keywords.text            'ubiquitin alpha/beta roll, SIGNALING PROTEIN' 
# 
_struct_asym.id                            A 
_struct_asym.pdbx_blank_PDB_chainid_flag   N 
_struct_asym.pdbx_modified                 N 
_struct_asym.entity_id                     1 
_struct_asym.details                       ? 
# 
_struct_ref.id                         1 
_struct_ref.db_name                    UNP 
_struct_ref.db_code                    BEM1_YEAST 
_struct_ref.entity_id                  1 
_struct_ref.pdbx_seq_one_letter_code   
;STSGLKTTKIKFYYKDDIFALMLKGDTTYKELRSKIAPRIDTDNFKLQTKLFDGSGEEIKTDSQVSNIIQAKLKISVHDI

;
_struct_ref.pdbx_align_begin           472 
_struct_ref.pdbx_db_accession          P29366 
_struct_ref.pdbx_db_isoform            ? 
# 
_struct_ref_seq.align_id                      1 
_struct_ref_seq.ref_id                        1 
_struct_ref_seq.pdbx_PDB_id_code              1IPG 
_struct_ref_seq.pdbx_strand_id                A 
_struct_ref_seq.seq_align_beg                 6 
_struct_ref_seq.pdbx_seq_align_beg_ins_code   ? 
_struct_ref_seq.seq_align_end                 85 
_struct_ref_seq.pdbx_seq_align_end_ins_code   ? 
_struct_ref_seq.pdbx_db_accession             P29366 
_struct_ref_seq.db_align_beg                  472 
_struct_ref_seq.pdbx_db_align_beg_ins_code    ? 
_struct_ref_seq.db_align_end                  551 
_struct_ref_seq.pdbx_db_align_end_ins_code    ? 
_struct_ref_seq.pdbx_auth_seq_align_beg       6 
_struct_ref_seq.pdbx_auth_seq_align_end       85 
# 
loop_
_struct_ref_seq_dif.align_id 
_struct_ref_seq_dif.pdbx_pdb_id_code 
_struct_ref_seq_dif.mon_id 
_struct_ref_seq_dif.pdbx_pdb_strand_id 
_struct_ref_seq_dif.seq_num 
_struct_ref_seq_dif.pdbx_pdb_ins_code 
_struct_ref_seq_dif.pdbx_seq_db_name 
_struct_ref_seq_dif.pdbx_seq_db_accession_code 
_struct_ref_seq_dif.db_mon_id 
_struct_ref_seq_dif.pdbx_seq_db_seq_num 
_struct_ref_seq_dif.details 
_struct_ref_seq_dif.pdbx_auth_seq_num 
_struct_ref_seq_dif.pdbx_ordinal 
1 1IPG GLY A 1 ? UNP P29366 ? ? 'cloning artifact' 1 1 
1 1IPG ALA A 2 ? UNP P29366 ? ? 'cloning artifact' 2 2 
1 1IPG MET A 3 ? UNP P29366 ? ? 'cloning artifact' 3 3 
1 1IPG GLY A 4 ? UNP P29366 ? ? 'cloning artifact' 4 4 
1 1IPG SER A 5 ? UNP P29366 ? ? 'cloning artifact' 5 5 
# 
_pdbx_struct_assembly.id                   1 
_pdbx_struct_assembly.details              author_defined_assembly 
_pdbx_struct_assembly.method_details       ? 
_pdbx_struct_assembly.oligomeric_details   monomeric 
_pdbx_struct_assembly.oligomeric_count     1 
# 
_pdbx_struct_assembly_gen.assembly_id       1 
_pdbx_struct_assembly_gen.oper_expression   1 
_pdbx_struct_assembly_gen.asym_id_list      A 
# 
_pdbx_struct_oper_list.id                   1 
_pdbx_struct_oper_list.type                 'identity operation' 
_pdbx_struct_oper_list.name                 1_555 
_pdbx_struct_oper_list.symmetry_operation   x,y,z 
_pdbx_struct_oper_list.matrix[1][1]         1.0000000000 
_pdbx_struct_oper_list.matrix[1][2]         0.0000000000 
_pdbx_struct_oper_list.matrix[1][3]         0.0000000000 
_pdbx_struct_oper_list.vector[1]            0.0000000000 
_pdbx_struct_oper_list.matrix[2][1]         0.0000000000 
_pdbx_struct_oper_list.matrix[2][2]         1.0000000000 
_pdbx_struct_oper_list.matrix[2][3]         0.0000000000 
_pdbx_struct_oper_list.vector[2]            0.0000000000 
_pdbx_struct_oper_list.matrix[3][1]         0.0000000000 
_pdbx_struct_oper_list.matrix[3][2]         0.0000000000 
_pdbx_struct_oper_list.matrix[3][3]         1.0000000000 
_pdbx_struct_oper_list.vector[3]            0.0000000000 
# 
_struct_biol.id   1 
# 
loop_
_struct_conf.conf_type_id 
_struct_conf.id 
_struct_conf.pdbx_PDB_helix_id 
_struct_conf.beg_label_comp_id 
_struct_conf.beg_label_asym_id 
_struct_conf.beg_label_seq_id 
_struct_conf.pdbx_beg_PDB_ins_code 
_struct_conf.end_label_comp_id 
_struct_conf.end_label_asym_id 
_struct_conf.end_label_seq_id 
_struct_conf.pdbx_end_PDB_ins_code 
_struct_conf.beg_auth_comp_id 
_struct_conf.beg_auth_asym_id 
_struct_conf.beg_auth_seq_id 
_struct_conf.end_auth_comp_id 
_struct_conf.end_auth_asym_id 
_struct_conf.end_auth_seq_id 
_struct_conf.pdbx_PDB_helix_class 
_struct_conf.details 
_struct_conf.pdbx_PDB_helix_length 
HELX_P HELX_P1 1 THR A 33 ? ASP A 46 ? THR A 33 ASP A 46 1 ? 14 
HELX_P HELX_P2 2 THR A 66 ? ALA A 76 ? THR A 66 ALA A 76 1 ? 11 
# 
_struct_conf_type.id          HELX_P 
_struct_conf_type.criteria    ? 
_struct_conf_type.reference   ? 
# 
_struct_sheet.id               A 
_struct_sheet.type             ? 
_struct_sheet.number_strands   4 
_struct_sheet.details          ? 
# 
loop_
_struct_sheet_order.sheet_id 
_struct_sheet_order.range_id_1 
_struct_sheet_order.range_id_2 
_struct_sheet_order.offset 
_struct_sheet_order.sense 
A 1 2 ? anti-parallel 
A 2 3 ? parallel      
A 3 4 ? anti-parallel 
# 
loop_
_struct_sheet_range.sheet_id 
_struct_sheet_range.id 
_struct_sheet_range.beg_label_comp_id 
_struct_sheet_range.beg_label_asym_id 
_struct_sheet_range.beg_label_seq_id 
_struct_sheet_range.pdbx_beg_PDB_ins_code 
_struct_sheet_range.end_label_comp_id 
_struct_sheet_range.end_label_asym_id 
_struct_sheet_range.end_label_seq_id 
_struct_sheet_range.pdbx_end_PDB_ins_code 
_struct_sheet_range.beg_auth_comp_id 
_struct_sheet_range.beg_auth_asym_id 
_struct_sheet_range.beg_auth_seq_id 
_struct_sheet_range.end_auth_comp_id 
_struct_sheet_range.end_auth_asym_id 
_struct_sheet_range.end_auth_seq_id 
A 1 PHE A 24 ? LEU A 28 ? PHE A 24 LEU A 28 
A 2 THR A 13 ? TYR A 19 ? THR A 13 TYR A 19 
A 3 ILE A 80 ? ASP A 84 ? ILE A 80 ASP A 84 
A 4 PHE A 50 ? THR A 54 ? PHE A 50 THR A 54 
# 
loop_
_pdbx_struct_sheet_hbond.sheet_id 
_pdbx_struct_sheet_hbond.range_id_1 
_pdbx_struct_sheet_hbond.range_id_2 
_pdbx_struct_sheet_hbond.range_1_label_atom_id 
_pdbx_struct_sheet_hbond.range_1_label_comp_id 
_pdbx_struct_sheet_hbond.range_1_label_asym_id 
_pdbx_struct_sheet_hbond.range_1_label_seq_id 
_pdbx_struct_sheet_hbond.range_1_PDB_ins_code 
_pdbx_struct_sheet_hbond.range_1_auth_atom_id 
_pdbx_struct_sheet_hbond.range_1_auth_comp_id 
_pdbx_struct_sheet_hbond.range_1_auth_asym_id 
_pdbx_struct_sheet_hbond.range_1_auth_seq_id 
_pdbx_struct_sheet_hbond.range_2_label_atom_id 
_pdbx_struct_sheet_hbond.range_2_label_comp_id 
_pdbx_struct_sheet_hbond.range_2_label_asym_id 
_pdbx_struct_sheet_hbond.range_2_label_seq_id 
_pdbx_struct_sheet_hbond.range_2_PDB_ins_code 
_pdbx_struct_sheet_hbond.range_2_auth_atom_id 
_pdbx_struct_sheet_hbond.range_2_auth_comp_id 
_pdbx_struct_sheet_hbond.range_2_auth_asym_id 
_pdbx_struct_sheet_hbond.range_2_auth_seq_id 
A 1 2 O LEU A 28 ? O LEU A 28 N THR A 13 ? N THR A 13 
A 2 3 O LYS A 16 ? O LYS A 16 N ILE A 80 ? N ILE A 80 
A 3 4 N HIS A 83 ? N HIS A 83 O LYS A 51 ? O LYS A 51 
# 
loop_
_pdbx_validate_torsion.id 
_pdbx_validate_torsion.PDB_model_num 
_pdbx_validate_torsion.auth_comp_id 
_pdbx_validate_torsion.auth_asym_id 
_pdbx_validate_torsion.auth_seq_id 
_pdbx_validate_torsion.PDB_ins_code 
_pdbx_validate_torsion.label_alt_id 
_pdbx_validate_torsion.phi 
_pdbx_validate_torsion.psi 
1  1 ALA A 2  ? ? 58.10   104.84  
2  1 MET A 3  ? ? -157.75 61.68   
3  1 SER A 5  ? ? -175.64 -58.49  
4  1 SER A 6  ? ? 44.03   76.36   
5  1 THR A 7  ? ? 54.42   72.42   
6  1 LEU A 10 ? ? 35.09   -146.15 
7  1 LYS A 20 ? ? 52.86   -135.74 
8  1 ASP A 46 ? ? 91.71   8.33    
9  1 LYS A 55 ? ? -35.25  106.52  
10 1 LEU A 56 ? ? -92.99  -85.15  
11 1 PHE A 57 ? ? -160.46 -37.94  
12 1 LYS A 65 ? ? -148.47 13.65   
13 1 LYS A 77 ? ? 45.04   81.51   
# 
loop_
_pdbx_validate_planes.id 
_pdbx_validate_planes.PDB_model_num 
_pdbx_validate_planes.auth_comp_id 
_pdbx_validate_planes.auth_asym_id 
_pdbx_validate_planes.auth_seq_id 
_pdbx_validate_planes.PDB_ins_code 
_pdbx_validate_planes.label_alt_id 
_pdbx_validate_planes.rmsd 
_pdbx_validate_planes.type 
1 1 ARG A 38 ? ? 0.254 'SIDE CHAIN' 
2 1 ARG A 44 ? ? 0.176 'SIDE CHAIN' 
# 
_pdbx_nmr_ensemble.entry_id                             1IPG 
_pdbx_nmr_ensemble.conformers_calculated_total_number   ? 
_pdbx_nmr_ensemble.conformers_submitted_total_number    1 
_pdbx_nmr_ensemble.conformer_selection_criteria         ? 
# 
_pdbx_nmr_sample_details.solution_id      1 
_pdbx_nmr_sample_details.contents         
'2mM Bem PB1 U-15N, 13C; 50mM potassium phosphate pH 6.3; 150mM sodium chloride; 1mM sodium azide; 90% H2O, 10% D2O' 
_pdbx_nmr_sample_details.solvent_system   '90% H2O, 10% D2O or 100% D2O' 
# 
_pdbx_nmr_exptl_sample_conditions.conditions_id       1 
_pdbx_nmr_exptl_sample_conditions.temperature         298 
_pdbx_nmr_exptl_sample_conditions.pressure            ambient 
_pdbx_nmr_exptl_sample_conditions.pH                  6.3 
_pdbx_nmr_exptl_sample_conditions.ionic_strength      '50mM potassium phosphate; 150mM sodium chloride' 
_pdbx_nmr_exptl_sample_conditions.pressure_units      ? 
_pdbx_nmr_exptl_sample_conditions.temperature_units   K 
# 
loop_
_pdbx_nmr_exptl.experiment_id 
_pdbx_nmr_exptl.solution_id 
_pdbx_nmr_exptl.conditions_id 
_pdbx_nmr_exptl.type 
1 1 1 3D_15N-separated_NOESY 
2 1 1 3D_13C-separated_NOESY 
3 1 1 HNHA                   
4 1 1 HNHB                   
5 1 1 'HN(CO)HB'             
# 
_pdbx_nmr_details.entry_id   1IPG 
_pdbx_nmr_details.text       'The structure was determined using triple-resonance NMR spectroscopy.' 
# 
_pdbx_nmr_refine.entry_id           1IPG 
_pdbx_nmr_refine.method             'dynamical simulated annealing' 
_pdbx_nmr_refine.details            
'The structures are based on a total of 1334 restraints, 1269 are NOE-derived distance constraints, 65 dihedral angle restraints.' 
_pdbx_nmr_refine.software_ordinal   1 
# 
loop_
_pdbx_nmr_software.name 
_pdbx_nmr_software.version 
_pdbx_nmr_software.classification 
_pdbx_nmr_software.authors 
_pdbx_nmr_software.ordinal 
X-PLOR 3.1 'structure solution' Brunger 1 
X-PLOR 3.1 refinement           Brunger 2 
# 
loop_
_chem_comp_atom.comp_id 
_chem_comp_atom.atom_id 
_chem_comp_atom.type_symbol 
_chem_comp_atom.pdbx_aromatic_flag 
_chem_comp_atom.pdbx_stereo_config 
_chem_comp_atom.pdbx_ordinal 
ALA N    N N N 1   
ALA CA   C N S 2   
ALA C    C N N 3   
ALA O    O N N 4   
ALA CB   C N N 5   
ALA OXT  O N N 6   
ALA H    H N N 7   
ALA H2   H N N 8   
ALA HA   H N N 9   
ALA HB1  H N N 10  
ALA HB2  H N N 11  
ALA HB3  H N N 12  
ALA HXT  H N N 13  
ARG N    N N N 14  
ARG CA   C N S 15  
ARG C    C N N 16  
ARG O    O N N 17  
ARG CB   C N N 18  
ARG CG   C N N 19  
ARG CD   C N N 20  
ARG NE   N N N 21  
ARG CZ   C N N 22  
ARG NH1  N N N 23  
ARG NH2  N N N 24  
ARG OXT  O N N 25  
ARG H    H N N 26  
ARG H2   H N N 27  
ARG HA   H N N 28  
ARG HB2  H N N 29  
ARG HB3  H N N 30  
ARG HG2  H N N 31  
ARG HG3  H N N 32  
ARG HD2  H N N 33  
ARG HD3  H N N 34  
ARG HE   H N N 35  
ARG HH11 H N N 36  
ARG HH12 H N N 37  
ARG HH21 H N N 38  
ARG HH22 H N N 39  
ARG HXT  H N N 40  
ASN N    N N N 41  
ASN CA   C N S 42  
ASN C    C N N 43  
ASN O    O N N 44  
ASN CB   C N N 45  
ASN CG   C N N 46  
ASN OD1  O N N 47  
ASN ND2  N N N 48  
ASN OXT  O N N 49  
ASN H    H N N 50  
ASN H2   H N N 51  
ASN HA   H N N 52  
ASN HB2  H N N 53  
ASN HB3  H N N 54  
ASN HD21 H N N 55  
ASN HD22 H N N 56  
ASN HXT  H N N 57  
ASP N    N N N 58  
ASP CA   C N S 59  
ASP C    C N N 60  
ASP O    O N N 61  
ASP CB   C N N 62  
ASP CG   C N N 63  
ASP OD1  O N N 64  
ASP OD2  O N N 65  
ASP OXT  O N N 66  
ASP H    H N N 67  
ASP H2   H N N 68  
ASP HA   H N N 69  
ASP HB2  H N N 70  
ASP HB3  H N N 71  
ASP HD2  H N N 72  
ASP HXT  H N N 73  
GLN N    N N N 74  
GLN CA   C N S 75  
GLN C    C N N 76  
GLN O    O N N 77  
GLN CB   C N N 78  
GLN CG   C N N 79  
GLN CD   C N N 80  
GLN OE1  O N N 81  
GLN NE2  N N N 82  
GLN OXT  O N N 83  
GLN H    H N N 84  
GLN H2   H N N 85  
GLN HA   H N N 86  
GLN HB2  H N N 87  
GLN HB3  H N N 88  
GLN HG2  H N N 89  
GLN HG3  H N N 90  
GLN HE21 H N N 91  
GLN HE22 H N N 92  
GLN HXT  H N N 93  
GLU N    N N N 94  
GLU CA   C N S 95  
GLU C    C N N 96  
GLU O    O N N 97  
GLU CB   C N N 98  
GLU CG   C N N 99  
GLU CD   C N N 100 
GLU OE1  O N N 101 
GLU OE2  O N N 102 
GLU OXT  O N N 103 
GLU H    H N N 104 
GLU H2   H N N 105 
GLU HA   H N N 106 
GLU HB2  H N N 107 
GLU HB3  H N N 108 
GLU HG2  H N N 109 
GLU HG3  H N N 110 
GLU HE2  H N N 111 
GLU HXT  H N N 112 
GLY N    N N N 113 
GLY CA   C N N 114 
GLY C    C N N 115 
GLY O    O N N 116 
GLY OXT  O N N 117 
GLY H    H N N 118 
GLY H2   H N N 119 
GLY HA2  H N N 120 
GLY HA3  H N N 121 
GLY HXT  H N N 122 
HIS N    N N N 123 
HIS CA   C N S 124 
HIS C    C N N 125 
HIS O    O N N 126 
HIS CB   C N N 127 
HIS CG   C Y N 128 
HIS ND1  N Y N 129 
HIS CD2  C Y N 130 
HIS CE1  C Y N 131 
HIS NE2  N Y N 132 
HIS OXT  O N N 133 
HIS H    H N N 134 
HIS H2   H N N 135 
HIS HA   H N N 136 
HIS HB2  H N N 137 
HIS HB3  H N N 138 
HIS HD1  H N N 139 
HIS HD2  H N N 140 
HIS HE1  H N N 141 
HIS HE2  H N N 142 
HIS HXT  H N N 143 
ILE N    N N N 144 
ILE CA   C N S 145 
ILE C    C N N 146 
ILE O    O N N 147 
ILE CB   C N S 148 
ILE CG1  C N N 149 
ILE CG2  C N N 150 
ILE CD1  C N N 151 
ILE OXT  O N N 152 
ILE H    H N N 153 
ILE H2   H N N 154 
ILE HA   H N N 155 
ILE HB   H N N 156 
ILE HG12 H N N 157 
ILE HG13 H N N 158 
ILE HG21 H N N 159 
ILE HG22 H N N 160 
ILE HG23 H N N 161 
ILE HD11 H N N 162 
ILE HD12 H N N 163 
ILE HD13 H N N 164 
ILE HXT  H N N 165 
LEU N    N N N 166 
LEU CA   C N S 167 
LEU C    C N N 168 
LEU O    O N N 169 
LEU CB   C N N 170 
LEU CG   C N N 171 
LEU CD1  C N N 172 
LEU CD2  C N N 173 
LEU OXT  O N N 174 
LEU H    H N N 175 
LEU H2   H N N 176 
LEU HA   H N N 177 
LEU HB2  H N N 178 
LEU HB3  H N N 179 
LEU HG   H N N 180 
LEU HD11 H N N 181 
LEU HD12 H N N 182 
LEU HD13 H N N 183 
LEU HD21 H N N 184 
LEU HD22 H N N 185 
LEU HD23 H N N 186 
LEU HXT  H N N 187 
LYS N    N N N 188 
LYS CA   C N S 189 
LYS C    C N N 190 
LYS O    O N N 191 
LYS CB   C N N 192 
LYS CG   C N N 193 
LYS CD   C N N 194 
LYS CE   C N N 195 
LYS NZ   N N N 196 
LYS OXT  O N N 197 
LYS H    H N N 198 
LYS H2   H N N 199 
LYS HA   H N N 200 
LYS HB2  H N N 201 
LYS HB3  H N N 202 
LYS HG2  H N N 203 
LYS HG3  H N N 204 
LYS HD2  H N N 205 
LYS HD3  H N N 206 
LYS HE2  H N N 207 
LYS HE3  H N N 208 
LYS HZ1  H N N 209 
LYS HZ2  H N N 210 
LYS HZ3  H N N 211 
LYS HXT  H N N 212 
MET N    N N N 213 
MET CA   C N S 214 
MET C    C N N 215 
MET O    O N N 216 
MET CB   C N N 217 
MET CG   C N N 218 
MET SD   S N N 219 
MET CE   C N N 220 
MET OXT  O N N 221 
MET H    H N N 222 
MET H2   H N N 223 
MET HA   H N N 224 
MET HB2  H N N 225 
MET HB3  H N N 226 
MET HG2  H N N 227 
MET HG3  H N N 228 
MET HE1  H N N 229 
MET HE2  H N N 230 
MET HE3  H N N 231 
MET HXT  H N N 232 
PHE N    N N N 233 
PHE CA   C N S 234 
PHE C    C N N 235 
PHE O    O N N 236 
PHE CB   C N N 237 
PHE CG   C Y N 238 
PHE CD1  C Y N 239 
PHE CD2  C Y N 240 
PHE CE1  C Y N 241 
PHE CE2  C Y N 242 
PHE CZ   C Y N 243 
PHE OXT  O N N 244 
PHE H    H N N 245 
PHE H2   H N N 246 
PHE HA   H N N 247 
PHE HB2  H N N 248 
PHE HB3  H N N 249 
PHE HD1  H N N 250 
PHE HD2  H N N 251 
PHE HE1  H N N 252 
PHE HE2  H N N 253 
PHE HZ   H N N 254 
PHE HXT  H N N 255 
PRO N    N N N 256 
PRO CA   C N S 257 
PRO C    C N N 258 
PRO O    O N N 259 
PRO CB   C N N 260 
PRO CG   C N N 261 
PRO CD   C N N 262 
PRO OXT  O N N 263 
PRO H    H N N 264 
PRO HA   H N N 265 
PRO HB2  H N N 266 
PRO HB3  H N N 267 
PRO HG2  H N N 268 
PRO HG3  H N N 269 
PRO HD2  H N N 270 
PRO HD3  H N N 271 
PRO HXT  H N N 272 
SER N    N N N 273 
SER CA   C N S 274 
SER C    C N N 275 
SER O    O N N 276 
SER CB   C N N 277 
SER OG   O N N 278 
SER OXT  O N N 279 
SER H    H N N 280 
SER H2   H N N 281 
SER HA   H N N 282 
SER HB2  H N N 283 
SER HB3  H N N 284 
SER HG   H N N 285 
SER HXT  H N N 286 
THR N    N N N 287 
THR CA   C N S 288 
THR C    C N N 289 
THR O    O N N 290 
THR CB   C N R 291 
THR OG1  O N N 292 
THR CG2  C N N 293 
THR OXT  O N N 294 
THR H    H N N 295 
THR H2   H N N 296 
THR HA   H N N 297 
THR HB   H N N 298 
THR HG1  H N N 299 
THR HG21 H N N 300 
THR HG22 H N N 301 
THR HG23 H N N 302 
THR HXT  H N N 303 
TYR N    N N N 304 
TYR CA   C N S 305 
TYR C    C N N 306 
TYR O    O N N 307 
TYR CB   C N N 308 
TYR CG   C Y N 309 
TYR CD1  C Y N 310 
TYR CD2  C Y N 311 
TYR CE1  C Y N 312 
TYR CE2  C Y N 313 
TYR CZ   C Y N 314 
TYR OH   O N N 315 
TYR OXT  O N N 316 
TYR H    H N N 317 
TYR H2   H N N 318 
TYR HA   H N N 319 
TYR HB2  H N N 320 
TYR HB3  H N N 321 
TYR HD1  H N N 322 
TYR HD2  H N N 323 
TYR HE1  H N N 324 
TYR HE2  H N N 325 
TYR HH   H N N 326 
TYR HXT  H N N 327 
VAL N    N N N 328 
VAL CA   C N S 329 
VAL C    C N N 330 
VAL O    O N N 331 
VAL CB   C N N 332 
VAL CG1  C N N 333 
VAL CG2  C N N 334 
VAL OXT  O N N 335 
VAL H    H N N 336 
VAL H2   H N N 337 
VAL HA   H N N 338 
VAL HB   H N N 339 
VAL HG11 H N N 340 
VAL HG12 H N N 341 
VAL HG13 H N N 342 
VAL HG21 H N N 343 
VAL HG22 H N N 344 
VAL HG23 H N N 345 
VAL HXT  H N N 346 
# 
loop_
_chem_comp_bond.comp_id 
_chem_comp_bond.atom_id_1 
_chem_comp_bond.atom_id_2 
_chem_comp_bond.value_order 
_chem_comp_bond.pdbx_aromatic_flag 
_chem_comp_bond.pdbx_stereo_config 
_chem_comp_bond.pdbx_ordinal 
ALA N   CA   sing N N 1   
ALA N   H    sing N N 2   
ALA N   H2   sing N N 3   
ALA CA  C    sing N N 4   
ALA CA  CB   sing N N 5   
ALA CA  HA   sing N N 6   
ALA C   O    doub N N 7   
ALA C   OXT  sing N N 8   
ALA CB  HB1  sing N N 9   
ALA CB  HB2  sing N N 10  
ALA CB  HB3  sing N N 11  
ALA OXT HXT  sing N N 12  
ARG N   CA   sing N N 13  
ARG N   H    sing N N 14  
ARG N   H2   sing N N 15  
ARG CA  C    sing N N 16  
ARG CA  CB   sing N N 17  
ARG CA  HA   sing N N 18  
ARG C   O    doub N N 19  
ARG C   OXT  sing N N 20  
ARG CB  CG   sing N N 21  
ARG CB  HB2  sing N N 22  
ARG CB  HB3  sing N N 23  
ARG CG  CD   sing N N 24  
ARG CG  HG2  sing N N 25  
ARG CG  HG3  sing N N 26  
ARG CD  NE   sing N N 27  
ARG CD  HD2  sing N N 28  
ARG CD  HD3  sing N N 29  
ARG NE  CZ   sing N N 30  
ARG NE  HE   sing N N 31  
ARG CZ  NH1  sing N N 32  
ARG CZ  NH2  doub N N 33  
ARG NH1 HH11 sing N N 34  
ARG NH1 HH12 sing N N 35  
ARG NH2 HH21 sing N N 36  
ARG NH2 HH22 sing N N 37  
ARG OXT HXT  sing N N 38  
ASN N   CA   sing N N 39  
ASN N   H    sing N N 40  
ASN N   H2   sing N N 41  
ASN CA  C    sing N N 42  
ASN CA  CB   sing N N 43  
ASN CA  HA   sing N N 44  
ASN C   O    doub N N 45  
ASN C   OXT  sing N N 46  
ASN CB  CG   sing N N 47  
ASN CB  HB2  sing N N 48  
ASN CB  HB3  sing N N 49  
ASN CG  OD1  doub N N 50  
ASN CG  ND2  sing N N 51  
ASN ND2 HD21 sing N N 52  
ASN ND2 HD22 sing N N 53  
ASN OXT HXT  sing N N 54  
ASP N   CA   sing N N 55  
ASP N   H    sing N N 56  
ASP N   H2   sing N N 57  
ASP CA  C    sing N N 58  
ASP CA  CB   sing N N 59  
ASP CA  HA   sing N N 60  
ASP C   O    doub N N 61  
ASP C   OXT  sing N N 62  
ASP CB  CG   sing N N 63  
ASP CB  HB2  sing N N 64  
ASP CB  HB3  sing N N 65  
ASP CG  OD1  doub N N 66  
ASP CG  OD2  sing N N 67  
ASP OD2 HD2  sing N N 68  
ASP OXT HXT  sing N N 69  
GLN N   CA   sing N N 70  
GLN N   H    sing N N 71  
GLN N   H2   sing N N 72  
GLN CA  C    sing N N 73  
GLN CA  CB   sing N N 74  
GLN CA  HA   sing N N 75  
GLN C   O    doub N N 76  
GLN C   OXT  sing N N 77  
GLN CB  CG   sing N N 78  
GLN CB  HB2  sing N N 79  
GLN CB  HB3  sing N N 80  
GLN CG  CD   sing N N 81  
GLN CG  HG2  sing N N 82  
GLN CG  HG3  sing N N 83  
GLN CD  OE1  doub N N 84  
GLN CD  NE2  sing N N 85  
GLN NE2 HE21 sing N N 86  
GLN NE2 HE22 sing N N 87  
GLN OXT HXT  sing N N 88  
GLU N   CA   sing N N 89  
GLU N   H    sing N N 90  
GLU N   H2   sing N N 91  
GLU CA  C    sing N N 92  
GLU CA  CB   sing N N 93  
GLU CA  HA   sing N N 94  
GLU C   O    doub N N 95  
GLU C   OXT  sing N N 96  
GLU CB  CG   sing N N 97  
GLU CB  HB2  sing N N 98  
GLU CB  HB3  sing N N 99  
GLU CG  CD   sing N N 100 
GLU CG  HG2  sing N N 101 
GLU CG  HG3  sing N N 102 
GLU CD  OE1  doub N N 103 
GLU CD  OE2  sing N N 104 
GLU OE2 HE2  sing N N 105 
GLU OXT HXT  sing N N 106 
GLY N   CA   sing N N 107 
GLY N   H    sing N N 108 
GLY N   H2   sing N N 109 
GLY CA  C    sing N N 110 
GLY CA  HA2  sing N N 111 
GLY CA  HA3  sing N N 112 
GLY C   O    doub N N 113 
GLY C   OXT  sing N N 114 
GLY OXT HXT  sing N N 115 
HIS N   CA   sing N N 116 
HIS N   H    sing N N 117 
HIS N   H2   sing N N 118 
HIS CA  C    sing N N 119 
HIS CA  CB   sing N N 120 
HIS CA  HA   sing N N 121 
HIS C   O    doub N N 122 
HIS C   OXT  sing N N 123 
HIS CB  CG   sing N N 124 
HIS CB  HB2  sing N N 125 
HIS CB  HB3  sing N N 126 
HIS CG  ND1  sing Y N 127 
HIS CG  CD2  doub Y N 128 
HIS ND1 CE1  doub Y N 129 
HIS ND1 HD1  sing N N 130 
HIS CD2 NE2  sing Y N 131 
HIS CD2 HD2  sing N N 132 
HIS CE1 NE2  sing Y N 133 
HIS CE1 HE1  sing N N 134 
HIS NE2 HE2  sing N N 135 
HIS OXT HXT  sing N N 136 
ILE N   CA   sing N N 137 
ILE N   H    sing N N 138 
ILE N   H2   sing N N 139 
ILE CA  C    sing N N 140 
ILE CA  CB   sing N N 141 
ILE CA  HA   sing N N 142 
ILE C   O    doub N N 143 
ILE C   OXT  sing N N 144 
ILE CB  CG1  sing N N 145 
ILE CB  CG2  sing N N 146 
ILE CB  HB   sing N N 147 
ILE CG1 CD1  sing N N 148 
ILE CG1 HG12 sing N N 149 
ILE CG1 HG13 sing N N 150 
ILE CG2 HG21 sing N N 151 
ILE CG2 HG22 sing N N 152 
ILE CG2 HG23 sing N N 153 
ILE CD1 HD11 sing N N 154 
ILE CD1 HD12 sing N N 155 
ILE CD1 HD13 sing N N 156 
ILE OXT HXT  sing N N 157 
LEU N   CA   sing N N 158 
LEU N   H    sing N N 159 
LEU N   H2   sing N N 160 
LEU CA  C    sing N N 161 
LEU CA  CB   sing N N 162 
LEU CA  HA   sing N N 163 
LEU C   O    doub N N 164 
LEU C   OXT  sing N N 165 
LEU CB  CG   sing N N 166 
LEU CB  HB2  sing N N 167 
LEU CB  HB3  sing N N 168 
LEU CG  CD1  sing N N 169 
LEU CG  CD2  sing N N 170 
LEU CG  HG   sing N N 171 
LEU CD1 HD11 sing N N 172 
LEU CD1 HD12 sing N N 173 
LEU CD1 HD13 sing N N 174 
LEU CD2 HD21 sing N N 175 
LEU CD2 HD22 sing N N 176 
LEU CD2 HD23 sing N N 177 
LEU OXT HXT  sing N N 178 
LYS N   CA   sing N N 179 
LYS N   H    sing N N 180 
LYS N   H2   sing N N 181 
LYS CA  C    sing N N 182 
LYS CA  CB   sing N N 183 
LYS CA  HA   sing N N 184 
LYS C   O    doub N N 185 
LYS C   OXT  sing N N 186 
LYS CB  CG   sing N N 187 
LYS CB  HB2  sing N N 188 
LYS CB  HB3  sing N N 189 
LYS CG  CD   sing N N 190 
LYS CG  HG2  sing N N 191 
LYS CG  HG3  sing N N 192 
LYS CD  CE   sing N N 193 
LYS CD  HD2  sing N N 194 
LYS CD  HD3  sing N N 195 
LYS CE  NZ   sing N N 196 
LYS CE  HE2  sing N N 197 
LYS CE  HE3  sing N N 198 
LYS NZ  HZ1  sing N N 199 
LYS NZ  HZ2  sing N N 200 
LYS NZ  HZ3  sing N N 201 
LYS OXT HXT  sing N N 202 
MET N   CA   sing N N 203 
MET N   H    sing N N 204 
MET N   H2   sing N N 205 
MET CA  C    sing N N 206 
MET CA  CB   sing N N 207 
MET CA  HA   sing N N 208 
MET C   O    doub N N 209 
MET C   OXT  sing N N 210 
MET CB  CG   sing N N 211 
MET CB  HB2  sing N N 212 
MET CB  HB3  sing N N 213 
MET CG  SD   sing N N 214 
MET CG  HG2  sing N N 215 
MET CG  HG3  sing N N 216 
MET SD  CE   sing N N 217 
MET CE  HE1  sing N N 218 
MET CE  HE2  sing N N 219 
MET CE  HE3  sing N N 220 
MET OXT HXT  sing N N 221 
PHE N   CA   sing N N 222 
PHE N   H    sing N N 223 
PHE N   H2   sing N N 224 
PHE CA  C    sing N N 225 
PHE CA  CB   sing N N 226 
PHE CA  HA   sing N N 227 
PHE C   O    doub N N 228 
PHE C   OXT  sing N N 229 
PHE CB  CG   sing N N 230 
PHE CB  HB2  sing N N 231 
PHE CB  HB3  sing N N 232 
PHE CG  CD1  doub Y N 233 
PHE CG  CD2  sing Y N 234 
PHE CD1 CE1  sing Y N 235 
PHE CD1 HD1  sing N N 236 
PHE CD2 CE2  doub Y N 237 
PHE CD2 HD2  sing N N 238 
PHE CE1 CZ   doub Y N 239 
PHE CE1 HE1  sing N N 240 
PHE CE2 CZ   sing Y N 241 
PHE CE2 HE2  sing N N 242 
PHE CZ  HZ   sing N N 243 
PHE OXT HXT  sing N N 244 
PRO N   CA   sing N N 245 
PRO N   CD   sing N N 246 
PRO N   H    sing N N 247 
PRO CA  C    sing N N 248 
PRO CA  CB   sing N N 249 
PRO CA  HA   sing N N 250 
PRO C   O    doub N N 251 
PRO C   OXT  sing N N 252 
PRO CB  CG   sing N N 253 
PRO CB  HB2  sing N N 254 
PRO CB  HB3  sing N N 255 
PRO CG  CD   sing N N 256 
PRO CG  HG2  sing N N 257 
PRO CG  HG3  sing N N 258 
PRO CD  HD2  sing N N 259 
PRO CD  HD3  sing N N 260 
PRO OXT HXT  sing N N 261 
SER N   CA   sing N N 262 
SER N   H    sing N N 263 
SER N   H2   sing N N 264 
SER CA  C    sing N N 265 
SER CA  CB   sing N N 266 
SER CA  HA   sing N N 267 
SER C   O    doub N N 268 
SER C   OXT  sing N N 269 
SER CB  OG   sing N N 270 
SER CB  HB2  sing N N 271 
SER CB  HB3  sing N N 272 
SER OG  HG   sing N N 273 
SER OXT HXT  sing N N 274 
THR N   CA   sing N N 275 
THR N   H    sing N N 276 
THR N   H2   sing N N 277 
THR CA  C    sing N N 278 
THR CA  CB   sing N N 279 
THR CA  HA   sing N N 280 
THR C   O    doub N N 281 
THR C   OXT  sing N N 282 
THR CB  OG1  sing N N 283 
THR CB  CG2  sing N N 284 
THR CB  HB   sing N N 285 
THR OG1 HG1  sing N N 286 
THR CG2 HG21 sing N N 287 
THR CG2 HG22 sing N N 288 
THR CG2 HG23 sing N N 289 
THR OXT HXT  sing N N 290 
TYR N   CA   sing N N 291 
TYR N   H    sing N N 292 
TYR N   H2   sing N N 293 
TYR CA  C    sing N N 294 
TYR CA  CB   sing N N 295 
TYR CA  HA   sing N N 296 
TYR C   O    doub N N 297 
TYR C   OXT  sing N N 298 
TYR CB  CG   sing N N 299 
TYR CB  HB2  sing N N 300 
TYR CB  HB3  sing N N 301 
TYR CG  CD1  doub Y N 302 
TYR CG  CD2  sing Y N 303 
TYR CD1 CE1  sing Y N 304 
TYR CD1 HD1  sing N N 305 
TYR CD2 CE2  doub Y N 306 
TYR CD2 HD2  sing N N 307 
TYR CE1 CZ   doub Y N 308 
TYR CE1 HE1  sing N N 309 
TYR CE2 CZ   sing Y N 310 
TYR CE2 HE2  sing N N 311 
TYR CZ  OH   sing N N 312 
TYR OH  HH   sing N N 313 
TYR OXT HXT  sing N N 314 
VAL N   CA   sing N N 315 
VAL N   H    sing N N 316 
VAL N   H2   sing N N 317 
VAL CA  C    sing N N 318 
VAL CA  CB   sing N N 319 
VAL CA  HA   sing N N 320 
VAL C   O    doub N N 321 
VAL C   OXT  sing N N 322 
VAL CB  CG1  sing N N 323 
VAL CB  CG2  sing N N 324 
VAL CB  HB   sing N N 325 
VAL CG1 HG11 sing N N 326 
VAL CG1 HG12 sing N N 327 
VAL CG1 HG13 sing N N 328 
VAL CG2 HG21 sing N N 329 
VAL CG2 HG22 sing N N 330 
VAL CG2 HG23 sing N N 331 
VAL OXT HXT  sing N N 332 
# 
loop_
_pdbx_nmr_spectrometer.spectrometer_id 
_pdbx_nmr_spectrometer.type 
_pdbx_nmr_spectrometer.manufacturer 
_pdbx_nmr_spectrometer.model 
_pdbx_nmr_spectrometer.field_strength 
1 ? Varian UNITYPLUS 600 
2 ? Varian INOVA     500 
# 
_atom_sites.entry_id                    1IPG 
_atom_sites.fract_transf_matrix[1][1]   1.000000 
_atom_sites.fract_transf_matrix[1][2]   0.000000 
_atom_sites.fract_transf_matrix[1][3]   0.000000 
_atom_sites.fract_transf_matrix[2][1]   0.000000 
_atom_sites.fract_transf_matrix[2][2]   1.000000 
_atom_sites.fract_transf_matrix[2][3]   0.000000 
_atom_sites.fract_transf_matrix[3][1]   0.000000 
_atom_sites.fract_transf_matrix[3][2]   0.000000 
_atom_sites.fract_transf_matrix[3][3]   1.000000 
_atom_sites.fract_transf_vector[1]      0.00000 
_atom_sites.fract_transf_vector[2]      0.00000 
_atom_sites.fract_transf_vector[3]      0.00000 
# 
loop_
_atom_type.symbol 
C 
H 
N 
O 
S 
# 
loop_
_atom_site.group_PDB 
_atom_site.id 
_atom_site.type_symbol 
_atom_site.label_atom_id 
_atom_site.label_alt_id 
_atom_site.label_comp_id 
_atom_site.label_asym_id 
_atom_site.label_entity_id 
_atom_site.label_seq_id 
_atom_site.pdbx_PDB_ins_code 
_atom_site.Cartn_x 
_atom_site.Cartn_y 
_atom_site.Cartn_z 
_atom_site.occupancy 
_atom_site.B_iso_or_equiv 
_atom_site.pdbx_formal_charge 
_atom_site.auth_seq_id 
_atom_site.auth_comp_id 
_atom_site.auth_asym_id 
_atom_site.auth_atom_id 
_atom_site.pdbx_PDB_model_num 
ATOM 1    N N    . GLY A 1 1  ? 6.755   18.868  -18.276 1.00 0.00 ? 1  GLY A N    1 
ATOM 2    C CA   . GLY A 1 1  ? 5.908   18.854  -17.004 1.00 0.00 ? 1  GLY A CA   1 
ATOM 3    C C    . GLY A 1 1  ? 4.593   19.558  -16.992 1.00 0.00 ? 1  GLY A C    1 
ATOM 4    O O    . GLY A 1 1  ? 4.366   20.481  -17.750 1.00 0.00 ? 1  GLY A O    1 
ATOM 5    H H1   . GLY A 1 1  ? 7.709   18.514  -18.060 1.00 0.00 ? 1  GLY A H1   1 
ATOM 6    H H2   . GLY A 1 1  ? 6.313   18.260  -18.994 1.00 0.00 ? 1  GLY A H2   1 
ATOM 7    H H3   . GLY A 1 1  ? 6.821   19.841  -18.638 1.00 0.00 ? 1  GLY A H3   1 
ATOM 8    H HA2  . GLY A 1 1  ? 5.357   18.051  -16.954 1.00 0.00 ? 1  GLY A HA2  1 
ATOM 9    H HA3  . GLY A 1 1  ? 6.643   18.960  -16.103 1.00 0.00 ? 1  GLY A HA3  1 
ATOM 10   N N    . ALA A 1 2  ? 3.697   19.146  -16.138 1.00 0.00 ? 2  ALA A N    1 
ATOM 11   C CA   . ALA A 1 2  ? 2.364   19.809  -16.079 1.00 0.00 ? 2  ALA A CA   1 
ATOM 12   C C    . ALA A 1 2  ? 1.689   19.720  -17.450 1.00 0.00 ? 2  ALA A C    1 
ATOM 13   O O    . ALA A 1 2  ? 2.044   20.426  -18.374 1.00 0.00 ? 2  ALA A O    1 
ATOM 14   C CB   . ALA A 1 2  ? 2.543   21.278  -15.692 1.00 0.00 ? 2  ALA A CB   1 
ATOM 15   H H    . ALA A 1 2  ? 3.900   18.399  -15.536 1.00 0.00 ? 2  ALA A H    1 
ATOM 16   H HA   . ALA A 1 2  ? 1.748   19.315  -15.342 1.00 0.00 ? 2  ALA A HA   1 
ATOM 17   H HB1  . ALA A 1 2  ? 3.596   21.513  -15.645 1.00 0.00 ? 2  ALA A HB1  1 
ATOM 18   H HB2  . ALA A 1 2  ? 2.067   21.906  -16.431 1.00 0.00 ? 2  ALA A HB2  1 
ATOM 19   H HB3  . ALA A 1 2  ? 2.091   21.454  -14.727 1.00 0.00 ? 2  ALA A HB3  1 
ATOM 20   N N    . MET A 1 3  ? 0.718   18.860  -17.588 1.00 0.00 ? 3  MET A N    1 
ATOM 21   C CA   . MET A 1 3  ? 0.021   18.728  -18.899 1.00 0.00 ? 3  MET A CA   1 
ATOM 22   C C    . MET A 1 3  ? -1.364  18.116  -18.680 1.00 0.00 ? 3  MET A C    1 
ATOM 23   O O    . MET A 1 3  ? -1.668  17.050  -19.176 1.00 0.00 ? 3  MET A O    1 
ATOM 24   C CB   . MET A 1 3  ? 0.838   17.821  -19.822 1.00 0.00 ? 3  MET A CB   1 
ATOM 25   C CG   . MET A 1 3  ? 1.814   16.989  -18.988 1.00 0.00 ? 3  MET A CG   1 
ATOM 26   S SD   . MET A 1 3  ? 2.863   16.007  -20.089 1.00 0.00 ? 3  MET A SD   1 
ATOM 27   C CE   . MET A 1 3  ? 3.983   17.340  -20.583 1.00 0.00 ? 3  MET A CE   1 
ATOM 28   H H    . MET A 1 3  ? 0.447   18.301  -16.830 1.00 0.00 ? 3  MET A H    1 
ATOM 29   H HA   . MET A 1 3  ? -0.084  19.703  -19.351 1.00 0.00 ? 3  MET A HA   1 
ATOM 30   H HB2  . MET A 1 3  ? 0.173   17.165  -20.362 1.00 0.00 ? 3  MET A HB2  1 
ATOM 31   H HB3  . MET A 1 3  ? 1.393   18.428  -20.522 1.00 0.00 ? 3  MET A HB3  1 
ATOM 32   H HG2  . MET A 1 3  ? 2.431   17.646  -18.394 1.00 0.00 ? 3  MET A HG2  1 
ATOM 33   H HG3  . MET A 1 3  ? 1.259   16.330  -18.337 1.00 0.00 ? 3  MET A HG3  1 
ATOM 34   H HE1  . MET A 1 3  ? 4.279   17.903  -19.709 1.00 0.00 ? 3  MET A HE1  1 
ATOM 35   H HE2  . MET A 1 3  ? 4.858   16.920  -21.052 1.00 0.00 ? 3  MET A HE2  1 
ATOM 36   H HE3  . MET A 1 3  ? 3.479   17.991  -21.284 1.00 0.00 ? 3  MET A HE3  1 
ATOM 37   N N    . GLY A 1 4  ? -2.207  18.782  -17.938 1.00 0.00 ? 4  GLY A N    1 
ATOM 38   C CA   . GLY A 1 4  ? -3.570  18.239  -17.688 1.00 0.00 ? 4  GLY A CA   1 
ATOM 39   C C    . GLY A 1 4  ? -3.539  17.321  -16.465 1.00 0.00 ? 4  GLY A C    1 
ATOM 40   O O    . GLY A 1 4  ? -4.559  17.018  -15.877 1.00 0.00 ? 4  GLY A O    1 
ATOM 41   H H    . GLY A 1 4  ? -1.942  19.642  -17.548 1.00 0.00 ? 4  GLY A H    1 
ATOM 42   H HA2  . GLY A 1 4  ? -4.256  19.056  -17.510 1.00 0.00 ? 4  GLY A HA2  1 
ATOM 43   H HA3  . GLY A 1 4  ? -3.897  17.674  -18.548 1.00 0.00 ? 4  GLY A HA3  1 
ATOM 44   N N    . SER A 1 5  ? -2.376  16.876  -16.075 1.00 0.00 ? 5  SER A N    1 
ATOM 45   C CA   . SER A 1 5  ? -2.280  15.978  -14.889 1.00 0.00 ? 5  SER A CA   1 
ATOM 46   C C    . SER A 1 5  ? -0.808  15.693  -14.583 1.00 0.00 ? 5  SER A C    1 
ATOM 47   O O    . SER A 1 5  ? -0.323  15.970  -13.504 1.00 0.00 ? 5  SER A O    1 
ATOM 48   C CB   . SER A 1 5  ? -3.004  14.665  -15.184 1.00 0.00 ? 5  SER A CB   1 
ATOM 49   O OG   . SER A 1 5  ? -2.722  14.264  -16.519 1.00 0.00 ? 5  SER A OG   1 
ATOM 50   H H    . SER A 1 5  ? -1.565  17.132  -16.562 1.00 0.00 ? 5  SER A H    1 
ATOM 51   H HA   . SER A 1 5  ? -2.738  16.459  -14.037 1.00 0.00 ? 5  SER A HA   1 
ATOM 52   H HB2  . SER A 1 5  ? -2.662  13.902  -14.505 1.00 0.00 ? 5  SER A HB2  1 
ATOM 53   H HB3  . SER A 1 5  ? -4.069  14.806  -15.057 1.00 0.00 ? 5  SER A HB3  1 
ATOM 54   H HG   . SER A 1 5  ? -2.401  13.359  -16.495 1.00 0.00 ? 5  SER A HG   1 
ATOM 55   N N    . SER A 1 6  ? -0.093  15.140  -15.524 1.00 0.00 ? 6  SER A N    1 
ATOM 56   C CA   . SER A 1 6  ? 1.346   14.837  -15.287 1.00 0.00 ? 6  SER A CA   1 
ATOM 57   C C    . SER A 1 6  ? 1.512   14.211  -13.900 1.00 0.00 ? 6  SER A C    1 
ATOM 58   O O    . SER A 1 6  ? 1.949   14.854  -12.966 1.00 0.00 ? 6  SER A O    1 
ATOM 59   C CB   . SER A 1 6  ? 2.157   16.131  -15.362 1.00 0.00 ? 6  SER A CB   1 
ATOM 60   O OG   . SER A 1 6  ? 1.493   17.146  -14.620 1.00 0.00 ? 6  SER A OG   1 
ATOM 61   H H    . SER A 1 6  ? -0.504  14.924  -16.388 1.00 0.00 ? 6  SER A H    1 
ATOM 62   H HA   . SER A 1 6  ? 1.698   14.147  -16.038 1.00 0.00 ? 6  SER A HA   1 
ATOM 63   H HB2  . SER A 1 6  ? 3.137   15.969  -14.944 1.00 0.00 ? 6  SER A HB2  1 
ATOM 64   H HB3  . SER A 1 6  ? 2.255   16.433  -16.396 1.00 0.00 ? 6  SER A HB3  1 
ATOM 65   H HG   . SER A 1 6  ? 2.148   17.595  -14.080 1.00 0.00 ? 6  SER A HG   1 
ATOM 66   N N    . THR A 1 7  ? 1.166   12.961  -13.758 1.00 0.00 ? 7  THR A N    1 
ATOM 67   C CA   . THR A 1 7  ? 1.304   12.297  -12.431 1.00 0.00 ? 7  THR A CA   1 
ATOM 68   C C    . THR A 1 7  ? 0.563   13.115  -11.371 1.00 0.00 ? 7  THR A C    1 
ATOM 69   O O    . THR A 1 7  ? 1.166   13.766  -10.541 1.00 0.00 ? 7  THR A O    1 
ATOM 70   C CB   . THR A 1 7  ? 2.786   12.202  -12.060 1.00 0.00 ? 7  THR A CB   1 
ATOM 71   O OG1  . THR A 1 7  ? 3.237   13.466  -11.595 1.00 0.00 ? 7  THR A OG1  1 
ATOM 72   C CG2  . THR A 1 7  ? 3.596   11.789  -13.289 1.00 0.00 ? 7  THR A CG2  1 
ATOM 73   H H    . THR A 1 7  ? 0.815   12.460  -14.522 1.00 0.00 ? 7  THR A H    1 
ATOM 74   H HA   . THR A 1 7  ? 0.881   11.304  -12.480 1.00 0.00 ? 7  THR A HA   1 
ATOM 75   H HB   . THR A 1 7  ? 2.917   11.464  -11.284 1.00 0.00 ? 7  THR A HB   1 
ATOM 76   H HG1  . THR A 1 7  ? 4.117   13.351  -11.231 1.00 0.00 ? 7  THR A HG1  1 
ATOM 77   H HG21 . THR A 1 7  ? 4.014   12.668  -13.757 1.00 0.00 ? 7  THR A HG21 1 
ATOM 78   H HG22 . THR A 1 7  ? 4.393   11.126  -12.989 1.00 0.00 ? 7  THR A HG22 1 
ATOM 79   H HG23 . THR A 1 7  ? 2.950   11.281  -13.991 1.00 0.00 ? 7  THR A HG23 1 
ATOM 80   N N    . SER A 1 8  ? -0.741  13.089  -11.394 1.00 0.00 ? 8  SER A N    1 
ATOM 81   C CA   . SER A 1 8  ? -1.523  13.866  -10.390 1.00 0.00 ? 8  SER A CA   1 
ATOM 82   C C    . SER A 1 8  ? -0.920  13.659  -8.999  1.00 0.00 ? 8  SER A C    1 
ATOM 83   O O    . SER A 1 8  ? -0.521  14.598  -8.339  1.00 0.00 ? 8  SER A O    1 
ATOM 84   C CB   . SER A 1 8  ? -2.974  13.386  -10.393 1.00 0.00 ? 8  SER A CB   1 
ATOM 85   O OG   . SER A 1 8  ? -3.832  14.482  -10.681 1.00 0.00 ? 8  SER A OG   1 
ATOM 86   H H    . SER A 1 8  ? -1.209  12.559  -12.073 1.00 0.00 ? 8  SER A H    1 
ATOM 87   H HA   . SER A 1 8  ? -1.491  14.915  -10.644 1.00 0.00 ? 8  SER A HA   1 
ATOM 88   H HB2  . SER A 1 8  ? -3.103  12.627  -11.148 1.00 0.00 ? 8  SER A HB2  1 
ATOM 89   H HB3  . SER A 1 8  ? -3.217  12.970  -9.424  1.00 0.00 ? 8  SER A HB3  1 
ATOM 90   H HG   . SER A 1 8  ? -3.338  15.113  -11.211 1.00 0.00 ? 8  SER A HG   1 
ATOM 91   N N    . GLY A 1 9  ? -0.851  12.438  -8.546  1.00 0.00 ? 9  GLY A N    1 
ATOM 92   C CA   . GLY A 1 9  ? -0.277  12.173  -7.196  1.00 0.00 ? 9  GLY A CA   1 
ATOM 93   C C    . GLY A 1 9  ? 1.247   12.077  -7.296  1.00 0.00 ? 9  GLY A C    1 
ATOM 94   O O    . GLY A 1 9  ? 1.808   11.000  -7.262  1.00 0.00 ? 9  GLY A O    1 
ATOM 95   H H    . GLY A 1 9  ? -1.181  11.693  -9.093  1.00 0.00 ? 9  GLY A H    1 
ATOM 96   H HA2  . GLY A 1 9  ? -0.544  12.980  -6.529  1.00 0.00 ? 9  GLY A HA2  1 
ATOM 97   H HA3  . GLY A 1 9  ? -0.668  11.244  -6.813  1.00 0.00 ? 9  GLY A HA3  1 
ATOM 98   N N    . LEU A 1 10 ? 1.914   13.200  -7.401  1.00 0.00 ? 10 LEU A N    1 
ATOM 99   C CA   . LEU A 1 10 ? 3.401   13.204  -7.490  1.00 0.00 ? 10 LEU A CA   1 
ATOM 100  C C    . LEU A 1 10 ? 3.884   11.979  -8.280  1.00 0.00 ? 10 LEU A C    1 
ATOM 101  O O    . LEU A 1 10 ? 3.228   11.532  -9.200  1.00 0.00 ? 10 LEU A O    1 
ATOM 102  C CB   . LEU A 1 10 ? 3.961   13.183  -6.071  1.00 0.00 ? 10 LEU A CB   1 
ATOM 103  C CG   . LEU A 1 10 ? 3.542   14.456  -5.333  1.00 0.00 ? 10 LEU A CG   1 
ATOM 104  C CD1  . LEU A 1 10 ? 3.686   15.662  -6.264  1.00 0.00 ? 10 LEU A CD1  1 
ATOM 105  C CD2  . LEU A 1 10 ? 2.084   14.329  -4.887  1.00 0.00 ? 10 LEU A CD2  1 
ATOM 106  H H    . LEU A 1 10 ? 1.436   14.046  -7.404  1.00 0.00 ? 10 LEU A H    1 
ATOM 107  H HA   . LEU A 1 10 ? 3.728   14.103  -7.991  1.00 0.00 ? 10 LEU A HA   1 
ATOM 108  H HB2  . LEU A 1 10 ? 3.565   12.326  -5.552  1.00 0.00 ? 10 LEU A HB2  1 
ATOM 109  H HB3  . LEU A 1 10 ? 5.036   13.126  -6.103  1.00 0.00 ? 10 LEU A HB3  1 
ATOM 110  H HG   . LEU A 1 10 ? 4.174   14.594  -4.467  1.00 0.00 ? 10 LEU A HG   1 
ATOM 111  H HD11 . LEU A 1 10 ? 2.817   15.731  -6.900  1.00 0.00 ? 10 LEU A HD11 1 
ATOM 112  H HD12 . LEU A 1 10 ? 3.774   16.563  -5.675  1.00 0.00 ? 10 LEU A HD12 1 
ATOM 113  H HD13 . LEU A 1 10 ? 4.570   15.543  -6.873  1.00 0.00 ? 10 LEU A HD13 1 
ATOM 114  H HD21 . LEU A 1 10 ? 1.816   13.284  -4.826  1.00 0.00 ? 10 LEU A HD21 1 
ATOM 115  H HD22 . LEU A 1 10 ? 1.962   14.788  -3.918  1.00 0.00 ? 10 LEU A HD22 1 
ATOM 116  H HD23 . LEU A 1 10 ? 1.444   14.824  -5.602  1.00 0.00 ? 10 LEU A HD23 1 
ATOM 117  N N    . LYS A 1 11 ? 5.018   11.429  -7.936  1.00 0.00 ? 11 LYS A N    1 
ATOM 118  C CA   . LYS A 1 11 ? 5.520   10.237  -8.675  1.00 0.00 ? 11 LYS A CA   1 
ATOM 119  C C    . LYS A 1 11 ? 5.062   8.967   -7.957  1.00 0.00 ? 11 LYS A C    1 
ATOM 120  O O    . LYS A 1 11 ? 4.184   8.998   -7.118  1.00 0.00 ? 11 LYS A O    1 
ATOM 121  C CB   . LYS A 1 11 ? 7.050   10.266  -8.723  1.00 0.00 ? 11 LYS A CB   1 
ATOM 122  C CG   . LYS A 1 11 ? 7.535   11.708  -8.886  1.00 0.00 ? 11 LYS A CG   1 
ATOM 123  C CD   . LYS A 1 11 ? 7.274   12.177  -10.318 1.00 0.00 ? 11 LYS A CD   1 
ATOM 124  C CE   . LYS A 1 11 ? 8.211   13.341  -10.652 1.00 0.00 ? 11 LYS A CE   1 
ATOM 125  N NZ   . LYS A 1 11 ? 8.421   13.401  -12.126 1.00 0.00 ? 11 LYS A NZ   1 
ATOM 126  H H    . LYS A 1 11 ? 5.537   11.795  -7.193  1.00 0.00 ? 11 LYS A H    1 
ATOM 127  H HA   . LYS A 1 11 ? 5.127   10.245  -9.681  1.00 0.00 ? 11 LYS A HA   1 
ATOM 128  H HB2  . LYS A 1 11 ? 7.446   9.855   -7.805  1.00 0.00 ? 11 LYS A HB2  1 
ATOM 129  H HB3  . LYS A 1 11 ? 7.395   9.677   -9.559  1.00 0.00 ? 11 LYS A HB3  1 
ATOM 130  H HG2  . LYS A 1 11 ? 7.004   12.346  -8.195  1.00 0.00 ? 11 LYS A HG2  1 
ATOM 131  H HG3  . LYS A 1 11 ? 8.593   11.756  -8.680  1.00 0.00 ? 11 LYS A HG3  1 
ATOM 132  H HD2  . LYS A 1 11 ? 7.455   11.361  -11.002 1.00 0.00 ? 11 LYS A HD2  1 
ATOM 133  H HD3  . LYS A 1 11 ? 6.250   12.505  -10.408 1.00 0.00 ? 11 LYS A HD3  1 
ATOM 134  H HE2  . LYS A 1 11 ? 7.769   14.266  -10.313 1.00 0.00 ? 11 LYS A HE2  1 
ATOM 135  H HE3  . LYS A 1 11 ? 9.160   13.191  -10.158 1.00 0.00 ? 11 LYS A HE3  1 
ATOM 136  H HZ1  . LYS A 1 11 ? 8.615   12.448  -12.489 1.00 0.00 ? 11 LYS A HZ1  1 
ATOM 137  H HZ2  . LYS A 1 11 ? 7.565   13.779  -12.583 1.00 0.00 ? 11 LYS A HZ2  1 
ATOM 138  H HZ3  . LYS A 1 11 ? 9.229   14.021  -12.336 1.00 0.00 ? 11 LYS A HZ3  1 
ATOM 139  N N    . THR A 1 12 ? 5.653   7.849   -8.277  1.00 0.00 ? 12 THR A N    1 
ATOM 140  C CA   . THR A 1 12 ? 5.254   6.579   -7.606  1.00 0.00 ? 12 THR A CA   1 
ATOM 141  C C    . THR A 1 12 ? 5.280   6.783   -6.090  1.00 0.00 ? 12 THR A C    1 
ATOM 142  O O    . THR A 1 12 ? 6.226   7.311   -5.543  1.00 0.00 ? 12 THR A O    1 
ATOM 143  C CB   . THR A 1 12 ? 6.230   5.462   -7.987  1.00 0.00 ? 12 THR A CB   1 
ATOM 144  O OG1  . THR A 1 12 ? 7.278   5.992   -8.786  1.00 0.00 ? 12 THR A OG1  1 
ATOM 145  C CG2  . THR A 1 12 ? 5.488   4.378   -8.769  1.00 0.00 ? 12 THR A CG2  1 
ATOM 146  H H    . THR A 1 12 ? 6.362   7.848   -8.954  1.00 0.00 ? 12 THR A H    1 
ATOM 147  H HA   . THR A 1 12 ? 4.255   6.305   -7.914  1.00 0.00 ? 12 THR A HA   1 
ATOM 148  H HB   . THR A 1 12 ? 6.645   5.029   -7.092  1.00 0.00 ? 12 THR A HB   1 
ATOM 149  H HG1  . THR A 1 12 ? 7.898   6.437   -8.204  1.00 0.00 ? 12 THR A HG1  1 
ATOM 150  H HG21 . THR A 1 12 ? 5.194   3.588   -8.094  1.00 0.00 ? 12 THR A HG21 1 
ATOM 151  H HG22 . THR A 1 12 ? 4.609   4.804   -9.230  1.00 0.00 ? 12 THR A HG22 1 
ATOM 152  H HG23 . THR A 1 12 ? 6.138   3.977   -9.533  1.00 0.00 ? 12 THR A HG23 1 
ATOM 153  N N    . THR A 1 13 ? 4.247   6.371   -5.410  1.00 0.00 ? 13 THR A N    1 
ATOM 154  C CA   . THR A 1 13 ? 4.213   6.547   -3.931  1.00 0.00 ? 13 THR A CA   1 
ATOM 155  C C    . THR A 1 13 ? 4.997   5.415   -3.266  1.00 0.00 ? 13 THR A C    1 
ATOM 156  O O    . THR A 1 13 ? 4.761   4.249   -3.520  1.00 0.00 ? 13 THR A O    1 
ATOM 157  C CB   . THR A 1 13 ? 2.761   6.522   -3.447  1.00 0.00 ? 13 THR A CB   1 
ATOM 158  O OG1  . THR A 1 13 ? 2.095   7.695   -3.894  1.00 0.00 ? 13 THR A OG1  1 
ATOM 159  C CG2  . THR A 1 13 ? 2.728   6.465   -1.919  1.00 0.00 ? 13 THR A CG2  1 
ATOM 160  H H    . THR A 1 13 ? 3.492   5.950   -5.870  1.00 0.00 ? 13 THR A H    1 
ATOM 161  H HA   . THR A 1 13 ? 4.662   7.493   -3.673  1.00 0.00 ? 13 THR A HA   1 
ATOM 162  H HB   . THR A 1 13 ? 2.262   5.652   -3.846  1.00 0.00 ? 13 THR A HB   1 
ATOM 163  H HG1  . THR A 1 13 ? 2.757   8.377   -4.034  1.00 0.00 ? 13 THR A HG1  1 
ATOM 164  H HG21 . THR A 1 13 ? 2.486   5.462   -1.601  1.00 0.00 ? 13 THR A HG21 1 
ATOM 165  H HG22 . THR A 1 13 ? 3.696   6.743   -1.528  1.00 0.00 ? 13 THR A HG22 1 
ATOM 166  H HG23 . THR A 1 13 ? 1.980   7.151   -1.550  1.00 0.00 ? 13 THR A HG23 1 
ATOM 167  N N    . LYS A 1 14 ? 5.927   5.751   -2.412  1.00 0.00 ? 14 LYS A N    1 
ATOM 168  C CA   . LYS A 1 14 ? 6.727   4.701   -1.723  1.00 0.00 ? 14 LYS A CA   1 
ATOM 169  C C    . LYS A 1 14 ? 6.019   4.295   -0.431  1.00 0.00 ? 14 LYS A C    1 
ATOM 170  O O    . LYS A 1 14 ? 5.959   5.050   0.519   1.00 0.00 ? 14 LYS A O    1 
ATOM 171  C CB   . LYS A 1 14 ? 8.116   5.251   -1.392  1.00 0.00 ? 14 LYS A CB   1 
ATOM 172  C CG   . LYS A 1 14 ? 9.134   4.109   -1.397  1.00 0.00 ? 14 LYS A CG   1 
ATOM 173  C CD   . LYS A 1 14 ? 10.547  4.683   -1.270  1.00 0.00 ? 14 LYS A CD   1 
ATOM 174  C CE   . LYS A 1 14 ? 10.793  5.119   0.176   1.00 0.00 ? 14 LYS A CE   1 
ATOM 175  N NZ   . LYS A 1 14 ? 12.260  5.187   0.430   1.00 0.00 ? 14 LYS A NZ   1 
ATOM 176  H H    . LYS A 1 14 ? 6.096   6.699   -2.221  1.00 0.00 ? 14 LYS A H    1 
ATOM 177  H HA   . LYS A 1 14 ? 6.825   3.840   -2.368  1.00 0.00 ? 14 LYS A HA   1 
ATOM 178  H HB2  . LYS A 1 14 ? 8.397   5.989   -2.132  1.00 0.00 ? 14 LYS A HB2  1 
ATOM 179  H HB3  . LYS A 1 14 ? 8.099   5.711   -0.415  1.00 0.00 ? 14 LYS A HB3  1 
ATOM 180  H HG2  . LYS A 1 14 ? 8.936   3.449   -0.564  1.00 0.00 ? 14 LYS A HG2  1 
ATOM 181  H HG3  . LYS A 1 14 ? 9.053   3.558   -2.321  1.00 0.00 ? 14 LYS A HG3  1 
ATOM 182  H HD2  . LYS A 1 14 ? 11.268  3.928   -1.548  1.00 0.00 ? 14 LYS A HD2  1 
ATOM 183  H HD3  . LYS A 1 14 ? 10.648  5.537   -1.923  1.00 0.00 ? 14 LYS A HD3  1 
ATOM 184  H HE2  . LYS A 1 14 ? 10.354  6.092   0.338   1.00 0.00 ? 14 LYS A HE2  1 
ATOM 185  H HE3  . LYS A 1 14 ? 10.344  4.403   0.848   1.00 0.00 ? 14 LYS A HE3  1 
ATOM 186  H HZ1  . LYS A 1 14 ? 12.605  6.143   0.215   1.00 0.00 ? 14 LYS A HZ1  1 
ATOM 187  H HZ2  . LYS A 1 14 ? 12.448  4.966   1.430   1.00 0.00 ? 14 LYS A HZ2  1 
ATOM 188  H HZ3  . LYS A 1 14 ? 12.750  4.500   -0.176  1.00 0.00 ? 14 LYS A HZ3  1 
ATOM 189  N N    . ILE A 1 15 ? 5.471   3.113   -0.394  1.00 0.00 ? 15 ILE A N    1 
ATOM 190  C CA   . ILE A 1 15 ? 4.754   2.664   0.831   1.00 0.00 ? 15 ILE A CA   1 
ATOM 191  C C    . ILE A 1 15 ? 5.468   1.452   1.432   1.00 0.00 ? 15 ILE A C    1 
ATOM 192  O O    . ILE A 1 15 ? 5.498   0.386   0.852   1.00 0.00 ? 15 ILE A O    1 
ATOM 193  C CB   . ILE A 1 15 ? 3.325   2.289   0.448   1.00 0.00 ? 15 ILE A CB   1 
ATOM 194  C CG1  . ILE A 1 15 ? 2.853   3.223   -0.669  1.00 0.00 ? 15 ILE A CG1  1 
ATOM 195  C CG2  . ILE A 1 15 ? 2.408   2.435   1.661   1.00 0.00 ? 15 ILE A CG2  1 
ATOM 196  C CD1  . ILE A 1 15 ? 1.361   3.506   -0.507  1.00 0.00 ? 15 ILE A CD1  1 
ATOM 197  H H    . ILE A 1 15 ? 5.521   2.524   -1.176  1.00 0.00 ? 15 ILE A H    1 
ATOM 198  H HA   . ILE A 1 15 ? 4.734   3.467   1.553   1.00 0.00 ? 15 ILE A HA   1 
ATOM 199  H HB   . ILE A 1 15 ? 3.301   1.266   0.098   1.00 0.00 ? 15 ILE A HB   1 
ATOM 200  H HG12 . ILE A 1 15 ? 3.404   4.152   -0.615  1.00 0.00 ? 15 ILE A HG12 1 
ATOM 201  H HG13 . ILE A 1 15 ? 3.028   2.756   -1.626  1.00 0.00 ? 15 ILE A HG13 1 
ATOM 202  H HG21 . ILE A 1 15 ? 2.893   2.021   2.532   1.00 0.00 ? 15 ILE A HG21 1 
ATOM 203  H HG22 . ILE A 1 15 ? 2.199   3.482   1.830   1.00 0.00 ? 15 ILE A HG22 1 
ATOM 204  H HG23 . ILE A 1 15 ? 1.482   1.909   1.479   1.00 0.00 ? 15 ILE A HG23 1 
ATOM 205  H HD11 . ILE A 1 15 ? 1.002   4.045   -1.371  1.00 0.00 ? 15 ILE A HD11 1 
ATOM 206  H HD12 . ILE A 1 15 ? 0.827   2.572   -0.417  1.00 0.00 ? 15 ILE A HD12 1 
ATOM 207  H HD13 . ILE A 1 15 ? 1.202   4.102   0.381   1.00 0.00 ? 15 ILE A HD13 1 
ATOM 208  N N    . LYS A 1 16 ? 6.046   1.606   2.594   1.00 0.00 ? 16 LYS A N    1 
ATOM 209  C CA   . LYS A 1 16 ? 6.759   0.460   3.225   1.00 0.00 ? 16 LYS A CA   1 
ATOM 210  C C    . LYS A 1 16 ? 5.760   -0.423  3.970   1.00 0.00 ? 16 LYS A C    1 
ATOM 211  O O    . LYS A 1 16 ? 5.167   -0.017  4.949   1.00 0.00 ? 16 LYS A O    1 
ATOM 212  C CB   . LYS A 1 16 ? 7.799   0.977   4.220   1.00 0.00 ? 16 LYS A CB   1 
ATOM 213  C CG   . LYS A 1 16 ? 9.128   1.211   3.500   1.00 0.00 ? 16 LYS A CG   1 
ATOM 214  C CD   . LYS A 1 16 ? 10.037  -0.003  3.701   1.00 0.00 ? 16 LYS A CD   1 
ATOM 215  C CE   . LYS A 1 16 ? 11.307  0.165   2.864   1.00 0.00 ? 16 LYS A CE   1 
ATOM 216  N NZ   . LYS A 1 16 ? 12.243  1.091   3.562   1.00 0.00 ? 16 LYS A NZ   1 
ATOM 217  H H    . LYS A 1 16 ? 6.012   2.474   3.048   1.00 0.00 ? 16 LYS A H    1 
ATOM 218  H HA   . LYS A 1 16 ? 7.251   -0.121  2.461   1.00 0.00 ? 16 LYS A HA   1 
ATOM 219  H HB2  . LYS A 1 16 ? 7.454   1.903   4.653   1.00 0.00 ? 16 LYS A HB2  1 
ATOM 220  H HB3  . LYS A 1 16 ? 7.939   0.246   5.004   1.00 0.00 ? 16 LYS A HB3  1 
ATOM 221  H HG2  . LYS A 1 16 ? 8.945   1.354   2.444   1.00 0.00 ? 16 LYS A HG2  1 
ATOM 222  H HG3  . LYS A 1 16 ? 9.608   2.089   3.904   1.00 0.00 ? 16 LYS A HG3  1 
ATOM 223  H HD2  . LYS A 1 16 ? 10.302  -0.085  4.745   1.00 0.00 ? 16 LYS A HD2  1 
ATOM 224  H HD3  . LYS A 1 16 ? 9.519   -0.896  3.388   1.00 0.00 ? 16 LYS A HD3  1 
ATOM 225  H HE2  . LYS A 1 16 ? 11.781  -0.795  2.734   1.00 0.00 ? 16 LYS A HE2  1 
ATOM 226  H HE3  . LYS A 1 16 ? 11.050  0.573   1.898   1.00 0.00 ? 16 LYS A HE3  1 
ATOM 227  H HZ1  . LYS A 1 16 ? 11.768  1.998   3.738   1.00 0.00 ? 16 LYS A HZ1  1 
ATOM 228  H HZ2  . LYS A 1 16 ? 12.535  0.670   4.467   1.00 0.00 ? 16 LYS A HZ2  1 
ATOM 229  H HZ3  . LYS A 1 16 ? 13.081  1.251   2.967   1.00 0.00 ? 16 LYS A HZ3  1 
ATOM 230  N N    . PHE A 1 17 ? 5.580   -1.633  3.524   1.00 0.00 ? 17 PHE A N    1 
ATOM 231  C CA   . PHE A 1 17 ? 4.633   -2.545  4.218   1.00 0.00 ? 17 PHE A CA   1 
ATOM 232  C C    . PHE A 1 17 ? 5.347   -3.168  5.418   1.00 0.00 ? 17 PHE A C    1 
ATOM 233  O O    . PHE A 1 17 ? 6.557   -3.134  5.507   1.00 0.00 ? 17 PHE A O    1 
ATOM 234  C CB   . PHE A 1 17 ? 4.189   -3.642  3.254   1.00 0.00 ? 17 PHE A CB   1 
ATOM 235  C CG   . PHE A 1 17 ? 3.192   -3.074  2.274   1.00 0.00 ? 17 PHE A CG   1 
ATOM 236  C CD1  . PHE A 1 17 ? 3.634   -2.294  1.198   1.00 0.00 ? 17 PHE A CD1  1 
ATOM 237  C CD2  . PHE A 1 17 ? 1.827   -3.325  2.444   1.00 0.00 ? 17 PHE A CD2  1 
ATOM 238  C CE1  . PHE A 1 17 ? 2.708   -1.766  0.291   1.00 0.00 ? 17 PHE A CE1  1 
ATOM 239  C CE2  . PHE A 1 17 ? 0.901   -2.796  1.538   1.00 0.00 ? 17 PHE A CE2  1 
ATOM 240  C CZ   . PHE A 1 17 ? 1.341   -2.017  0.461   1.00 0.00 ? 17 PHE A CZ   1 
ATOM 241  H H    . PHE A 1 17 ? 6.076   -1.946  2.738   1.00 0.00 ? 17 PHE A H    1 
ATOM 242  H HA   . PHE A 1 17 ? 3.774   -1.985  4.555   1.00 0.00 ? 17 PHE A HA   1 
ATOM 243  H HB2  . PHE A 1 17 ? 5.048   -4.017  2.718   1.00 0.00 ? 17 PHE A HB2  1 
ATOM 244  H HB3  . PHE A 1 17 ? 3.731   -4.446  3.808   1.00 0.00 ? 17 PHE A HB3  1 
ATOM 245  H HD1  . PHE A 1 17 ? 4.688   -2.101  1.068   1.00 0.00 ? 17 PHE A HD1  1 
ATOM 246  H HD2  . PHE A 1 17 ? 1.487   -3.925  3.274   1.00 0.00 ? 17 PHE A HD2  1 
ATOM 247  H HE1  . PHE A 1 17 ? 3.048   -1.165  -0.539  1.00 0.00 ? 17 PHE A HE1  1 
ATOM 248  H HE2  . PHE A 1 17 ? -0.153  -2.992  1.668   1.00 0.00 ? 17 PHE A HE2  1 
ATOM 249  H HZ   . PHE A 1 17 ? 0.626   -1.610  -0.238  1.00 0.00 ? 17 PHE A HZ   1 
ATOM 250  N N    . TYR A 1 18 ? 4.627   -3.734  6.347   1.00 0.00 ? 18 TYR A N    1 
ATOM 251  C CA   . TYR A 1 18 ? 5.309   -4.338  7.521   1.00 0.00 ? 18 TYR A CA   1 
ATOM 252  C C    . TYR A 1 18 ? 4.787   -5.755  7.756   1.00 0.00 ? 18 TYR A C    1 
ATOM 253  O O    . TYR A 1 18 ? 4.068   -6.014  8.701   1.00 0.00 ? 18 TYR A O    1 
ATOM 254  C CB   . TYR A 1 18 ? 5.054   -3.483  8.764   1.00 0.00 ? 18 TYR A CB   1 
ATOM 255  C CG   . TYR A 1 18 ? 5.928   -2.250  8.728   1.00 0.00 ? 18 TYR A CG   1 
ATOM 256  C CD1  . TYR A 1 18 ? 5.756   -1.296  7.715   1.00 0.00 ? 18 TYR A CD1  1 
ATOM 257  C CD2  . TYR A 1 18 ? 6.905   -2.055  9.711   1.00 0.00 ? 18 TYR A CD2  1 
ATOM 258  C CE1  . TYR A 1 18 ? 6.561   -0.155  7.685   1.00 0.00 ? 18 TYR A CE1  1 
ATOM 259  C CE2  . TYR A 1 18 ? 7.711   -0.911  9.681   1.00 0.00 ? 18 TYR A CE2  1 
ATOM 260  C CZ   . TYR A 1 18 ? 7.538   0.041   8.669   1.00 0.00 ? 18 TYR A CZ   1 
ATOM 261  O OH   . TYR A 1 18 ? 8.331   1.169   8.640   1.00 0.00 ? 18 TYR A OH   1 
ATOM 262  H H    . TYR A 1 18 ? 3.650   -3.758  6.276   1.00 0.00 ? 18 TYR A H    1 
ATOM 263  H HA   . TYR A 1 18 ? 6.368   -4.381  7.327   1.00 0.00 ? 18 TYR A HA   1 
ATOM 264  H HB2  . TYR A 1 18 ? 4.019   -3.185  8.791   1.00 0.00 ? 18 TYR A HB2  1 
ATOM 265  H HB3  . TYR A 1 18 ? 5.284   -4.057  9.646   1.00 0.00 ? 18 TYR A HB3  1 
ATOM 266  H HD1  . TYR A 1 18 ? 5.006   -1.442  6.955   1.00 0.00 ? 18 TYR A HD1  1 
ATOM 267  H HD2  . TYR A 1 18 ? 7.039   -2.790  10.491  1.00 0.00 ? 18 TYR A HD2  1 
ATOM 268  H HE1  . TYR A 1 18 ? 6.425   0.579   6.904   1.00 0.00 ? 18 TYR A HE1  1 
ATOM 269  H HE2  . TYR A 1 18 ? 8.464   -0.761  10.440  1.00 0.00 ? 18 TYR A HE2  1 
ATOM 270  H HH   . TYR A 1 18 ? 8.251   1.610   9.490   1.00 0.00 ? 18 TYR A HH   1 
ATOM 271  N N    . TYR A 1 19 ? 5.153   -6.678  6.910   1.00 0.00 ? 19 TYR A N    1 
ATOM 272  C CA   . TYR A 1 19 ? 4.684   -8.079  7.094   1.00 0.00 ? 19 TYR A CA   1 
ATOM 273  C C    . TYR A 1 19 ? 5.487   -8.731  8.217   1.00 0.00 ? 19 TYR A C    1 
ATOM 274  O O    . TYR A 1 19 ? 6.675   -8.956  8.095   1.00 0.00 ? 19 TYR A O    1 
ATOM 275  C CB   . TYR A 1 19 ? 4.889   -8.869  5.801   1.00 0.00 ? 19 TYR A CB   1 
ATOM 276  C CG   . TYR A 1 19 ? 4.265   -10.235 5.950   1.00 0.00 ? 19 TYR A CG   1 
ATOM 277  C CD1  . TYR A 1 19 ? 2.963   -10.356 6.448   1.00 0.00 ? 19 TYR A CD1  1 
ATOM 278  C CD2  . TYR A 1 19 ? 4.989   -11.379 5.594   1.00 0.00 ? 19 TYR A CD2  1 
ATOM 279  C CE1  . TYR A 1 19 ? 2.383   -11.617 6.589   1.00 0.00 ? 19 TYR A CE1  1 
ATOM 280  C CE2  . TYR A 1 19 ? 4.406   -12.645 5.737   1.00 0.00 ? 19 TYR A CE2  1 
ATOM 281  C CZ   . TYR A 1 19 ? 3.103   -12.764 6.234   1.00 0.00 ? 19 TYR A CZ   1 
ATOM 282  O OH   . TYR A 1 19 ? 2.528   -14.011 6.374   1.00 0.00 ? 19 TYR A OH   1 
ATOM 283  H H    . TYR A 1 19 ? 5.740   -6.452  6.159   1.00 0.00 ? 19 TYR A H    1 
ATOM 284  H HA   . TYR A 1 19 ? 3.640   -8.078  7.355   1.00 0.00 ? 19 TYR A HA   1 
ATOM 285  H HB2  . TYR A 1 19 ? 4.422   -8.344  4.980   1.00 0.00 ? 19 TYR A HB2  1 
ATOM 286  H HB3  . TYR A 1 19 ? 5.947   -8.975  5.606   1.00 0.00 ? 19 TYR A HB3  1 
ATOM 287  H HD1  . TYR A 1 19 ? 2.407   -9.476  6.725   1.00 0.00 ? 19 TYR A HD1  1 
ATOM 288  H HD2  . TYR A 1 19 ? 5.994   -11.287 5.210   1.00 0.00 ? 19 TYR A HD2  1 
ATOM 289  H HE1  . TYR A 1 19 ? 1.376   -11.703 6.968   1.00 0.00 ? 19 TYR A HE1  1 
ATOM 290  H HE2  . TYR A 1 19 ? 4.962   -13.529 5.462   1.00 0.00 ? 19 TYR A HE2  1 
ATOM 291  H HH   . TYR A 1 19 ? 3.128   -14.658 5.994   1.00 0.00 ? 19 TYR A HH   1 
ATOM 292  N N    . LYS A 1 20 ? 4.850   -9.036  9.313   1.00 0.00 ? 20 LYS A N    1 
ATOM 293  C CA   . LYS A 1 20 ? 5.589   -9.671  10.440  1.00 0.00 ? 20 LYS A CA   1 
ATOM 294  C C    . LYS A 1 20 ? 6.816   -8.815  10.778  1.00 0.00 ? 20 LYS A C    1 
ATOM 295  O O    . LYS A 1 20 ? 6.731   -7.605  10.851  1.00 0.00 ? 20 LYS A O    1 
ATOM 296  C CB   . LYS A 1 20 ? 6.025   -11.079 10.024  1.00 0.00 ? 20 LYS A CB   1 
ATOM 297  C CG   . LYS A 1 20 ? 4.908   -11.745 9.219   1.00 0.00 ? 20 LYS A CG   1 
ATOM 298  C CD   . LYS A 1 20 ? 5.323   -13.169 8.848   1.00 0.00 ? 20 LYS A CD   1 
ATOM 299  C CE   . LYS A 1 20 ? 5.236   -14.066 10.085  1.00 0.00 ? 20 LYS A CE   1 
ATOM 300  N NZ   . LYS A 1 20 ? 6.405   -14.989 10.111  1.00 0.00 ? 20 LYS A NZ   1 
ATOM 301  H H    . LYS A 1 20 ? 3.890   -8.845  9.395   1.00 0.00 ? 20 LYS A H    1 
ATOM 302  H HA   . LYS A 1 20 ? 4.943   -9.733  11.303  1.00 0.00 ? 20 LYS A HA   1 
ATOM 303  H HB2  . LYS A 1 20 ? 6.918   -11.014 9.418   1.00 0.00 ? 20 LYS A HB2  1 
ATOM 304  H HB3  . LYS A 1 20 ? 6.231   -11.667 10.906  1.00 0.00 ? 20 LYS A HB3  1 
ATOM 305  H HG2  . LYS A 1 20 ? 4.005   -11.774 9.812   1.00 0.00 ? 20 LYS A HG2  1 
ATOM 306  H HG3  . LYS A 1 20 ? 4.728   -11.178 8.317   1.00 0.00 ? 20 LYS A HG3  1 
ATOM 307  H HD2  . LYS A 1 20 ? 4.662   -13.549 8.081   1.00 0.00 ? 20 LYS A HD2  1 
ATOM 308  H HD3  . LYS A 1 20 ? 6.337   -13.165 8.480   1.00 0.00 ? 20 LYS A HD3  1 
ATOM 309  H HE2  . LYS A 1 20 ? 5.242   -13.453 10.974  1.00 0.00 ? 20 LYS A HE2  1 
ATOM 310  H HE3  . LYS A 1 20 ? 4.322   -14.641 10.050  1.00 0.00 ? 20 LYS A HE3  1 
ATOM 311  H HZ1  . LYS A 1 20 ? 6.438   -15.532 9.226   1.00 0.00 ? 20 LYS A HZ1  1 
ATOM 312  H HZ2  . LYS A 1 20 ? 7.281   -14.436 10.212  1.00 0.00 ? 20 LYS A HZ2  1 
ATOM 313  H HZ3  . LYS A 1 20 ? 6.313   -15.643 10.914  1.00 0.00 ? 20 LYS A HZ3  1 
ATOM 314  N N    . ASP A 1 21 ? 7.956   -9.420  10.987  1.00 0.00 ? 21 ASP A N    1 
ATOM 315  C CA   . ASP A 1 21 ? 9.170   -8.621  11.318  1.00 0.00 ? 21 ASP A CA   1 
ATOM 316  C C    . ASP A 1 21 ? 9.857   -8.165  10.026  1.00 0.00 ? 21 ASP A C    1 
ATOM 317  O O    . ASP A 1 21 ? 10.815  -7.419  10.054  1.00 0.00 ? 21 ASP A O    1 
ATOM 318  C CB   . ASP A 1 21 ? 10.139  -9.479  12.135  1.00 0.00 ? 21 ASP A CB   1 
ATOM 319  C CG   . ASP A 1 21 ? 10.252  -8.913  13.552  1.00 0.00 ? 21 ASP A CG   1 
ATOM 320  O OD1  . ASP A 1 21 ? 9.245   -8.892  14.242  1.00 0.00 ? 21 ASP A OD1  1 
ATOM 321  O OD2  . ASP A 1 21 ? 11.342  -8.510  13.923  1.00 0.00 ? 21 ASP A OD2  1 
ATOM 322  H H    . ASP A 1 21 ? 8.016   -10.396 10.927  1.00 0.00 ? 21 ASP A H    1 
ATOM 323  H HA   . ASP A 1 21 ? 8.882   -7.756  11.896  1.00 0.00 ? 21 ASP A HA   1 
ATOM 324  H HB2  . ASP A 1 21 ? 9.770   -10.493 12.180  1.00 0.00 ? 21 ASP A HB2  1 
ATOM 325  H HB3  . ASP A 1 21 ? 11.112  -9.468  11.667  1.00 0.00 ? 21 ASP A HB3  1 
ATOM 326  N N    . ASP A 1 22 ? 9.376   -8.607  8.896   1.00 0.00 ? 22 ASP A N    1 
ATOM 327  C CA   . ASP A 1 22 ? 10.004  -8.196  7.608   1.00 0.00 ? 22 ASP A CA   1 
ATOM 328  C C    . ASP A 1 22 ? 9.216   -7.032  7.002   1.00 0.00 ? 22 ASP A C    1 
ATOM 329  O O    . ASP A 1 22 ? 8.028   -6.895  7.220   1.00 0.00 ? 22 ASP A O    1 
ATOM 330  C CB   . ASP A 1 22 ? 9.993   -9.378  6.636   1.00 0.00 ? 22 ASP A CB   1 
ATOM 331  C CG   . ASP A 1 22 ? 11.418  -9.905  6.454   1.00 0.00 ? 22 ASP A CG   1 
ATOM 332  O OD1  . ASP A 1 22 ? 12.251  -9.607  7.295   1.00 0.00 ? 22 ASP A OD1  1 
ATOM 333  O OD2  . ASP A 1 22 ? 11.653  -10.597 5.477   1.00 0.00 ? 22 ASP A OD2  1 
ATOM 334  H H    . ASP A 1 22 ? 8.601   -9.209  8.895   1.00 0.00 ? 22 ASP A H    1 
ATOM 335  H HA   . ASP A 1 22 ? 11.024  -7.886  7.786   1.00 0.00 ? 22 ASP A HA   1 
ATOM 336  H HB2  . ASP A 1 22 ? 9.366   -10.165 7.034   1.00 0.00 ? 22 ASP A HB2  1 
ATOM 337  H HB3  . ASP A 1 22 ? 9.606   -9.057  5.681   1.00 0.00 ? 22 ASP A HB3  1 
ATOM 338  N N    . ILE A 1 23 ? 9.866   -6.188  6.245   1.00 0.00 ? 23 ILE A N    1 
ATOM 339  C CA   . ILE A 1 23 ? 9.152   -5.036  5.631   1.00 0.00 ? 23 ILE A CA   1 
ATOM 340  C C    . ILE A 1 23 ? 9.619   -4.848  4.189   1.00 0.00 ? 23 ILE A C    1 
ATOM 341  O O    . ILE A 1 23 ? 10.760  -5.094  3.855   1.00 0.00 ? 23 ILE A O    1 
ATOM 342  C CB   . ILE A 1 23 ? 9.459   -3.768  6.425   1.00 0.00 ? 23 ILE A CB   1 
ATOM 343  C CG1  . ILE A 1 23 ? 8.598   -3.737  7.689   1.00 0.00 ? 23 ILE A CG1  1 
ATOM 344  C CG2  . ILE A 1 23 ? 9.162   -2.532  5.572   1.00 0.00 ? 23 ILE A CG2  1 
ATOM 345  C CD1  . ILE A 1 23 ? 9.480   -3.424  8.896   1.00 0.00 ? 23 ILE A CD1  1 
ATOM 346  H H    . ILE A 1 23 ? 10.824  -6.312  6.081   1.00 0.00 ? 23 ILE A H    1 
ATOM 347  H HA   . ILE A 1 23 ? 8.088   -5.220  5.648   1.00 0.00 ? 23 ILE A HA   1 
ATOM 348  H HB   . ILE A 1 23 ? 10.501  -3.767  6.698   1.00 0.00 ? 23 ILE A HB   1 
ATOM 349  H HG12 . ILE A 1 23 ? 7.838   -2.976  7.588   1.00 0.00 ? 23 ILE A HG12 1 
ATOM 350  H HG13 . ILE A 1 23 ? 8.129   -4.700  7.827   1.00 0.00 ? 23 ILE A HG13 1 
ATOM 351  H HG21 . ILE A 1 23 ? 8.476   -2.794  4.784   1.00 0.00 ? 23 ILE A HG21 1 
ATOM 352  H HG22 . ILE A 1 23 ? 8.724   -1.762  6.190   1.00 0.00 ? 23 ILE A HG22 1 
ATOM 353  H HG23 . ILE A 1 23 ? 10.082  -2.165  5.140   1.00 0.00 ? 23 ILE A HG23 1 
ATOM 354  H HD11 . ILE A 1 23 ? 8.939   -3.647  9.803   1.00 0.00 ? 23 ILE A HD11 1 
ATOM 355  H HD12 . ILE A 1 23 ? 10.374  -4.029  8.853   1.00 0.00 ? 23 ILE A HD12 1 
ATOM 356  H HD13 . ILE A 1 23 ? 9.750   -2.379  8.883   1.00 0.00 ? 23 ILE A HD13 1 
ATOM 357  N N    . PHE A 1 24 ? 8.746   -4.391  3.339   1.00 0.00 ? 24 PHE A N    1 
ATOM 358  C CA   . PHE A 1 24 ? 9.130   -4.156  1.921   1.00 0.00 ? 24 PHE A CA   1 
ATOM 359  C C    . PHE A 1 24 ? 8.566   -2.806  1.479   1.00 0.00 ? 24 PHE A C    1 
ATOM 360  O O    . PHE A 1 24 ? 8.125   -2.018  2.291   1.00 0.00 ? 24 PHE A O    1 
ATOM 361  C CB   . PHE A 1 24 ? 8.580   -5.271  1.026   1.00 0.00 ? 24 PHE A CB   1 
ATOM 362  C CG   . PHE A 1 24 ? 7.149   -5.583  1.394   1.00 0.00 ? 24 PHE A CG   1 
ATOM 363  C CD1  . PHE A 1 24 ? 6.866   -6.309  2.557   1.00 0.00 ? 24 PHE A CD1  1 
ATOM 364  C CD2  . PHE A 1 24 ? 6.105   -5.159  0.563   1.00 0.00 ? 24 PHE A CD2  1 
ATOM 365  C CE1  . PHE A 1 24 ? 5.539   -6.610  2.889   1.00 0.00 ? 24 PHE A CE1  1 
ATOM 366  C CE2  . PHE A 1 24 ? 4.779   -5.457  0.895   1.00 0.00 ? 24 PHE A CE2  1 
ATOM 367  C CZ   . PHE A 1 24 ? 4.496   -6.184  2.058   1.00 0.00 ? 24 PHE A CZ   1 
ATOM 368  H H    . PHE A 1 24 ? 7.840   -4.184  3.643   1.00 0.00 ? 24 PHE A H    1 
ATOM 369  H HA   . PHE A 1 24 ? 10.207  -4.132  1.843   1.00 0.00 ? 24 PHE A HA   1 
ATOM 370  H HB2  . PHE A 1 24 ? 8.621   -4.954  -0.006  1.00 0.00 ? 24 PHE A HB2  1 
ATOM 371  H HB3  . PHE A 1 24 ? 9.182   -6.159  1.151   1.00 0.00 ? 24 PHE A HB3  1 
ATOM 372  H HD1  . PHE A 1 24 ? 7.672   -6.635  3.198   1.00 0.00 ? 24 PHE A HD1  1 
ATOM 373  H HD2  . PHE A 1 24 ? 6.324   -4.597  -0.334  1.00 0.00 ? 24 PHE A HD2  1 
ATOM 374  H HE1  . PHE A 1 24 ? 5.319   -7.171  3.786   1.00 0.00 ? 24 PHE A HE1  1 
ATOM 375  H HE2  . PHE A 1 24 ? 3.973   -5.129  0.254   1.00 0.00 ? 24 PHE A HE2  1 
ATOM 376  H HZ   . PHE A 1 24 ? 3.473   -6.417  2.311   1.00 0.00 ? 24 PHE A HZ   1 
ATOM 377  N N    . ALA A 1 25 ? 8.582   -2.520  0.208   1.00 0.00 ? 25 ALA A N    1 
ATOM 378  C CA   . ALA A 1 25 ? 8.049   -1.208  -0.254  1.00 0.00 ? 25 ALA A CA   1 
ATOM 379  C C    . ALA A 1 25 ? 7.378   -1.365  -1.618  1.00 0.00 ? 25 ALA A C    1 
ATOM 380  O O    . ALA A 1 25 ? 7.829   -2.112  -2.464  1.00 0.00 ? 25 ALA A O    1 
ATOM 381  C CB   . ALA A 1 25 ? 9.200   -0.206  -0.362  1.00 0.00 ? 25 ALA A CB   1 
ATOM 382  H H    . ALA A 1 25 ? 8.947   -3.159  -0.438  1.00 0.00 ? 25 ALA A H    1 
ATOM 383  H HA   . ALA A 1 25 ? 7.326   -0.843  0.462   1.00 0.00 ? 25 ALA A HA   1 
ATOM 384  H HB1  . ALA A 1 25 ? 9.990   -0.490  0.319   1.00 0.00 ? 25 ALA A HB1  1 
ATOM 385  H HB2  . ALA A 1 25 ? 9.581   -0.203  -1.373  1.00 0.00 ? 25 ALA A HB2  1 
ATOM 386  H HB3  . ALA A 1 25 ? 8.844   0.781   -0.108  1.00 0.00 ? 25 ALA A HB3  1 
ATOM 387  N N    . LEU A 1 26 ? 6.302   -0.658  -1.838  1.00 0.00 ? 26 LEU A N    1 
ATOM 388  C CA   . LEU A 1 26 ? 5.598   -0.754  -3.147  1.00 0.00 ? 26 LEU A CA   1 
ATOM 389  C C    . LEU A 1 26 ? 5.521   0.633   -3.780  1.00 0.00 ? 26 LEU A C    1 
ATOM 390  O O    . LEU A 1 26 ? 5.339   1.627   -3.102  1.00 0.00 ? 26 LEU A O    1 
ATOM 391  C CB   . LEU A 1 26 ? 4.177   -1.281  -2.931  1.00 0.00 ? 26 LEU A CB   1 
ATOM 392  C CG   . LEU A 1 26 ? 3.816   -2.254  -4.056  1.00 0.00 ? 26 LEU A CG   1 
ATOM 393  C CD1  . LEU A 1 26 ? 4.339   -3.650  -3.711  1.00 0.00 ? 26 LEU A CD1  1 
ATOM 394  C CD2  . LEU A 1 26 ? 2.294   -2.306  -4.219  1.00 0.00 ? 26 LEU A CD2  1 
ATOM 395  H H    . LEU A 1 26 ? 5.960   -0.059  -1.144  1.00 0.00 ? 26 LEU A H    1 
ATOM 396  H HA   . LEU A 1 26 ? 6.137   -1.423  -3.801  1.00 0.00 ? 26 LEU A HA   1 
ATOM 397  H HB2  . LEU A 1 26 ? 4.122   -1.792  -1.981  1.00 0.00 ? 26 LEU A HB2  1 
ATOM 398  H HB3  . LEU A 1 26 ? 3.483   -0.453  -2.939  1.00 0.00 ? 26 LEU A HB3  1 
ATOM 399  H HG   . LEU A 1 26 ? 4.268   -1.920  -4.980  1.00 0.00 ? 26 LEU A HG   1 
ATOM 400  H HD11 . LEU A 1 26 ? 3.610   -4.390  -4.005  1.00 0.00 ? 26 LEU A HD11 1 
ATOM 401  H HD12 . LEU A 1 26 ? 5.265   -3.828  -4.237  1.00 0.00 ? 26 LEU A HD12 1 
ATOM 402  H HD13 . LEU A 1 26 ? 4.510   -3.716  -2.647  1.00 0.00 ? 26 LEU A HD13 1 
ATOM 403  H HD21 . LEU A 1 26 ? 1.973   -3.336  -4.281  1.00 0.00 ? 26 LEU A HD21 1 
ATOM 404  H HD22 . LEU A 1 26 ? 1.825   -1.834  -3.369  1.00 0.00 ? 26 LEU A HD22 1 
ATOM 405  H HD23 . LEU A 1 26 ? 2.009   -1.786  -5.123  1.00 0.00 ? 26 LEU A HD23 1 
ATOM 406  N N    . MET A 1 27 ? 5.647   0.711   -5.075  1.00 0.00 ? 27 MET A N    1 
ATOM 407  C CA   . MET A 1 27 ? 5.567   2.036   -5.749  1.00 0.00 ? 27 MET A CA   1 
ATOM 408  C C    . MET A 1 27 ? 4.264   2.107   -6.543  1.00 0.00 ? 27 MET A C    1 
ATOM 409  O O    . MET A 1 27 ? 4.117   1.482   -7.575  1.00 0.00 ? 27 MET A O    1 
ATOM 410  C CB   . MET A 1 27 ? 6.760   2.209   -6.691  1.00 0.00 ? 27 MET A CB   1 
ATOM 411  C CG   . MET A 1 27 ? 8.061   2.019   -5.909  1.00 0.00 ? 27 MET A CG   1 
ATOM 412  S SD   . MET A 1 27 ? 8.944   3.596   -5.814  1.00 0.00 ? 27 MET A SD   1 
ATOM 413  C CE   . MET A 1 27 ? 7.625   4.552   -5.024  1.00 0.00 ? 27 MET A CE   1 
ATOM 414  H H    . MET A 1 27 ? 5.784   -0.101  -5.604  1.00 0.00 ? 27 MET A H    1 
ATOM 415  H HA   . MET A 1 27 ? 5.576   2.817   -5.004  1.00 0.00 ? 27 MET A HA   1 
ATOM 416  H HB2  . MET A 1 27 ? 6.704   1.477   -7.482  1.00 0.00 ? 27 MET A HB2  1 
ATOM 417  H HB3  . MET A 1 27 ? 6.741   3.198   -7.116  1.00 0.00 ? 27 MET A HB3  1 
ATOM 418  H HG2  . MET A 1 27 ? 7.833   1.674   -4.911  1.00 0.00 ? 27 MET A HG2  1 
ATOM 419  H HG3  . MET A 1 27 ? 8.679   1.289   -6.410  1.00 0.00 ? 27 MET A HG3  1 
ATOM 420  H HE1  . MET A 1 27 ? 7.648   4.382   -3.957  1.00 0.00 ? 27 MET A HE1  1 
ATOM 421  H HE2  . MET A 1 27 ? 7.771   5.602   -5.221  1.00 0.00 ? 27 MET A HE2  1 
ATOM 422  H HE3  . MET A 1 27 ? 6.669   4.243   -5.423  1.00 0.00 ? 27 MET A HE3  1 
ATOM 423  N N    . LEU A 1 28 ? 3.310   2.856   -6.064  1.00 0.00 ? 28 LEU A N    1 
ATOM 424  C CA   . LEU A 1 28 ? 2.010   2.958   -6.785  1.00 0.00 ? 28 LEU A CA   1 
ATOM 425  C C    . LEU A 1 28 ? 2.057   4.111   -7.787  1.00 0.00 ? 28 LEU A C    1 
ATOM 426  O O    . LEU A 1 28 ? 2.297   5.247   -7.431  1.00 0.00 ? 28 LEU A O    1 
ATOM 427  C CB   . LEU A 1 28 ? 0.888   3.207   -5.775  1.00 0.00 ? 28 LEU A CB   1 
ATOM 428  C CG   . LEU A 1 28 ? 0.864   2.076   -4.745  1.00 0.00 ? 28 LEU A CG   1 
ATOM 429  C CD1  . LEU A 1 28 ? 1.436   0.802   -5.367  1.00 0.00 ? 28 LEU A CD1  1 
ATOM 430  C CD2  . LEU A 1 28 ? 1.711   2.476   -3.534  1.00 0.00 ? 28 LEU A CD2  1 
ATOM 431  H H    . LEU A 1 28 ? 3.448   3.345   -5.226  1.00 0.00 ? 28 LEU A H    1 
ATOM 432  H HA   . LEU A 1 28 ? 1.819   2.034   -7.312  1.00 0.00 ? 28 LEU A HA   1 
ATOM 433  H HB2  . LEU A 1 28 ? 1.059   4.148   -5.273  1.00 0.00 ? 28 LEU A HB2  1 
ATOM 434  H HB3  . LEU A 1 28 ? -0.059  3.241   -6.290  1.00 0.00 ? 28 LEU A HB3  1 
ATOM 435  H HG   . LEU A 1 28 ? -0.154  1.897   -4.431  1.00 0.00 ? 28 LEU A HG   1 
ATOM 436  H HD11 . LEU A 1 28 ? 2.509   0.894   -5.458  1.00 0.00 ? 28 LEU A HD11 1 
ATOM 437  H HD12 . LEU A 1 28 ? 1.199   -0.044  -4.738  1.00 0.00 ? 28 LEU A HD12 1 
ATOM 438  H HD13 . LEU A 1 28 ? 1.005   0.653   -6.346  1.00 0.00 ? 28 LEU A HD13 1 
ATOM 439  H HD21 . LEU A 1 28 ? 2.388   1.671   -3.287  1.00 0.00 ? 28 LEU A HD21 1 
ATOM 440  H HD22 . LEU A 1 28 ? 2.278   3.364   -3.769  1.00 0.00 ? 28 LEU A HD22 1 
ATOM 441  H HD23 . LEU A 1 28 ? 1.064   2.673   -2.693  1.00 0.00 ? 28 LEU A HD23 1 
ATOM 442  N N    . LYS A 1 29 ? 1.823   3.829   -9.038  1.00 0.00 ? 29 LYS A N    1 
ATOM 443  C CA   . LYS A 1 29 ? 1.846   4.910   -10.062 1.00 0.00 ? 29 LYS A CA   1 
ATOM 444  C C    . LYS A 1 29 ? 0.565   5.741   -9.952  1.00 0.00 ? 29 LYS A C    1 
ATOM 445  O O    . LYS A 1 29 ? 0.374   6.701   -10.671 1.00 0.00 ? 29 LYS A O    1 
ATOM 446  C CB   . LYS A 1 29 ? 1.931   4.288   -11.456 1.00 0.00 ? 29 LYS A CB   1 
ATOM 447  C CG   . LYS A 1 29 ? 2.968   5.044   -12.290 1.00 0.00 ? 29 LYS A CG   1 
ATOM 448  C CD   . LYS A 1 29 ? 2.616   4.925   -13.774 1.00 0.00 ? 29 LYS A CD   1 
ATOM 449  C CE   . LYS A 1 29 ? 3.811   5.370   -14.620 1.00 0.00 ? 29 LYS A CE   1 
ATOM 450  N NZ   . LYS A 1 29 ? 3.648   4.867   -16.013 1.00 0.00 ? 29 LYS A NZ   1 
ATOM 451  H H    . LYS A 1 29 ? 1.625   2.906   -9.304  1.00 0.00 ? 29 LYS A H    1 
ATOM 452  H HA   . LYS A 1 29 ? 2.704   5.544   -9.896  1.00 0.00 ? 29 LYS A HA   1 
ATOM 453  H HB2  . LYS A 1 29 ? 2.223   3.251   -11.371 1.00 0.00 ? 29 LYS A HB2  1 
ATOM 454  H HB3  . LYS A 1 29 ? 0.967   4.353   -11.939 1.00 0.00 ? 29 LYS A HB3  1 
ATOM 455  H HG2  . LYS A 1 29 ? 2.970   6.086   -12.002 1.00 0.00 ? 29 LYS A HG2  1 
ATOM 456  H HG3  . LYS A 1 29 ? 3.946   4.621   -12.118 1.00 0.00 ? 29 LYS A HG3  1 
ATOM 457  H HD2  . LYS A 1 29 ? 2.373   3.897   -14.004 1.00 0.00 ? 29 LYS A HD2  1 
ATOM 458  H HD3  . LYS A 1 29 ? 1.767   5.554   -13.995 1.00 0.00 ? 29 LYS A HD3  1 
ATOM 459  H HE2  . LYS A 1 29 ? 3.862   6.449   -14.630 1.00 0.00 ? 29 LYS A HE2  1 
ATOM 460  H HE3  . LYS A 1 29 ? 4.721   4.971   -14.196 1.00 0.00 ? 29 LYS A HE3  1 
ATOM 461  H HZ1  . LYS A 1 29 ? 3.623   3.828   -16.005 1.00 0.00 ? 29 LYS A HZ1  1 
ATOM 462  H HZ2  . LYS A 1 29 ? 2.759   5.232   -16.411 1.00 0.00 ? 29 LYS A HZ2  1 
ATOM 463  H HZ3  . LYS A 1 29 ? 4.447   5.188   -16.594 1.00 0.00 ? 29 LYS A HZ3  1 
ATOM 464  N N    . GLY A 1 30 ? -0.314  5.381   -9.056  1.00 0.00 ? 30 GLY A N    1 
ATOM 465  C CA   . GLY A 1 30 ? -1.581  6.150   -8.901  1.00 0.00 ? 30 GLY A CA   1 
ATOM 466  C C    . GLY A 1 30 ? -2.763  5.280   -9.333  1.00 0.00 ? 30 GLY A C    1 
ATOM 467  O O    . GLY A 1 30 ? -3.900  5.559   -9.012  1.00 0.00 ? 30 GLY A O    1 
ATOM 468  H H    . GLY A 1 30 ? -0.143  4.603   -8.485  1.00 0.00 ? 30 GLY A H    1 
ATOM 469  H HA2  . GLY A 1 30 ? -1.702  6.438   -7.865  1.00 0.00 ? 30 GLY A HA2  1 
ATOM 470  H HA3  . GLY A 1 30 ? -1.543  7.034   -9.519  1.00 0.00 ? 30 GLY A HA3  1 
ATOM 471  N N    . ASP A 1 31 ? -2.503  4.228   -10.060 1.00 0.00 ? 31 ASP A N    1 
ATOM 472  C CA   . ASP A 1 31 ? -3.610  3.342   -10.513 1.00 0.00 ? 31 ASP A CA   1 
ATOM 473  C C    . ASP A 1 31 ? -3.681  2.109   -9.610  1.00 0.00 ? 31 ASP A C    1 
ATOM 474  O O    . ASP A 1 31 ? -4.677  1.414   -9.571  1.00 0.00 ? 31 ASP A O    1 
ATOM 475  C CB   . ASP A 1 31 ? -3.352  2.903   -11.955 1.00 0.00 ? 31 ASP A CB   1 
ATOM 476  C CG   . ASP A 1 31 ? -1.966  2.264   -12.053 1.00 0.00 ? 31 ASP A CG   1 
ATOM 477  O OD1  . ASP A 1 31 ? -1.864  1.076   -11.791 1.00 0.00 ? 31 ASP A OD1  1 
ATOM 478  O OD2  . ASP A 1 31 ? -1.030  2.972   -12.389 1.00 0.00 ? 31 ASP A OD2  1 
ATOM 479  H H    . ASP A 1 31 ? -1.578  4.020   -10.309 1.00 0.00 ? 31 ASP A H    1 
ATOM 480  H HA   . ASP A 1 31 ? -4.546  3.881   -10.463 1.00 0.00 ? 31 ASP A HA   1 
ATOM 481  H HB2  . ASP A 1 31 ? -4.102  2.186   -12.251 1.00 0.00 ? 31 ASP A HB2  1 
ATOM 482  H HB3  . ASP A 1 31 ? -3.397  3.762   -12.607 1.00 0.00 ? 31 ASP A HB3  1 
ATOM 483  N N    . THR A 1 32 ? -2.632  1.830   -8.886  1.00 0.00 ? 32 THR A N    1 
ATOM 484  C CA   . THR A 1 32 ? -2.639  0.641   -7.987  1.00 0.00 ? 32 THR A CA   1 
ATOM 485  C C    . THR A 1 32 ? -3.976  0.562   -7.250  1.00 0.00 ? 32 THR A C    1 
ATOM 486  O O    . THR A 1 32 ? -4.442  1.532   -6.685  1.00 0.00 ? 32 THR A O    1 
ATOM 487  C CB   . THR A 1 32 ? -1.502  0.765   -6.971  1.00 0.00 ? 32 THR A CB   1 
ATOM 488  O OG1  . THR A 1 32 ? -0.475  1.583   -7.512  1.00 0.00 ? 32 THR A OG1  1 
ATOM 489  C CG2  . THR A 1 32 ? -0.941  -0.623  -6.657  1.00 0.00 ? 32 THR A CG2  1 
ATOM 490  H H    . THR A 1 32 ? -1.838  2.403   -8.934  1.00 0.00 ? 32 THR A H    1 
ATOM 491  H HA   . THR A 1 32 ? -2.499  -0.254  -8.574  1.00 0.00 ? 32 THR A HA   1 
ATOM 492  H HB   . THR A 1 32 ? -1.879  1.209   -6.063  1.00 0.00 ? 32 THR A HB   1 
ATOM 493  H HG1  . THR A 1 32 ? -0.245  1.236   -8.377  1.00 0.00 ? 32 THR A HG1  1 
ATOM 494  H HG21 . THR A 1 32 ? -0.262  -0.922  -7.443  1.00 0.00 ? 32 THR A HG21 1 
ATOM 495  H HG22 . THR A 1 32 ? -0.412  -0.593  -5.716  1.00 0.00 ? 32 THR A HG22 1 
ATOM 496  H HG23 . THR A 1 32 ? -1.752  -1.333  -6.593  1.00 0.00 ? 32 THR A HG23 1 
ATOM 497  N N    . THR A 1 33 ? -4.597  -0.585  -7.249  1.00 0.00 ? 33 THR A N    1 
ATOM 498  C CA   . THR A 1 33 ? -5.904  -0.723  -6.546  1.00 0.00 ? 33 THR A CA   1 
ATOM 499  C C    . THR A 1 33 ? -5.700  -1.529  -5.268  1.00 0.00 ? 33 THR A C    1 
ATOM 500  O O    . THR A 1 33 ? -4.591  -1.873  -4.909  1.00 0.00 ? 33 THR A O    1 
ATOM 501  C CB   . THR A 1 33 ? -6.918  -1.461  -7.433  1.00 0.00 ? 33 THR A CB   1 
ATOM 502  O OG1  . THR A 1 33 ? -7.171  -2.742  -6.884  1.00 0.00 ? 33 THR A OG1  1 
ATOM 503  C CG2  . THR A 1 33 ? -6.377  -1.627  -8.855  1.00 0.00 ? 33 THR A CG2  1 
ATOM 504  H H    . THR A 1 33 ? -4.205  -1.355  -7.710  1.00 0.00 ? 33 THR A H    1 
ATOM 505  H HA   . THR A 1 33 ? -6.286  0.255   -6.301  1.00 0.00 ? 33 THR A HA   1 
ATOM 506  H HB   . THR A 1 33 ? -7.838  -0.903  -7.465  1.00 0.00 ? 33 THR A HB   1 
ATOM 507  H HG1  . THR A 1 33 ? -7.641  -3.259  -7.542  1.00 0.00 ? 33 THR A HG1  1 
ATOM 508  H HG21 . THR A 1 33 ? -7.188  -1.525  -9.559  1.00 0.00 ? 33 THR A HG21 1 
ATOM 509  H HG22 . THR A 1 33 ? -5.632  -0.874  -9.055  1.00 0.00 ? 33 THR A HG22 1 
ATOM 510  H HG23 . THR A 1 33 ? -5.937  -2.608  -8.958  1.00 0.00 ? 33 THR A HG23 1 
ATOM 511  N N    . TYR A 1 34 ? -6.762  -1.856  -4.588  1.00 0.00 ? 34 TYR A N    1 
ATOM 512  C CA   . TYR A 1 34 ? -6.621  -2.665  -3.349  1.00 0.00 ? 34 TYR A CA   1 
ATOM 513  C C    . TYR A 1 34 ? -6.371  -4.110  -3.764  1.00 0.00 ? 34 TYR A C    1 
ATOM 514  O O    . TYR A 1 34 ? -5.592  -4.820  -3.159  1.00 0.00 ? 34 TYR A O    1 
ATOM 515  C CB   . TYR A 1 34 ? -7.903  -2.582  -2.522  1.00 0.00 ? 34 TYR A CB   1 
ATOM 516  C CG   . TYR A 1 34 ? -7.849  -3.608  -1.416  1.00 0.00 ? 34 TYR A CG   1 
ATOM 517  C CD1  . TYR A 1 34 ? -6.998  -3.416  -0.321  1.00 0.00 ? 34 TYR A CD1  1 
ATOM 518  C CD2  . TYR A 1 34 ? -8.649  -4.755  -1.489  1.00 0.00 ? 34 TYR A CD2  1 
ATOM 519  C CE1  . TYR A 1 34 ? -6.946  -4.371  0.701   1.00 0.00 ? 34 TYR A CE1  1 
ATOM 520  C CE2  . TYR A 1 34 ? -8.598  -5.710  -0.467  1.00 0.00 ? 34 TYR A CE2  1 
ATOM 521  C CZ   . TYR A 1 34 ? -7.746  -5.519  0.629   1.00 0.00 ? 34 TYR A CZ   1 
ATOM 522  O OH   . TYR A 1 34 ? -7.695  -6.460  1.636   1.00 0.00 ? 34 TYR A OH   1 
ATOM 523  H H    . TYR A 1 34 ? -7.649  -1.585  -4.903  1.00 0.00 ? 34 TYR A H    1 
ATOM 524  H HA   . TYR A 1 34 ? -5.782  -2.305  -2.770  1.00 0.00 ? 34 TYR A HA   1 
ATOM 525  H HB2  . TYR A 1 34 ? -7.991  -1.594  -2.094  1.00 0.00 ? 34 TYR A HB2  1 
ATOM 526  H HB3  . TYR A 1 34 ? -8.755  -2.779  -3.154  1.00 0.00 ? 34 TYR A HB3  1 
ATOM 527  H HD1  . TYR A 1 34 ? -6.382  -2.531  -0.266  1.00 0.00 ? 34 TYR A HD1  1 
ATOM 528  H HD2  . TYR A 1 34 ? -9.305  -4.903  -2.334  1.00 0.00 ? 34 TYR A HD2  1 
ATOM 529  H HE1  . TYR A 1 34 ? -6.287  -4.224  1.545   1.00 0.00 ? 34 TYR A HE1  1 
ATOM 530  H HE2  . TYR A 1 34 ? -9.214  -6.595  -0.524  1.00 0.00 ? 34 TYR A HE2  1 
ATOM 531  H HH   . TYR A 1 34 ? -6.810  -6.449  2.008   1.00 0.00 ? 34 TYR A HH   1 
ATOM 532  N N    . LYS A 1 35 ? -7.015  -4.543  -4.813  1.00 0.00 ? 35 LYS A N    1 
ATOM 533  C CA   . LYS A 1 35 ? -6.803  -5.933  -5.296  1.00 0.00 ? 35 LYS A CA   1 
ATOM 534  C C    . LYS A 1 35 ? -5.442  -5.997  -5.987  1.00 0.00 ? 35 LYS A C    1 
ATOM 535  O O    . LYS A 1 35 ? -4.714  -6.961  -5.859  1.00 0.00 ? 35 LYS A O    1 
ATOM 536  C CB   . LYS A 1 35 ? -7.908  -6.310  -6.286  1.00 0.00 ? 35 LYS A CB   1 
ATOM 537  C CG   . LYS A 1 35 ? -9.230  -6.479  -5.533  1.00 0.00 ? 35 LYS A CG   1 
ATOM 538  C CD   . LYS A 1 35 ? -10.027 -7.631  -6.148  1.00 0.00 ? 35 LYS A CD   1 
ATOM 539  C CE   . LYS A 1 35 ? -11.480 -7.556  -5.678  1.00 0.00 ? 35 LYS A CE   1 
ATOM 540  N NZ   . LYS A 1 35 ? -12.122 -8.893  -5.828  1.00 0.00 ? 35 LYS A NZ   1 
ATOM 541  H H    . LYS A 1 35 ? -7.627  -3.942  -5.291  1.00 0.00 ? 35 LYS A H    1 
ATOM 542  H HA   . LYS A 1 35 ? -6.815  -6.616  -4.458  1.00 0.00 ? 35 LYS A HA   1 
ATOM 543  H HB2  . LYS A 1 35 ? -8.011  -5.529  -7.026  1.00 0.00 ? 35 LYS A HB2  1 
ATOM 544  H HB3  . LYS A 1 35 ? -7.654  -7.239  -6.773  1.00 0.00 ? 35 LYS A HB3  1 
ATOM 545  H HG2  . LYS A 1 35 ? -9.027  -6.695  -4.493  1.00 0.00 ? 35 LYS A HG2  1 
ATOM 546  H HG3  . LYS A 1 35 ? -9.805  -5.568  -5.605  1.00 0.00 ? 35 LYS A HG3  1 
ATOM 547  H HD2  . LYS A 1 35 ? -9.992  -7.558  -7.225  1.00 0.00 ? 35 LYS A HD2  1 
ATOM 548  H HD3  . LYS A 1 35 ? -9.598  -8.572  -5.837  1.00 0.00 ? 35 LYS A HD3  1 
ATOM 549  H HE2  . LYS A 1 35 ? -11.509 -7.258  -4.640  1.00 0.00 ? 35 LYS A HE2  1 
ATOM 550  H HE3  . LYS A 1 35 ? -12.016 -6.832  -6.275  1.00 0.00 ? 35 LYS A HE3  1 
ATOM 551  H HZ1  . LYS A 1 35 ? -11.727 -9.377  -6.659  1.00 0.00 ? 35 LYS A HZ1  1 
ATOM 552  H HZ2  . LYS A 1 35 ? -11.940 -9.462  -4.975  1.00 0.00 ? 35 LYS A HZ2  1 
ATOM 553  H HZ3  . LYS A 1 35 ? -13.147 -8.775  -5.954  1.00 0.00 ? 35 LYS A HZ3  1 
ATOM 554  N N    . GLU A 1 36 ? -5.078  -4.962  -6.702  1.00 0.00 ? 36 GLU A N    1 
ATOM 555  C CA   . GLU A 1 36 ? -3.750  -4.960  -7.374  1.00 0.00 ? 36 GLU A CA   1 
ATOM 556  C C    . GLU A 1 36 ? -2.683  -5.071  -6.290  1.00 0.00 ? 36 GLU A C    1 
ATOM 557  O O    . GLU A 1 36 ? -1.754  -5.847  -6.382  1.00 0.00 ? 36 GLU A O    1 
ATOM 558  C CB   . GLU A 1 36 ? -3.556  -3.657  -8.149  1.00 0.00 ? 36 GLU A CB   1 
ATOM 559  C CG   . GLU A 1 36 ? -2.751  -3.930  -9.422  1.00 0.00 ? 36 GLU A CG   1 
ATOM 560  C CD   . GLU A 1 36 ? -3.707  -4.280  -10.565 1.00 0.00 ? 36 GLU A CD   1 
ATOM 561  O OE1  . GLU A 1 36 ? -4.380  -5.290  -10.458 1.00 0.00 ? 36 GLU A OE1  1 
ATOM 562  O OE2  . GLU A 1 36 ? -3.748  -3.530  -11.526 1.00 0.00 ? 36 GLU A OE2  1 
ATOM 563  H H    . GLU A 1 36 ? -5.669  -4.186  -6.780  1.00 0.00 ? 36 GLU A H    1 
ATOM 564  H HA   . GLU A 1 36 ? -3.685  -5.796  -8.048  1.00 0.00 ? 36 GLU A HA   1 
ATOM 565  H HB2  . GLU A 1 36 ? -4.511  -3.259  -8.411  1.00 0.00 ? 36 GLU A HB2  1 
ATOM 566  H HB3  . GLU A 1 36 ? -3.030  -2.944  -7.538  1.00 0.00 ? 36 GLU A HB3  1 
ATOM 567  H HG2  . GLU A 1 36 ? -2.184  -3.048  -9.684  1.00 0.00 ? 36 GLU A HG2  1 
ATOM 568  H HG3  . GLU A 1 36 ? -2.078  -4.756  -9.254  1.00 0.00 ? 36 GLU A HG3  1 
ATOM 569  N N    . LEU A 1 37 ? -2.833  -4.300  -5.248  1.00 0.00 ? 37 LEU A N    1 
ATOM 570  C CA   . LEU A 1 37 ? -1.870  -4.343  -4.127  1.00 0.00 ? 37 LEU A CA   1 
ATOM 571  C C    . LEU A 1 37 ? -1.884  -5.755  -3.535  1.00 0.00 ? 37 LEU A C    1 
ATOM 572  O O    . LEU A 1 37 ? -0.862  -6.319  -3.195  1.00 0.00 ? 37 LEU A O    1 
ATOM 573  C CB   . LEU A 1 37 ? -2.326  -3.331  -3.068  1.00 0.00 ? 37 LEU A CB   1 
ATOM 574  C CG   . LEU A 1 37 ? -1.157  -2.913  -2.177  1.00 0.00 ? 37 LEU A CG   1 
ATOM 575  C CD1  . LEU A 1 37 ? -1.683  -2.639  -0.766  1.00 0.00 ? 37 LEU A CD1  1 
ATOM 576  C CD2  . LEU A 1 37 ? -0.120  -4.034  -2.124  1.00 0.00 ? 37 LEU A CD2  1 
ATOM 577  H H    . LEU A 1 37 ? -3.600  -3.697  -5.195  1.00 0.00 ? 37 LEU A H    1 
ATOM 578  H HA   . LEU A 1 37 ? -0.883  -4.093  -4.482  1.00 0.00 ? 37 LEU A HA   1 
ATOM 579  H HB2  . LEU A 1 37 ? -2.728  -2.457  -3.561  1.00 0.00 ? 37 LEU A HB2  1 
ATOM 580  H HB3  . LEU A 1 37 ? -3.097  -3.778  -2.458  1.00 0.00 ? 37 LEU A HB3  1 
ATOM 581  H HG   . LEU A 1 37 ? -0.704  -2.016  -2.575  1.00 0.00 ? 37 LEU A HG   1 
ATOM 582  H HD11 . LEU A 1 37 ? -1.736  -1.574  -0.603  1.00 0.00 ? 37 LEU A HD11 1 
ATOM 583  H HD12 . LEU A 1 37 ? -2.670  -3.068  -0.661  1.00 0.00 ? 37 LEU A HD12 1 
ATOM 584  H HD13 . LEU A 1 37 ? -1.019  -3.084  -0.040  1.00 0.00 ? 37 LEU A HD13 1 
ATOM 585  H HD21 . LEU A 1 37 ? 0.235   -4.251  -3.118  1.00 0.00 ? 37 LEU A HD21 1 
ATOM 586  H HD22 . LEU A 1 37 ? 0.710   -3.725  -1.507  1.00 0.00 ? 37 LEU A HD22 1 
ATOM 587  H HD23 . LEU A 1 37 ? -0.572  -4.917  -1.700  1.00 0.00 ? 37 LEU A HD23 1 
ATOM 588  N N    . ARG A 1 38 ? -3.052  -6.324  -3.419  1.00 0.00 ? 38 ARG A N    1 
ATOM 589  C CA   . ARG A 1 38 ? -3.179  -7.696  -2.859  1.00 0.00 ? 38 ARG A CA   1 
ATOM 590  C C    . ARG A 1 38 ? -2.321  -8.673  -3.664  1.00 0.00 ? 38 ARG A C    1 
ATOM 591  O O    . ARG A 1 38 ? -1.655  -9.522  -3.115  1.00 0.00 ? 38 ARG A O    1 
ATOM 592  C CB   . ARG A 1 38 ? -4.644  -8.126  -2.930  1.00 0.00 ? 38 ARG A CB   1 
ATOM 593  C CG   . ARG A 1 38 ? -5.140  -8.455  -1.525  1.00 0.00 ? 38 ARG A CG   1 
ATOM 594  C CD   . ARG A 1 38 ? -6.580  -8.965  -1.595  1.00 0.00 ? 38 ARG A CD   1 
ATOM 595  N NE   . ARG A 1 38 ? -6.676  -10.276 -0.896  1.00 0.00 ? 38 ARG A NE   1 
ATOM 596  C CZ   . ARG A 1 38 ? -7.757  -10.997 -1.007  1.00 0.00 ? 38 ARG A CZ   1 
ATOM 597  N NH1  . ARG A 1 38 ? -8.212  -11.314 -2.188  1.00 0.00 ? 38 ARG A NH1  1 
ATOM 598  N NH2  . ARG A 1 38 ? -8.385  -11.402 0.063   1.00 0.00 ? 38 ARG A NH2  1 
ATOM 599  H H    . ARG A 1 38 ? -3.854  -5.843  -3.707  1.00 0.00 ? 38 ARG A H    1 
ATOM 600  H HA   . ARG A 1 38 ? -2.854  -7.695  -1.829  1.00 0.00 ? 38 ARG A HA   1 
ATOM 601  H HB2  . ARG A 1 38 ? -5.235  -7.320  -3.341  1.00 0.00 ? 38 ARG A HB2  1 
ATOM 602  H HB3  . ARG A 1 38 ? -4.738  -8.997  -3.558  1.00 0.00 ? 38 ARG A HB3  1 
ATOM 603  H HG2  . ARG A 1 38 ? -4.508  -9.216  -1.093  1.00 0.00 ? 38 ARG A HG2  1 
ATOM 604  H HG3  . ARG A 1 38 ? -5.104  -7.566  -0.914  1.00 0.00 ? 38 ARG A HG3  1 
ATOM 605  H HD2  . ARG A 1 38 ? -7.238  -8.254  -1.118  1.00 0.00 ? 38 ARG A HD2  1 
ATOM 606  H HD3  . ARG A 1 38 ? -6.869  -9.086  -2.629  1.00 0.00 ? 38 ARG A HD3  1 
ATOM 607  H HE   . ARG A 1 38 ? -5.927  -10.599 -0.352  1.00 0.00 ? 38 ARG A HE   1 
ATOM 608  H HH11 . ARG A 1 38 ? -7.730  -11.004 -3.008  1.00 0.00 ? 38 ARG A HH11 1 
ATOM 609  H HH12 . ARG A 1 38 ? -9.042  -11.866 -2.275  1.00 0.00 ? 38 ARG A HH12 1 
ATOM 610  H HH21 . ARG A 1 38 ? -8.035  -11.160 0.968   1.00 0.00 ? 38 ARG A HH21 1 
ATOM 611  H HH22 . ARG A 1 38 ? -9.214  -11.954 -0.022  1.00 0.00 ? 38 ARG A HH22 1 
ATOM 612  N N    . SER A 1 39 ? -2.335  -8.565  -4.961  1.00 0.00 ? 39 SER A N    1 
ATOM 613  C CA   . SER A 1 39 ? -1.518  -9.497  -5.792  1.00 0.00 ? 39 SER A CA   1 
ATOM 614  C C    . SER A 1 39 ? -0.058  -9.039  -5.785  1.00 0.00 ? 39 SER A C    1 
ATOM 615  O O    . SER A 1 39 ? 0.834   -9.768  -6.174  1.00 0.00 ? 39 SER A O    1 
ATOM 616  C CB   . SER A 1 39 ? -2.045  -9.501  -7.226  1.00 0.00 ? 39 SER A CB   1 
ATOM 617  O OG   . SER A 1 39 ? -1.606  -10.683 -7.884  1.00 0.00 ? 39 SER A OG   1 
ATOM 618  H H    . SER A 1 39 ? -2.884  -7.877  -5.389  1.00 0.00 ? 39 SER A H    1 
ATOM 619  H HA   . SER A 1 39 ? -1.582  -10.495 -5.380  1.00 0.00 ? 39 SER A HA   1 
ATOM 620  H HB2  . SER A 1 39 ? -3.122  -9.481  -7.217  1.00 0.00 ? 39 SER A HB2  1 
ATOM 621  H HB3  . SER A 1 39 ? -1.676  -8.628  -7.747  1.00 0.00 ? 39 SER A HB3  1 
ATOM 622  H HG   . SER A 1 39 ? -2.380  -11.145 -8.212  1.00 0.00 ? 39 SER A HG   1 
ATOM 623  N N    . LYS A 1 40 ? 0.192   -7.838  -5.344  1.00 0.00 ? 40 LYS A N    1 
ATOM 624  C CA   . LYS A 1 40 ? 1.592   -7.328  -5.309  1.00 0.00 ? 40 LYS A CA   1 
ATOM 625  C C    . LYS A 1 40 ? 2.227   -7.672  -3.960  1.00 0.00 ? 40 LYS A C    1 
ATOM 626  O O    . LYS A 1 40 ? 3.431   -7.651  -3.802  1.00 0.00 ? 40 LYS A O    1 
ATOM 627  C CB   . LYS A 1 40 ? 1.581   -5.813  -5.492  1.00 0.00 ? 40 LYS A CB   1 
ATOM 628  C CG   . LYS A 1 40 ? 1.148   -5.478  -6.918  1.00 0.00 ? 40 LYS A CG   1 
ATOM 629  C CD   . LYS A 1 40 ? 0.995   -3.966  -7.057  1.00 0.00 ? 40 LYS A CD   1 
ATOM 630  C CE   . LYS A 1 40 ? -0.335  -3.644  -7.741  1.00 0.00 ? 40 LYS A CE   1 
ATOM 631  N NZ   . LYS A 1 40 ? -0.072  -3.116  -9.109  1.00 0.00 ? 40 LYS A NZ   1 
ATOM 632  H H    . LYS A 1 40 ? -0.543  -7.268  -5.035  1.00 0.00 ? 40 LYS A H    1 
ATOM 633  H HA   . LYS A 1 40 ? 2.162   -7.780  -6.106  1.00 0.00 ? 40 LYS A HA   1 
ATOM 634  H HB2  . LYS A 1 40 ? 0.888   -5.371  -4.791  1.00 0.00 ? 40 LYS A HB2  1 
ATOM 635  H HB3  . LYS A 1 40 ? 2.571   -5.421  -5.317  1.00 0.00 ? 40 LYS A HB3  1 
ATOM 636  H HG2  . LYS A 1 40 ? 1.896   -5.832  -7.614  1.00 0.00 ? 40 LYS A HG2  1 
ATOM 637  H HG3  . LYS A 1 40 ? 0.203   -5.955  -7.131  1.00 0.00 ? 40 LYS A HG3  1 
ATOM 638  H HD2  . LYS A 1 40 ? 1.017   -3.515  -6.076  1.00 0.00 ? 40 LYS A HD2  1 
ATOM 639  H HD3  . LYS A 1 40 ? 1.807   -3.578  -7.651  1.00 0.00 ? 40 LYS A HD3  1 
ATOM 640  H HE2  . LYS A 1 40 ? -0.933  -4.541  -7.809  1.00 0.00 ? 40 LYS A HE2  1 
ATOM 641  H HE3  . LYS A 1 40 ? -0.867  -2.902  -7.165  1.00 0.00 ? 40 LYS A HE3  1 
ATOM 642  H HZ1  . LYS A 1 40 ? -0.560  -2.207  -9.231  1.00 0.00 ? 40 LYS A HZ1  1 
ATOM 643  H HZ2  . LYS A 1 40 ? 0.952   -2.980  -9.237  1.00 0.00 ? 40 LYS A HZ2  1 
ATOM 644  H HZ3  . LYS A 1 40 ? -0.423  -3.794  -9.816  1.00 0.00 ? 40 LYS A HZ3  1 
ATOM 645  N N    . ILE A 1 41 ? 1.420   -7.982  -2.982  1.00 0.00 ? 41 ILE A N    1 
ATOM 646  C CA   . ILE A 1 41 ? 1.962   -8.319  -1.633  1.00 0.00 ? 41 ILE A CA   1 
ATOM 647  C C    . ILE A 1 41 ? 1.929   -9.835  -1.423  1.00 0.00 ? 41 ILE A C    1 
ATOM 648  O O    . ILE A 1 41 ? 2.799   -10.408 -0.802  1.00 0.00 ? 41 ILE A O    1 
ATOM 649  C CB   . ILE A 1 41 ? 1.087   -7.662  -0.573  1.00 0.00 ? 41 ILE A CB   1 
ATOM 650  C CG1  . ILE A 1 41 ? 1.378   -6.171  -0.496  1.00 0.00 ? 41 ILE A CG1  1 
ATOM 651  C CG2  . ILE A 1 41 ? 1.371   -8.292  0.784   1.00 0.00 ? 41 ILE A CG2  1 
ATOM 652  C CD1  . ILE A 1 41 ? 0.312   -5.520  0.377   1.00 0.00 ? 41 ILE A CD1  1 
ATOM 653  H H    . ILE A 1 41 ? 0.451   -7.984  -3.132  1.00 0.00 ? 41 ILE A H    1 
ATOM 654  H HA   . ILE A 1 41 ? 2.975   -7.957  -1.544  1.00 0.00 ? 41 ILE A HA   1 
ATOM 655  H HB   . ILE A 1 41 ? 0.046   -7.813  -0.825  1.00 0.00 ? 41 ILE A HB   1 
ATOM 656  H HG12 . ILE A 1 41 ? 2.354   -6.014  -0.058  1.00 0.00 ? 41 ILE A HG12 1 
ATOM 657  H HG13 . ILE A 1 41 ? 1.348   -5.742  -1.486  1.00 0.00 ? 41 ILE A HG13 1 
ATOM 658  H HG21 . ILE A 1 41 ? 2.413   -8.565  0.842   1.00 0.00 ? 41 ILE A HG21 1 
ATOM 659  H HG22 . ILE A 1 41 ? 1.140   -7.580  1.565   1.00 0.00 ? 41 ILE A HG22 1 
ATOM 660  H HG23 . ILE A 1 41 ? 0.757   -9.170  0.903   1.00 0.00 ? 41 ILE A HG23 1 
ATOM 661  H HD11 . ILE A 1 41 ? -0.630  -6.024  0.219   1.00 0.00 ? 41 ILE A HD11 1 
ATOM 662  H HD12 . ILE A 1 41 ? 0.599   -5.606  1.414   1.00 0.00 ? 41 ILE A HD12 1 
ATOM 663  H HD13 . ILE A 1 41 ? 0.214   -4.481  0.115   1.00 0.00 ? 41 ILE A HD13 1 
ATOM 664  N N    . ALA A 1 42 ? 0.915   -10.476 -1.926  1.00 0.00 ? 42 ALA A N    1 
ATOM 665  C CA   . ALA A 1 42 ? 0.784   -11.954 -1.761  1.00 0.00 ? 42 ALA A CA   1 
ATOM 666  C C    . ALA A 1 42 ? 2.129   -12.657 -1.984  1.00 0.00 ? 42 ALA A C    1 
ATOM 667  O O    . ALA A 1 42 ? 2.541   -13.451 -1.162  1.00 0.00 ? 42 ALA A O    1 
ATOM 668  C CB   . ALA A 1 42 ? -0.239  -12.485 -2.763  1.00 0.00 ? 42 ALA A CB   1 
ATOM 669  H H    . ALA A 1 42 ? 0.224   -9.979  -2.408  1.00 0.00 ? 42 ALA A H    1 
ATOM 670  H HA   . ALA A 1 42 ? 0.441   -12.169 -0.758  1.00 0.00 ? 42 ALA A HA   1 
ATOM 671  H HB1  . ALA A 1 42 ? -0.549  -11.685 -3.419  1.00 0.00 ? 42 ALA A HB1  1 
ATOM 672  H HB2  . ALA A 1 42 ? 0.206   -13.278 -3.345  1.00 0.00 ? 42 ALA A HB2  1 
ATOM 673  H HB3  . ALA A 1 42 ? -1.097  -12.867 -2.230  1.00 0.00 ? 42 ALA A HB3  1 
ATOM 674  N N    . PRO A 1 43 ? 2.779   -12.358 -3.081  1.00 0.00 ? 43 PRO A N    1 
ATOM 675  C CA   . PRO A 1 43 ? 4.077   -12.973 -3.403  1.00 0.00 ? 43 PRO A CA   1 
ATOM 676  C C    . PRO A 1 43 ? 5.158   -12.408 -2.484  1.00 0.00 ? 43 PRO A C    1 
ATOM 677  O O    . PRO A 1 43 ? 6.125   -13.069 -2.161  1.00 0.00 ? 43 PRO A O    1 
ATOM 678  C CB   . PRO A 1 43 ? 4.307   -12.600 -4.871  1.00 0.00 ? 43 PRO A CB   1 
ATOM 679  C CG   . PRO A 1 43 ? 3.422   -11.365 -5.149  1.00 0.00 ? 43 PRO A CG   1 
ATOM 680  C CD   . PRO A 1 43 ? 2.304   -11.381 -4.088  1.00 0.00 ? 43 PRO A CD   1 
ATOM 681  H HA   . PRO A 1 43 ? 4.020   -14.046 -3.301  1.00 0.00 ? 43 PRO A HA   1 
ATOM 682  H HB2  . PRO A 1 43 ? 5.349   -12.360 -5.034  1.00 0.00 ? 43 PRO A HB2  1 
ATOM 683  H HB3  . PRO A 1 43 ? 4.007   -13.414 -5.513  1.00 0.00 ? 43 PRO A HB3  1 
ATOM 684  H HG2  . PRO A 1 43 ? 4.009   -10.461 -5.059  1.00 0.00 ? 43 PRO A HG2  1 
ATOM 685  H HG3  . PRO A 1 43 ? 2.989   -11.431 -6.135  1.00 0.00 ? 43 PRO A HG3  1 
ATOM 686  H HD2  . PRO A 1 43 ? 2.194   -10.401 -3.652  1.00 0.00 ? 43 PRO A HD2  1 
ATOM 687  H HD3  . PRO A 1 43 ? 1.373   -11.714 -4.521  1.00 0.00 ? 43 PRO A HD3  1 
ATOM 688  N N    . ARG A 1 44 ? 4.983   -11.197 -2.038  1.00 0.00 ? 44 ARG A N    1 
ATOM 689  C CA   . ARG A 1 44 ? 5.978   -10.591 -1.113  1.00 0.00 ? 44 ARG A CA   1 
ATOM 690  C C    . ARG A 1 44 ? 5.668   -11.047 0.318   1.00 0.00 ? 44 ARG A C    1 
ATOM 691  O O    . ARG A 1 44 ? 6.394   -10.750 1.245   1.00 0.00 ? 44 ARG A O    1 
ATOM 692  C CB   . ARG A 1 44 ? 5.888   -9.066  -1.194  1.00 0.00 ? 44 ARG A CB   1 
ATOM 693  C CG   . ARG A 1 44 ? 6.703   -8.570  -2.389  1.00 0.00 ? 44 ARG A CG   1 
ATOM 694  C CD   . ARG A 1 44 ? 8.109   -8.190  -1.924  1.00 0.00 ? 44 ARG A CD   1 
ATOM 695  N NE   . ARG A 1 44 ? 9.042   -8.223  -3.085  1.00 0.00 ? 44 ARG A NE   1 
ATOM 696  C CZ   . ARG A 1 44 ? 8.908   -7.360  -4.055  1.00 0.00 ? 44 ARG A CZ   1 
ATOM 697  N NH1  . ARG A 1 44 ? 8.504   -6.147  -3.798  1.00 0.00 ? 44 ARG A NH1  1 
ATOM 698  N NH2  . ARG A 1 44 ? 9.176   -7.714  -5.282  1.00 0.00 ? 44 ARG A NH2  1 
ATOM 699  H H    . ARG A 1 44 ? 4.187   -10.691 -2.300  1.00 0.00 ? 44 ARG A H    1 
ATOM 700  H HA   . ARG A 1 44 ? 6.971   -10.911 -1.389  1.00 0.00 ? 44 ARG A HA   1 
ATOM 701  H HB2  . ARG A 1 44 ? 4.854   -8.773  -1.315  1.00 0.00 ? 44 ARG A HB2  1 
ATOM 702  H HB3  . ARG A 1 44 ? 6.282   -8.633  -0.288  1.00 0.00 ? 44 ARG A HB3  1 
ATOM 703  H HG2  . ARG A 1 44 ? 6.767   -9.353  -3.131  1.00 0.00 ? 44 ARG A HG2  1 
ATOM 704  H HG3  . ARG A 1 44 ? 6.221   -7.704  -2.819  1.00 0.00 ? 44 ARG A HG3  1 
ATOM 705  H HD2  . ARG A 1 44 ? 8.093   -7.195  -1.503  1.00 0.00 ? 44 ARG A HD2  1 
ATOM 706  H HD3  . ARG A 1 44 ? 8.442   -8.892  -1.174  1.00 0.00 ? 44 ARG A HD3  1 
ATOM 707  H HE   . ARG A 1 44 ? 9.756   -8.893  -3.120  1.00 0.00 ? 44 ARG A HE   1 
ATOM 708  H HH11 . ARG A 1 44 ? 8.298   -5.876  -2.857  1.00 0.00 ? 44 ARG A HH11 1 
ATOM 709  H HH12 . ARG A 1 44 ? 8.402   -5.486  -4.541  1.00 0.00 ? 44 ARG A HH12 1 
ATOM 710  H HH21 . ARG A 1 44 ? 9.484   -8.644  -5.479  1.00 0.00 ? 44 ARG A HH21 1 
ATOM 711  H HH22 . ARG A 1 44 ? 9.074   -7.053  -6.026  1.00 0.00 ? 44 ARG A HH22 1 
ATOM 712  N N    . ILE A 1 45 ? 4.594   -11.775 0.503   1.00 0.00 ? 45 ILE A N    1 
ATOM 713  C CA   . ILE A 1 45 ? 4.234   -12.256 1.867   1.00 0.00 ? 45 ILE A CA   1 
ATOM 714  C C    . ILE A 1 45 ? 4.598   -13.726 2.007   1.00 0.00 ? 45 ILE A C    1 
ATOM 715  O O    . ILE A 1 45 ? 4.913   -14.195 3.081   1.00 0.00 ? 45 ILE A O    1 
ATOM 716  C CB   . ILE A 1 45 ? 2.731   -12.173 2.078   1.00 0.00 ? 45 ILE A CB   1 
ATOM 717  C CG1  . ILE A 1 45 ? 2.209   -10.783 1.773   1.00 0.00 ? 45 ILE A CG1  1 
ATOM 718  C CG2  . ILE A 1 45 ? 2.429   -12.494 3.537   1.00 0.00 ? 45 ILE A CG2  1 
ATOM 719  C CD1  . ILE A 1 45 ? 1.330   -10.358 2.943   1.00 0.00 ? 45 ILE A CD1  1 
ATOM 720  H H    . ILE A 1 45 ? 4.023   -12.008 -0.257  1.00 0.00 ? 45 ILE A H    1 
ATOM 721  H HA   . ILE A 1 45 ? 4.739   -11.669 2.619   1.00 0.00 ? 45 ILE A HA   1 
ATOM 722  H HB   . ILE A 1 45 ? 2.238   -12.896 1.442   1.00 0.00 ? 45 ILE A HB   1 
ATOM 723  H HG12 . ILE A 1 45 ? 3.036   -10.098 1.659   1.00 0.00 ? 45 ILE A HG12 1 
ATOM 724  H HG13 . ILE A 1 45 ? 1.619   -10.808 0.867   1.00 0.00 ? 45 ILE A HG13 1 
ATOM 725  H HG21 . ILE A 1 45 ? 2.910   -13.421 3.805   1.00 0.00 ? 45 ILE A HG21 1 
ATOM 726  H HG22 . ILE A 1 45 ? 2.803   -11.698 4.164   1.00 0.00 ? 45 ILE A HG22 1 
ATOM 727  H HG23 . ILE A 1 45 ? 1.363   -12.586 3.672   1.00 0.00 ? 45 ILE A HG23 1 
ATOM 728  H HD11 . ILE A 1 45 ? 0.828   -9.433  2.713   1.00 0.00 ? 45 ILE A HD11 1 
ATOM 729  H HD12 . ILE A 1 45 ? 0.596   -11.132 3.134   1.00 0.00 ? 45 ILE A HD12 1 
ATOM 730  H HD13 . ILE A 1 45 ? 1.948   -10.227 3.820   1.00 0.00 ? 45 ILE A HD13 1 
ATOM 731  N N    . ASP A 1 46 ? 4.480   -14.451 0.927   1.00 0.00 ? 46 ASP A N    1 
ATOM 732  C CA   . ASP A 1 46 ? 4.735   -15.920 0.940   1.00 0.00 ? 46 ASP A CA   1 
ATOM 733  C C    . ASP A 1 46 ? 3.404   -16.623 1.216   1.00 0.00 ? 46 ASP A C    1 
ATOM 734  O O    . ASP A 1 46 ? 3.351   -17.818 1.427   1.00 0.00 ? 46 ASP A O    1 
ATOM 735  C CB   . ASP A 1 46 ? 5.746   -16.293 2.027   1.00 0.00 ? 46 ASP A CB   1 
ATOM 736  C CG   . ASP A 1 46 ? 6.931   -15.326 1.979   1.00 0.00 ? 46 ASP A CG   1 
ATOM 737  O OD1  . ASP A 1 46 ? 7.216   -14.822 0.906   1.00 0.00 ? 46 ASP A OD1  1 
ATOM 738  O OD2  . ASP A 1 46 ? 7.533   -15.107 3.017   1.00 0.00 ? 46 ASP A OD2  1 
ATOM 739  H H    . ASP A 1 46 ? 4.171   -14.028 0.101   1.00 0.00 ? 46 ASP A H    1 
ATOM 740  H HA   . ASP A 1 46 ? 5.110   -16.227 -0.026  1.00 0.00 ? 46 ASP A HA   1 
ATOM 741  H HB2  . ASP A 1 46 ? 5.267   -16.235 2.995   1.00 0.00 ? 46 ASP A HB2  1 
ATOM 742  H HB3  . ASP A 1 46 ? 6.098   -17.300 1.861   1.00 0.00 ? 46 ASP A HB3  1 
ATOM 743  N N    . THR A 1 47 ? 2.321   -15.879 1.214   1.00 0.00 ? 47 THR A N    1 
ATOM 744  C CA   . THR A 1 47 ? 0.989   -16.492 1.473   1.00 0.00 ? 47 THR A CA   1 
ATOM 745  C C    . THR A 1 47 ? -0.054  -15.823 0.578   1.00 0.00 ? 47 THR A C    1 
ATOM 746  O O    . THR A 1 47 ? 0.225   -14.855 -0.101  1.00 0.00 ? 47 THR A O    1 
ATOM 747  C CB   . THR A 1 47 ? 0.604   -16.282 2.941   1.00 0.00 ? 47 THR A CB   1 
ATOM 748  O OG1  . THR A 1 47 ? -0.782  -16.542 3.108   1.00 0.00 ? 47 THR A OG1  1 
ATOM 749  C CG2  . THR A 1 47 ? 0.907   -14.838 3.353   1.00 0.00 ? 47 THR A CG2  1 
ATOM 750  H H    . THR A 1 47 ? 2.384   -14.914 1.040   1.00 0.00 ? 47 THR A H    1 
ATOM 751  H HA   . THR A 1 47 ? 1.027   -17.549 1.258   1.00 0.00 ? 47 THR A HA   1 
ATOM 752  H HB   . THR A 1 47 ? 1.173   -16.954 3.561   1.00 0.00 ? 47 THR A HB   1 
ATOM 753  H HG1  . THR A 1 47 ? -0.875  -17.244 3.757   1.00 0.00 ? 47 THR A HG1  1 
ATOM 754  H HG21 . THR A 1 47 ? 1.751   -14.829 4.027   1.00 0.00 ? 47 THR A HG21 1 
ATOM 755  H HG22 . THR A 1 47 ? 1.143   -14.249 2.475   1.00 0.00 ? 47 THR A HG22 1 
ATOM 756  H HG23 . THR A 1 47 ? 0.045   -14.411 3.849   1.00 0.00 ? 47 THR A HG23 1 
ATOM 757  N N    . ASP A 1 48 ? -1.256  -16.327 0.574   1.00 0.00 ? 48 ASP A N    1 
ATOM 758  C CA   . ASP A 1 48 ? -2.314  -15.712 -0.276  1.00 0.00 ? 48 ASP A CA   1 
ATOM 759  C C    . ASP A 1 48 ? -3.350  -15.034 0.622   1.00 0.00 ? 48 ASP A C    1 
ATOM 760  O O    . ASP A 1 48 ? -4.229  -14.336 0.154   1.00 0.00 ? 48 ASP A O    1 
ATOM 761  C CB   . ASP A 1 48 ? -2.992  -16.795 -1.115  1.00 0.00 ? 48 ASP A CB   1 
ATOM 762  C CG   . ASP A 1 48 ? -2.461  -18.169 -0.702  1.00 0.00 ? 48 ASP A CG   1 
ATOM 763  O OD1  . ASP A 1 48 ? -1.331  -18.474 -1.047  1.00 0.00 ? 48 ASP A OD1  1 
ATOM 764  O OD2  . ASP A 1 48 ? -3.192  -18.893 -0.046  1.00 0.00 ? 48 ASP A OD2  1 
ATOM 765  H H    . ASP A 1 48 ? -1.464  -17.105 1.131   1.00 0.00 ? 48 ASP A H    1 
ATOM 766  H HA   . ASP A 1 48 ? -1.868  -14.977 -0.928  1.00 0.00 ? 48 ASP A HA   1 
ATOM 767  H HB2  . ASP A 1 48 ? -4.060  -16.758 -0.955  1.00 0.00 ? 48 ASP A HB2  1 
ATOM 768  H HB3  . ASP A 1 48 ? -2.777  -16.628 -2.159  1.00 0.00 ? 48 ASP A HB3  1 
ATOM 769  N N    . ASN A 1 49 ? -3.255  -15.230 1.910   1.00 0.00 ? 49 ASN A N    1 
ATOM 770  C CA   . ASN A 1 49 ? -4.233  -14.594 2.834   1.00 0.00 ? 49 ASN A CA   1 
ATOM 771  C C    . ASN A 1 49 ? -3.491  -13.700 3.828   1.00 0.00 ? 49 ASN A C    1 
ATOM 772  O O    . ASN A 1 49 ? -2.794  -14.172 4.702   1.00 0.00 ? 49 ASN A O    1 
ATOM 773  C CB   . ASN A 1 49 ? -4.996  -15.675 3.599   1.00 0.00 ? 49 ASN A CB   1 
ATOM 774  C CG   . ASN A 1 49 ? -6.109  -16.239 2.716   1.00 0.00 ? 49 ASN A CG   1 
ATOM 775  O OD1  . ASN A 1 49 ? -6.276  -17.439 2.620   1.00 0.00 ? 49 ASN A OD1  1 
ATOM 776  N ND2  . ASN A 1 49 ? -6.884  -15.419 2.061   1.00 0.00 ? 49 ASN A ND2  1 
ATOM 777  H H    . ASN A 1 49 ? -2.539  -15.794 2.267   1.00 0.00 ? 49 ASN A H    1 
ATOM 778  H HA   . ASN A 1 49 ? -4.930  -14.000 2.266   1.00 0.00 ? 49 ASN A HA   1 
ATOM 779  H HB2  . ASN A 1 49 ? -4.316  -16.466 3.871   1.00 0.00 ? 49 ASN A HB2  1 
ATOM 780  H HB3  . ASN A 1 49 ? -5.428  -15.248 4.493   1.00 0.00 ? 49 ASN A HB3  1 
ATOM 781  H HD21 . ASN A 1 49 ? -6.750  -14.451 2.138   1.00 0.00 ? 49 ASN A HD21 1 
ATOM 782  H HD22 . ASN A 1 49 ? -7.601  -15.770 1.492   1.00 0.00 ? 49 ASN A HD22 1 
ATOM 783  N N    . PHE A 1 50 ? -3.641  -12.411 3.702   1.00 0.00 ? 50 PHE A N    1 
ATOM 784  C CA   . PHE A 1 50 ? -2.955  -11.477 4.638   1.00 0.00 ? 50 PHE A CA   1 
ATOM 785  C C    . PHE A 1 50 ? -3.807  -10.214 4.788   1.00 0.00 ? 50 PHE A C    1 
ATOM 786  O O    . PHE A 1 50 ? -4.763  -10.013 4.064   1.00 0.00 ? 50 PHE A O    1 
ATOM 787  C CB   . PHE A 1 50 ? -1.580  -11.102 4.079   1.00 0.00 ? 50 PHE A CB   1 
ATOM 788  C CG   . PHE A 1 50 ? -1.682  -10.905 2.585   1.00 0.00 ? 50 PHE A CG   1 
ATOM 789  C CD1  . PHE A 1 50 ? -1.878  -12.009 1.746   1.00 0.00 ? 50 PHE A CD1  1 
ATOM 790  C CD2  . PHE A 1 50 ? -1.583  -9.618  2.039   1.00 0.00 ? 50 PHE A CD2  1 
ATOM 791  C CE1  . PHE A 1 50 ? -1.978  -11.827 0.362   1.00 0.00 ? 50 PHE A CE1  1 
ATOM 792  C CE2  . PHE A 1 50 ? -1.681  -9.438  0.654   1.00 0.00 ? 50 PHE A CE2  1 
ATOM 793  C CZ   . PHE A 1 50 ? -1.879  -10.543 -0.183  1.00 0.00 ? 50 PHE A CZ   1 
ATOM 794  H H    . PHE A 1 50 ? -4.209  -12.056 2.990   1.00 0.00 ? 50 PHE A H    1 
ATOM 795  H HA   . PHE A 1 50 ? -2.838  -11.951 5.603   1.00 0.00 ? 50 PHE A HA   1 
ATOM 796  H HB2  . PHE A 1 50 ? -1.241  -10.186 4.541   1.00 0.00 ? 50 PHE A HB2  1 
ATOM 797  H HB3  . PHE A 1 50 ? -0.876  -11.894 4.290   1.00 0.00 ? 50 PHE A HB3  1 
ATOM 798  H HD1  . PHE A 1 50 ? -1.955  -13.000 2.168   1.00 0.00 ? 50 PHE A HD1  1 
ATOM 799  H HD2  . PHE A 1 50 ? -1.430  -8.766  2.684   1.00 0.00 ? 50 PHE A HD2  1 
ATOM 800  H HE1  . PHE A 1 50 ? -2.129  -12.678 -0.284  1.00 0.00 ? 50 PHE A HE1  1 
ATOM 801  H HE2  . PHE A 1 50 ? -1.606  -8.446  0.233   1.00 0.00 ? 50 PHE A HE2  1 
ATOM 802  H HZ   . PHE A 1 50 ? -1.956  -10.403 -1.250  1.00 0.00 ? 50 PHE A HZ   1 
ATOM 803  N N    . LYS A 1 51 ? -3.474  -9.361  5.716   1.00 0.00 ? 51 LYS A N    1 
ATOM 804  C CA   . LYS A 1 51 ? -4.278  -8.113  5.895   1.00 0.00 ? 51 LYS A CA   1 
ATOM 805  C C    . LYS A 1 51 ? -3.357  -6.894  5.827   1.00 0.00 ? 51 LYS A C    1 
ATOM 806  O O    . LYS A 1 51 ? -2.233  -6.924  6.288   1.00 0.00 ? 51 LYS A O    1 
ATOM 807  C CB   . LYS A 1 51 ? -4.991  -8.137  7.251   1.00 0.00 ? 51 LYS A CB   1 
ATOM 808  C CG   . LYS A 1 51 ? -4.472  -9.301  8.093   1.00 0.00 ? 51 LYS A CG   1 
ATOM 809  C CD   . LYS A 1 51 ? -4.808  -9.055  9.565   1.00 0.00 ? 51 LYS A CD   1 
ATOM 810  C CE   . LYS A 1 51 ? -6.318  -9.181  9.772   1.00 0.00 ? 51 LYS A CE   1 
ATOM 811  N NZ   . LYS A 1 51 ? -6.752  -8.246  10.849  1.00 0.00 ? 51 LYS A NZ   1 
ATOM 812  H H    . LYS A 1 51 ? -2.698  -9.538  6.289   1.00 0.00 ? 51 LYS A H    1 
ATOM 813  H HA   . LYS A 1 51 ? -5.013  -8.049  5.106   1.00 0.00 ? 51 LYS A HA   1 
ATOM 814  H HB2  . LYS A 1 51 ? -4.806  -7.207  7.769   1.00 0.00 ? 51 LYS A HB2  1 
ATOM 815  H HB3  . LYS A 1 51 ? -6.053  -8.256  7.095   1.00 0.00 ? 51 LYS A HB3  1 
ATOM 816  H HG2  . LYS A 1 51 ? -4.938  -10.217 7.764   1.00 0.00 ? 51 LYS A HG2  1 
ATOM 817  H HG3  . LYS A 1 51 ? -3.402  -9.380  7.980   1.00 0.00 ? 51 LYS A HG3  1 
ATOM 818  H HD2  . LYS A 1 51 ? -4.297  -9.785  10.177  1.00 0.00 ? 51 LYS A HD2  1 
ATOM 819  H HD3  . LYS A 1 51 ? -4.489  -8.063  9.846   1.00 0.00 ? 51 LYS A HD3  1 
ATOM 820  H HE2  . LYS A 1 51 ? -6.830  -8.936  8.854   1.00 0.00 ? 51 LYS A HE2  1 
ATOM 821  H HE3  . LYS A 1 51 ? -6.559  -10.195 10.059  1.00 0.00 ? 51 LYS A HE3  1 
ATOM 822  H HZ1  . LYS A 1 51 ? -6.227  -8.454  11.721  1.00 0.00 ? 51 LYS A HZ1  1 
ATOM 823  H HZ2  . LYS A 1 51 ? -6.561  -7.266  10.553  1.00 0.00 ? 51 LYS A HZ2  1 
ATOM 824  H HZ3  . LYS A 1 51 ? -7.769  -8.364  11.022  1.00 0.00 ? 51 LYS A HZ3  1 
ATOM 825  N N    . LEU A 1 52 ? -3.824  -5.817  5.252   1.00 0.00 ? 52 LEU A N    1 
ATOM 826  C CA   . LEU A 1 52 ? -2.975  -4.598  5.152   1.00 0.00 ? 52 LEU A CA   1 
ATOM 827  C C    . LEU A 1 52 ? -3.646  -3.436  5.889   1.00 0.00 ? 52 LEU A C    1 
ATOM 828  O O    . LEU A 1 52 ? -4.822  -3.182  5.722   1.00 0.00 ? 52 LEU A O    1 
ATOM 829  C CB   . LEU A 1 52 ? -2.803  -4.220  3.677   1.00 0.00 ? 52 LEU A CB   1 
ATOM 830  C CG   . LEU A 1 52 ? -2.327  -5.435  2.886   1.00 0.00 ? 52 LEU A CG   1 
ATOM 831  C CD1  . LEU A 1 52 ? -2.454  -5.146  1.390   1.00 0.00 ? 52 LEU A CD1  1 
ATOM 832  C CD2  . LEU A 1 52 ? -0.865  -5.724  3.232   1.00 0.00 ? 52 LEU A CD2  1 
ATOM 833  H H    . LEU A 1 52 ? -4.729  -5.812  4.882   1.00 0.00 ? 52 LEU A H    1 
ATOM 834  H HA   . LEU A 1 52 ? -2.007  -4.799  5.592   1.00 0.00 ? 52 LEU A HA   1 
ATOM 835  H HB2  . LEU A 1 52 ? -3.748  -3.880  3.276   1.00 0.00 ? 52 LEU A HB2  1 
ATOM 836  H HB3  . LEU A 1 52 ? -2.078  -3.429  3.592   1.00 0.00 ? 52 LEU A HB3  1 
ATOM 837  H HG   . LEU A 1 52 ? -2.937  -6.291  3.139   1.00 0.00 ? 52 LEU A HG   1 
ATOM 838  H HD11 . LEU A 1 52 ? -1.659  -4.484  1.082   1.00 0.00 ? 52 LEU A HD11 1 
ATOM 839  H HD12 . LEU A 1 52 ? -2.386  -6.072  0.838   1.00 0.00 ? 52 LEU A HD12 1 
ATOM 840  H HD13 . LEU A 1 52 ? -3.408  -4.681  1.193   1.00 0.00 ? 52 LEU A HD13 1 
ATOM 841  H HD21 . LEU A 1 52 ? -0.768  -5.860  4.299   1.00 0.00 ? 52 LEU A HD21 1 
ATOM 842  H HD22 . LEU A 1 52 ? -0.545  -6.621  2.723   1.00 0.00 ? 52 LEU A HD22 1 
ATOM 843  H HD23 . LEU A 1 52 ? -0.251  -4.894  2.918   1.00 0.00 ? 52 LEU A HD23 1 
ATOM 844  N N    . GLN A 1 53 ? -2.906  -2.719  6.693   1.00 0.00 ? 53 GLN A N    1 
ATOM 845  C CA   . GLN A 1 53 ? -3.507  -1.564  7.426   1.00 0.00 ? 53 GLN A CA   1 
ATOM 846  C C    . GLN A 1 53 ? -2.607  -0.337  7.269   1.00 0.00 ? 53 GLN A C    1 
ATOM 847  O O    . GLN A 1 53 ? -1.517  -0.419  6.742   1.00 0.00 ? 53 GLN A O    1 
ATOM 848  C CB   . GLN A 1 53 ? -3.641  -1.898  8.913   1.00 0.00 ? 53 GLN A CB   1 
ATOM 849  C CG   . GLN A 1 53 ? -4.059  -3.358  9.076   1.00 0.00 ? 53 GLN A CG   1 
ATOM 850  C CD   . GLN A 1 53 ? -2.935  -4.131  9.761   1.00 0.00 ? 53 GLN A CD   1 
ATOM 851  O OE1  . GLN A 1 53 ? -3.169  -4.861  10.703  1.00 0.00 ? 53 GLN A OE1  1 
ATOM 852  N NE2  . GLN A 1 53 ? -1.714  -3.995  9.325   1.00 0.00 ? 53 GLN A NE2  1 
ATOM 853  H H    . GLN A 1 53 ? -1.955  -2.934  6.809   1.00 0.00 ? 53 GLN A H    1 
ATOM 854  H HA   . GLN A 1 53 ? -4.483  -1.347  7.017   1.00 0.00 ? 53 GLN A HA   1 
ATOM 855  H HB2  . GLN A 1 53 ? -2.692  -1.738  9.404   1.00 0.00 ? 53 GLN A HB2  1 
ATOM 856  H HB3  . GLN A 1 53 ? -4.389  -1.261  9.360   1.00 0.00 ? 53 GLN A HB3  1 
ATOM 857  H HG2  . GLN A 1 53 ? -4.954  -3.411  9.678   1.00 0.00 ? 53 GLN A HG2  1 
ATOM 858  H HG3  . GLN A 1 53 ? -4.249  -3.789  8.106   1.00 0.00 ? 53 GLN A HG3  1 
ATOM 859  H HE21 . GLN A 1 53 ? -1.528  -3.401  8.568   1.00 0.00 ? 53 GLN A HE21 1 
ATOM 860  H HE22 . GLN A 1 53 ? -0.983  -4.486  9.750   1.00 0.00 ? 53 GLN A HE22 1 
ATOM 861  N N    . THR A 1 54 ? -3.050  0.802   7.723   1.00 0.00 ? 54 THR A N    1 
ATOM 862  C CA   . THR A 1 54 ? -2.208  2.026   7.601   1.00 0.00 ? 54 THR A CA   1 
ATOM 863  C C    . THR A 1 54 ? -1.228  2.076   8.773   1.00 0.00 ? 54 THR A C    1 
ATOM 864  O O    . THR A 1 54 ? -1.455  2.751   9.757   1.00 0.00 ? 54 THR A O    1 
ATOM 865  C CB   . THR A 1 54 ? -3.096  3.272   7.613   1.00 0.00 ? 54 THR A CB   1 
ATOM 866  O OG1  . THR A 1 54 ? -4.339  2.961   8.228   1.00 0.00 ? 54 THR A OG1  1 
ATOM 867  C CG2  . THR A 1 54 ? -3.336  3.742   6.176   1.00 0.00 ? 54 THR A CG2  1 
ATOM 868  H H    . THR A 1 54 ? -3.933  0.851   8.147   1.00 0.00 ? 54 THR A H    1 
ATOM 869  H HA   . THR A 1 54 ? -1.652  1.989   6.675   1.00 0.00 ? 54 THR A HA   1 
ATOM 870  H HB   . THR A 1 54 ? -2.606  4.059   8.165   1.00 0.00 ? 54 THR A HB   1 
ATOM 871  H HG1  . THR A 1 54 ? -4.863  3.766   8.260   1.00 0.00 ? 54 THR A HG1  1 
ATOM 872  H HG21 . THR A 1 54 ? -2.708  4.596   5.968   1.00 0.00 ? 54 THR A HG21 1 
ATOM 873  H HG22 . THR A 1 54 ? -3.096  2.942   5.490   1.00 0.00 ? 54 THR A HG22 1 
ATOM 874  H HG23 . THR A 1 54 ? -4.373  4.020   6.056   1.00 0.00 ? 54 THR A HG23 1 
ATOM 875  N N    . LYS A 1 55 ? -0.143  1.354   8.664   1.00 0.00 ? 55 LYS A N    1 
ATOM 876  C CA   . LYS A 1 55 ? 0.883   1.328   9.750   1.00 0.00 ? 55 LYS A CA   1 
ATOM 877  C C    . LYS A 1 55 ? 0.986   2.704   10.415  1.00 0.00 ? 55 LYS A C    1 
ATOM 878  O O    . LYS A 1 55 ? 1.523   3.637   9.853   1.00 0.00 ? 55 LYS A O    1 
ATOM 879  C CB   . LYS A 1 55 ? 2.240   0.955   9.147   1.00 0.00 ? 55 LYS A CB   1 
ATOM 880  C CG   . LYS A 1 55 ? 3.117   0.299   10.213  1.00 0.00 ? 55 LYS A CG   1 
ATOM 881  C CD   . LYS A 1 55 ? 3.824   1.383   11.029  1.00 0.00 ? 55 LYS A CD   1 
ATOM 882  C CE   . LYS A 1 55 ? 5.259   0.941   11.328  1.00 0.00 ? 55 LYS A CE   1 
ATOM 883  N NZ   . LYS A 1 55 ? 5.521   1.059   12.790  1.00 0.00 ? 55 LYS A NZ   1 
ATOM 884  H H    . LYS A 1 55 ? 0.000   0.820   7.855   1.00 0.00 ? 55 LYS A H    1 
ATOM 885  H HA   . LYS A 1 55 ? 0.605   0.592   10.490  1.00 0.00 ? 55 LYS A HA   1 
ATOM 886  H HB2  . LYS A 1 55 ? 2.090   0.266   8.328   1.00 0.00 ? 55 LYS A HB2  1 
ATOM 887  H HB3  . LYS A 1 55 ? 2.727   1.847   8.781   1.00 0.00 ? 55 LYS A HB3  1 
ATOM 888  H HG2  . LYS A 1 55 ? 2.502   -0.302  10.865  1.00 0.00 ? 55 LYS A HG2  1 
ATOM 889  H HG3  . LYS A 1 55 ? 3.856   -0.327  9.733   1.00 0.00 ? 55 LYS A HG3  1 
ATOM 890  H HD2  . LYS A 1 55 ? 3.839   2.305   10.467  1.00 0.00 ? 55 LYS A HD2  1 
ATOM 891  H HD3  . LYS A 1 55 ? 3.297   1.535   11.958  1.00 0.00 ? 55 LYS A HD3  1 
ATOM 892  H HE2  . LYS A 1 55 ? 5.391   -0.084  11.019  1.00 0.00 ? 55 LYS A HE2  1 
ATOM 893  H HE3  . LYS A 1 55 ? 5.949   1.572   10.787  1.00 0.00 ? 55 LYS A HE3  1 
ATOM 894  H HZ1  . LYS A 1 55 ? 4.921   1.807   13.191  1.00 0.00 ? 55 LYS A HZ1  1 
ATOM 895  H HZ2  . LYS A 1 55 ? 5.305   0.154   13.254  1.00 0.00 ? 55 LYS A HZ2  1 
ATOM 896  H HZ3  . LYS A 1 55 ? 6.519   1.300   12.945  1.00 0.00 ? 55 LYS A HZ3  1 
ATOM 897  N N    . LEU A 1 56 ? 0.477   2.833   11.609  1.00 0.00 ? 56 LEU A N    1 
ATOM 898  C CA   . LEU A 1 56 ? 0.547   4.144   12.313  1.00 0.00 ? 56 LEU A CA   1 
ATOM 899  C C    . LEU A 1 56 ? 1.798   4.181   13.191  1.00 0.00 ? 56 LEU A C    1 
ATOM 900  O O    . LEU A 1 56 ? 2.836   4.671   12.791  1.00 0.00 ? 56 LEU A O    1 
ATOM 901  C CB   . LEU A 1 56 ? -0.696  4.318   13.189  1.00 0.00 ? 56 LEU A CB   1 
ATOM 902  C CG   . LEU A 1 56 ? -1.898  4.666   12.308  1.00 0.00 ? 56 LEU A CG   1 
ATOM 903  C CD1  . LEU A 1 56 ? -3.185  4.206   12.995  1.00 0.00 ? 56 LEU A CD1  1 
ATOM 904  C CD2  . LEU A 1 56 ? -1.948  6.180   12.091  1.00 0.00 ? 56 LEU A CD2  1 
ATOM 905  H H    . LEU A 1 56 ? 0.050   2.066   12.045  1.00 0.00 ? 56 LEU A H    1 
ATOM 906  H HA   . LEU A 1 56 ? 0.591   4.941   11.587  1.00 0.00 ? 56 LEU A HA   1 
ATOM 907  H HB2  . LEU A 1 56 ? -0.893  3.399   13.721  1.00 0.00 ? 56 LEU A HB2  1 
ATOM 908  H HB3  . LEU A 1 56 ? -0.529  5.115   13.897  1.00 0.00 ? 56 LEU A HB3  1 
ATOM 909  H HG   . LEU A 1 56 ? -1.800  4.166   11.355  1.00 0.00 ? 56 LEU A HG   1 
ATOM 910  H HD11 . LEU A 1 56 ? -3.280  4.702   13.949  1.00 0.00 ? 56 LEU A HD11 1 
ATOM 911  H HD12 . LEU A 1 56 ? -4.033  4.455   12.374  1.00 0.00 ? 56 LEU A HD12 1 
ATOM 912  H HD13 . LEU A 1 56 ? -3.151  3.138   13.146  1.00 0.00 ? 56 LEU A HD13 1 
ATOM 913  H HD21 . LEU A 1 56 ? -2.968  6.523   12.188  1.00 0.00 ? 56 LEU A HD21 1 
ATOM 914  H HD22 . LEU A 1 56 ? -1.332  6.670   12.830  1.00 0.00 ? 56 LEU A HD22 1 
ATOM 915  H HD23 . LEU A 1 56 ? -1.582  6.414   11.102  1.00 0.00 ? 56 LEU A HD23 1 
ATOM 916  N N    . PHE A 1 57 ? 1.710   3.665   14.387  1.00 0.00 ? 57 PHE A N    1 
ATOM 917  C CA   . PHE A 1 57 ? 2.895   3.669   15.291  1.00 0.00 ? 57 PHE A CA   1 
ATOM 918  C C    . PHE A 1 57 ? 2.703   2.618   16.387  1.00 0.00 ? 57 PHE A C    1 
ATOM 919  O O    . PHE A 1 57 ? 3.635   1.949   16.789  1.00 0.00 ? 57 PHE A O    1 
ATOM 920  C CB   . PHE A 1 57 ? 3.044   5.051   15.931  1.00 0.00 ? 57 PHE A CB   1 
ATOM 921  C CG   . PHE A 1 57 ? 1.941   5.261   16.941  1.00 0.00 ? 57 PHE A CG   1 
ATOM 922  C CD1  . PHE A 1 57 ? 2.084   4.770   18.244  1.00 0.00 ? 57 PHE A CD1  1 
ATOM 923  C CD2  . PHE A 1 57 ? 0.778   5.948   16.575  1.00 0.00 ? 57 PHE A CD2  1 
ATOM 924  C CE1  . PHE A 1 57 ? 1.062   4.966   19.182  1.00 0.00 ? 57 PHE A CE1  1 
ATOM 925  C CE2  . PHE A 1 57 ? -0.245  6.143   17.511  1.00 0.00 ? 57 PHE A CE2  1 
ATOM 926  C CZ   . PHE A 1 57 ? -0.103  5.652   18.815  1.00 0.00 ? 57 PHE A CZ   1 
ATOM 927  H H    . PHE A 1 57 ? 0.864   3.274   14.689  1.00 0.00 ? 57 PHE A H    1 
ATOM 928  H HA   . PHE A 1 57 ? 3.783   3.438   14.721  1.00 0.00 ? 57 PHE A HA   1 
ATOM 929  H HB2  . PHE A 1 57 ? 4.003   5.117   16.425  1.00 0.00 ? 57 PHE A HB2  1 
ATOM 930  H HB3  . PHE A 1 57 ? 2.980   5.810   15.166  1.00 0.00 ? 57 PHE A HB3  1 
ATOM 931  H HD1  . PHE A 1 57 ? 2.982   4.241   18.527  1.00 0.00 ? 57 PHE A HD1  1 
ATOM 932  H HD2  . PHE A 1 57 ? 0.668   6.327   15.570  1.00 0.00 ? 57 PHE A HD2  1 
ATOM 933  H HE1  . PHE A 1 57 ? 1.171   4.587   20.187  1.00 0.00 ? 57 PHE A HE1  1 
ATOM 934  H HE2  . PHE A 1 57 ? -1.142  6.672   17.229  1.00 0.00 ? 57 PHE A HE2  1 
ATOM 935  H HZ   . PHE A 1 57 ? -0.891  5.803   19.538  1.00 0.00 ? 57 PHE A HZ   1 
ATOM 936  N N    . ASP A 1 58 ? 1.503   2.467   16.874  1.00 0.00 ? 58 ASP A N    1 
ATOM 937  C CA   . ASP A 1 58 ? 1.253   1.461   17.945  1.00 0.00 ? 58 ASP A CA   1 
ATOM 938  C C    . ASP A 1 58 ? 1.224   0.058   17.334  1.00 0.00 ? 58 ASP A C    1 
ATOM 939  O O    . ASP A 1 58 ? 1.776   -0.877  17.880  1.00 0.00 ? 58 ASP A O    1 
ATOM 940  C CB   . ASP A 1 58 ? -0.091  1.753   18.615  1.00 0.00 ? 58 ASP A CB   1 
ATOM 941  C CG   . ASP A 1 58 ? -1.227  1.449   17.637  1.00 0.00 ? 58 ASP A CG   1 
ATOM 942  O OD1  . ASP A 1 58 ? -1.441  2.248   16.741  1.00 0.00 ? 58 ASP A OD1  1 
ATOM 943  O OD2  . ASP A 1 58 ? -1.864  0.422   17.800  1.00 0.00 ? 58 ASP A OD2  1 
ATOM 944  H H    . ASP A 1 58 ? 0.764   3.017   16.537  1.00 0.00 ? 58 ASP A H    1 
ATOM 945  H HA   . ASP A 1 58 ? 2.041   1.517   18.681  1.00 0.00 ? 58 ASP A HA   1 
ATOM 946  H HB2  . ASP A 1 58 ? -0.197  1.134   19.494  1.00 0.00 ? 58 ASP A HB2  1 
ATOM 947  H HB3  . ASP A 1 58 ? -0.133  2.794   18.900  1.00 0.00 ? 58 ASP A HB3  1 
ATOM 948  N N    . GLY A 1 59 ? 0.586   -0.099  16.207  1.00 0.00 ? 59 GLY A N    1 
ATOM 949  C CA   . GLY A 1 59 ? 0.525   -1.445  15.569  1.00 0.00 ? 59 GLY A CA   1 
ATOM 950  C C    . GLY A 1 59 ? 0.006   -1.316  14.136  1.00 0.00 ? 59 GLY A C    1 
ATOM 951  O O    . GLY A 1 59 ? 0.638   -1.754  13.195  1.00 0.00 ? 59 GLY A O    1 
ATOM 952  H H    . GLY A 1 59 ? 0.145   0.665   15.781  1.00 0.00 ? 59 GLY A H    1 
ATOM 953  H HA2  . GLY A 1 59 ? 1.514   -1.882  15.558  1.00 0.00 ? 59 GLY A HA2  1 
ATOM 954  H HA3  . GLY A 1 59 ? -0.141  -2.081  16.132  1.00 0.00 ? 59 GLY A HA3  1 
ATOM 955  N N    . SER A 1 60 ? -1.142  -0.719  13.960  1.00 0.00 ? 60 SER A N    1 
ATOM 956  C CA   . SER A 1 60 ? -1.698  -0.565  12.587  1.00 0.00 ? 60 SER A CA   1 
ATOM 957  C C    . SER A 1 60 ? -2.788  0.509   12.596  1.00 0.00 ? 60 SER A C    1 
ATOM 958  O O    . SER A 1 60 ? -3.136  1.045   13.630  1.00 0.00 ? 60 SER A O    1 
ATOM 959  C CB   . SER A 1 60 ? -2.298  -1.895  12.126  1.00 0.00 ? 60 SER A CB   1 
ATOM 960  O OG   . SER A 1 60 ? -2.929  -2.532  13.230  1.00 0.00 ? 60 SER A OG   1 
ATOM 961  H H    . SER A 1 60 ? -1.637  -0.373  14.732  1.00 0.00 ? 60 SER A H    1 
ATOM 962  H HA   . SER A 1 60 ? -0.910  -0.272  11.909  1.00 0.00 ? 60 SER A HA   1 
ATOM 963  H HB2  . SER A 1 60 ? -3.028  -1.715  11.356  1.00 0.00 ? 60 SER A HB2  1 
ATOM 964  H HB3  . SER A 1 60 ? -1.512  -2.528  11.733  1.00 0.00 ? 60 SER A HB3  1 
ATOM 965  H HG   . SER A 1 60 ? -2.243  -2.899  13.792  1.00 0.00 ? 60 SER A HG   1 
ATOM 966  N N    . GLY A 1 61 ? -3.330  0.829   11.453  1.00 0.00 ? 61 GLY A N    1 
ATOM 967  C CA   . GLY A 1 61 ? -4.397  1.868   11.399  1.00 0.00 ? 61 GLY A CA   1 
ATOM 968  C C    . GLY A 1 61 ? -5.526  1.396   10.481  1.00 0.00 ? 61 GLY A C    1 
ATOM 969  O O    . GLY A 1 61 ? -5.835  0.223   10.414  1.00 0.00 ? 61 GLY A O    1 
ATOM 970  H H    . GLY A 1 61 ? -3.036  0.385   10.630  1.00 0.00 ? 61 GLY A H    1 
ATOM 971  H HA2  . GLY A 1 61 ? -4.786  2.036   12.393  1.00 0.00 ? 61 GLY A HA2  1 
ATOM 972  H HA3  . GLY A 1 61 ? -3.985  2.788   11.013  1.00 0.00 ? 61 GLY A HA3  1 
ATOM 973  N N    . GLU A 1 62 ? -6.145  2.301   9.773   1.00 0.00 ? 62 GLU A N    1 
ATOM 974  C CA   . GLU A 1 62 ? -7.253  1.902   8.860   1.00 0.00 ? 62 GLU A CA   1 
ATOM 975  C C    . GLU A 1 62 ? -6.843  0.653   8.078   1.00 0.00 ? 62 GLU A C    1 
ATOM 976  O O    . GLU A 1 62 ? -5.870  0.656   7.350   1.00 0.00 ? 62 GLU A O    1 
ATOM 977  C CB   . GLU A 1 62 ? -7.546  3.043   7.882   1.00 0.00 ? 62 GLU A CB   1 
ATOM 978  C CG   . GLU A 1 62 ? -8.565  3.998   8.503   1.00 0.00 ? 62 GLU A CG   1 
ATOM 979  C CD   . GLU A 1 62 ? -8.675  5.258   7.643   1.00 0.00 ? 62 GLU A CD   1 
ATOM 980  O OE1  . GLU A 1 62 ? -9.048  5.132   6.488   1.00 0.00 ? 62 GLU A OE1  1 
ATOM 981  O OE2  . GLU A 1 62 ? -8.385  6.328   8.153   1.00 0.00 ? 62 GLU A OE2  1 
ATOM 982  H H    . GLU A 1 62 ? -5.881  3.242   9.841   1.00 0.00 ? 62 GLU A H    1 
ATOM 983  H HA   . GLU A 1 62 ? -8.139  1.690   9.440   1.00 0.00 ? 62 GLU A HA   1 
ATOM 984  H HB2  . GLU A 1 62 ? -6.631  3.578   7.670   1.00 0.00 ? 62 GLU A HB2  1 
ATOM 985  H HB3  . GLU A 1 62 ? -7.948  2.638   6.966   1.00 0.00 ? 62 GLU A HB3  1 
ATOM 986  H HG2  . GLU A 1 62 ? -9.529  3.512   8.556   1.00 0.00 ? 62 GLU A HG2  1 
ATOM 987  H HG3  . GLU A 1 62 ? -8.244  4.272   9.498   1.00 0.00 ? 62 GLU A HG3  1 
ATOM 988  N N    . GLU A 1 63 ? -7.577  -0.416  8.224   1.00 0.00 ? 63 GLU A N    1 
ATOM 989  C CA   . GLU A 1 63 ? -7.227  -1.665  7.489   1.00 0.00 ? 63 GLU A CA   1 
ATOM 990  C C    . GLU A 1 63 ? -7.547  -1.492  6.003   1.00 0.00 ? 63 GLU A C    1 
ATOM 991  O O    . GLU A 1 63 ? -8.649  -1.751  5.563   1.00 0.00 ? 63 GLU A O    1 
ATOM 992  C CB   . GLU A 1 63 ? -8.039  -2.832  8.053   1.00 0.00 ? 63 GLU A CB   1 
ATOM 993  C CG   . GLU A 1 63 ? -7.873  -4.054  7.149   1.00 0.00 ? 63 GLU A CG   1 
ATOM 994  C CD   . GLU A 1 63 ? -8.099  -5.328  7.964   1.00 0.00 ? 63 GLU A CD   1 
ATOM 995  O OE1  . GLU A 1 63 ? -7.178  -5.740  8.650   1.00 0.00 ? 63 GLU A OE1  1 
ATOM 996  O OE2  . GLU A 1 63 ? -9.189  -5.870  7.889   1.00 0.00 ? 63 GLU A OE2  1 
ATOM 997  H H    . GLU A 1 63 ? -8.358  -0.398  8.816   1.00 0.00 ? 63 GLU A H    1 
ATOM 998  H HA   . GLU A 1 63 ? -6.174  -1.869  7.610   1.00 0.00 ? 63 GLU A HA   1 
ATOM 999  H HB2  . GLU A 1 63 ? -7.689  -3.068  9.047   1.00 0.00 ? 63 GLU A HB2  1 
ATOM 1000 H HB3  . GLU A 1 63 ? -9.084  -2.558  8.095   1.00 0.00 ? 63 GLU A HB3  1 
ATOM 1001 H HG2  . GLU A 1 63 ? -8.592  -4.008  6.344   1.00 0.00 ? 63 GLU A HG2  1 
ATOM 1002 H HG3  . GLU A 1 63 ? -6.874  -4.065  6.738   1.00 0.00 ? 63 GLU A HG3  1 
ATOM 1003 N N    . ILE A 1 64 ? -6.592  -1.056  5.226   1.00 0.00 ? 64 ILE A N    1 
ATOM 1004 C CA   . ILE A 1 64 ? -6.840  -0.869  3.768   1.00 0.00 ? 64 ILE A CA   1 
ATOM 1005 C C    . ILE A 1 64 ? -7.631  -2.061  3.226   1.00 0.00 ? 64 ILE A C    1 
ATOM 1006 O O    . ILE A 1 64 ? -7.221  -3.198  3.354   1.00 0.00 ? 64 ILE A O    1 
ATOM 1007 C CB   . ILE A 1 64 ? -5.504  -0.774  3.032   1.00 0.00 ? 64 ILE A CB   1 
ATOM 1008 C CG1  . ILE A 1 64 ? -4.592  0.222   3.751   1.00 0.00 ? 64 ILE A CG1  1 
ATOM 1009 C CG2  . ILE A 1 64 ? -5.749  -0.291  1.602   1.00 0.00 ? 64 ILE A CG2  1 
ATOM 1010 C CD1  . ILE A 1 64 ? -3.477  -0.534  4.467   1.00 0.00 ? 64 ILE A CD1  1 
ATOM 1011 H H    . ILE A 1 64 ? -5.710  -0.852  5.602   1.00 0.00 ? 64 ILE A H    1 
ATOM 1012 H HA   . ILE A 1 64 ? -7.404  0.038   3.612   1.00 0.00 ? 64 ILE A HA   1 
ATOM 1013 H HB   . ILE A 1 64 ? -5.030  -1.747  3.010   1.00 0.00 ? 64 ILE A HB   1 
ATOM 1014 H HG12 . ILE A 1 64 ? -4.161  0.897   3.029   1.00 0.00 ? 64 ILE A HG12 1 
ATOM 1015 H HG13 . ILE A 1 64 ? -5.167  0.782   4.475   1.00 0.00 ? 64 ILE A HG13 1 
ATOM 1016 H HG21 . ILE A 1 64 ? -6.596  -0.817  1.186   1.00 0.00 ? 64 ILE A HG21 1 
ATOM 1017 H HG22 . ILE A 1 64 ? -5.951  0.771   1.610   1.00 0.00 ? 64 ILE A HG22 1 
ATOM 1018 H HG23 . ILE A 1 64 ? -4.874  -0.488  1.001   1.00 0.00 ? 64 ILE A HG23 1 
ATOM 1019 H HD11 . ILE A 1 64 ? -2.859  0.165   5.008   1.00 0.00 ? 64 ILE A HD11 1 
ATOM 1020 H HD12 . ILE A 1 64 ? -3.910  -1.242  5.156   1.00 0.00 ? 64 ILE A HD12 1 
ATOM 1021 H HD13 . ILE A 1 64 ? -2.874  -1.060  3.740   1.00 0.00 ? 64 ILE A HD13 1 
ATOM 1022 N N    . LYS A 1 65 ? -8.761  -1.815  2.622   1.00 0.00 ? 65 LYS A N    1 
ATOM 1023 C CA   . LYS A 1 65 ? -9.568  -2.940  2.076   1.00 0.00 ? 65 LYS A CA   1 
ATOM 1024 C C    . LYS A 1 65 ? -10.331 -2.478  0.832   1.00 0.00 ? 65 LYS A C    1 
ATOM 1025 O O    . LYS A 1 65 ? -11.231 -3.147  0.365   1.00 0.00 ? 65 LYS A O    1 
ATOM 1026 C CB   . LYS A 1 65 ? -10.564 -3.414  3.137   1.00 0.00 ? 65 LYS A CB   1 
ATOM 1027 C CG   . LYS A 1 65 ? -9.975  -4.608  3.893   1.00 0.00 ? 65 LYS A CG   1 
ATOM 1028 C CD   . LYS A 1 65 ? -10.948 -5.787  3.825   1.00 0.00 ? 65 LYS A CD   1 
ATOM 1029 C CE   . LYS A 1 65 ? -10.619 -6.787  4.934   1.00 0.00 ? 65 LYS A CE   1 
ATOM 1030 N NZ   . LYS A 1 65 ? -11.365 -8.054  4.697   1.00 0.00 ? 65 LYS A NZ   1 
ATOM 1031 H H    . LYS A 1 65 ? -9.079  -0.892  2.528   1.00 0.00 ? 65 LYS A H    1 
ATOM 1032 H HA   . LYS A 1 65 ? -8.912  -3.755  1.812   1.00 0.00 ? 65 LYS A HA   1 
ATOM 1033 H HB2  . LYS A 1 65 ? -10.760 -2.609  3.831   1.00 0.00 ? 65 LYS A HB2  1 
ATOM 1034 H HB3  . LYS A 1 65 ? -11.485 -3.713  2.659   1.00 0.00 ? 65 LYS A HB3  1 
ATOM 1035 H HG2  . LYS A 1 65 ? -9.034  -4.890  3.443   1.00 0.00 ? 65 LYS A HG2  1 
ATOM 1036 H HG3  . LYS A 1 65 ? -9.814  -4.336  4.925   1.00 0.00 ? 65 LYS A HG3  1 
ATOM 1037 H HD2  . LYS A 1 65 ? -11.958 -5.426  3.952   1.00 0.00 ? 65 LYS A HD2  1 
ATOM 1038 H HD3  . LYS A 1 65 ? -10.857 -6.273  2.866   1.00 0.00 ? 65 LYS A HD3  1 
ATOM 1039 H HE2  . LYS A 1 65 ? -9.558  -6.988  4.934   1.00 0.00 ? 65 LYS A HE2  1 
ATOM 1040 H HE3  . LYS A 1 65 ? -10.907 -6.373  5.890   1.00 0.00 ? 65 LYS A HE3  1 
ATOM 1041 H HZ1  . LYS A 1 65 ? -12.364 -7.923  4.954   1.00 0.00 ? 65 LYS A HZ1  1 
ATOM 1042 H HZ2  . LYS A 1 65 ? -11.298 -8.314  3.692   1.00 0.00 ? 65 LYS A HZ2  1 
ATOM 1043 H HZ3  . LYS A 1 65 ? -10.957 -8.813  5.280   1.00 0.00 ? 65 LYS A HZ3  1 
ATOM 1044 N N    . THR A 1 66 ? -9.982  -1.345  0.287   1.00 0.00 ? 66 THR A N    1 
ATOM 1045 C CA   . THR A 1 66 ? -10.696 -0.861  -0.928  1.00 0.00 ? 66 THR A CA   1 
ATOM 1046 C C    . THR A 1 66 ? -9.755  -0.014  -1.785  1.00 0.00 ? 66 THR A C    1 
ATOM 1047 O O    . THR A 1 66 ? -8.865  0.647   -1.286  1.00 0.00 ? 66 THR A O    1 
ATOM 1048 C CB   . THR A 1 66 ? -11.907 -0.021  -0.516  1.00 0.00 ? 66 THR A CB   1 
ATOM 1049 O OG1  . THR A 1 66 ? -11.543 0.849   0.545   1.00 0.00 ? 66 THR A OG1  1 
ATOM 1050 C CG2  . THR A 1 66 ? -13.030 -0.948  -0.057  1.00 0.00 ? 66 THR A CG2  1 
ATOM 1051 H H    . THR A 1 66 ? -9.251  -0.817  0.673   1.00 0.00 ? 66 THR A H    1 
ATOM 1052 H HA   . THR A 1 66 ? -11.032 -1.710  -1.504  1.00 0.00 ? 66 THR A HA   1 
ATOM 1053 H HB   . THR A 1 66 ? -12.247 0.559   -1.359  1.00 0.00 ? 66 THR A HB   1 
ATOM 1054 H HG1  . THR A 1 66 ? -12.306 1.390   0.760   1.00 0.00 ? 66 THR A HG1  1 
ATOM 1055 H HG21 . THR A 1 66 ? -12.724 -1.465  0.841   1.00 0.00 ? 66 THR A HG21 1 
ATOM 1056 H HG22 . THR A 1 66 ? -13.917 -0.366  0.145   1.00 0.00 ? 66 THR A HG22 1 
ATOM 1057 H HG23 . THR A 1 66 ? -13.240 -1.668  -0.834  1.00 0.00 ? 66 THR A HG23 1 
ATOM 1058 N N    . ASP A 1 67 ? -9.952  -0.032  -3.074  1.00 0.00 ? 67 ASP A N    1 
ATOM 1059 C CA   . ASP A 1 67 ? -9.077  0.764   -3.982  1.00 0.00 ? 67 ASP A CA   1 
ATOM 1060 C C    . ASP A 1 67 ? -8.940  2.193   -3.452  1.00 0.00 ? 67 ASP A C    1 
ATOM 1061 O O    . ASP A 1 67 ? -8.001  2.892   -3.769  1.00 0.00 ? 67 ASP A O    1 
ATOM 1062 C CB   . ASP A 1 67 ? -9.694  0.797   -5.382  1.00 0.00 ? 67 ASP A CB   1 
ATOM 1063 C CG   . ASP A 1 67 ? -10.178 -0.603  -5.762  1.00 0.00 ? 67 ASP A CG   1 
ATOM 1064 O OD1  . ASP A 1 67 ? -9.788  -1.545  -5.092  1.00 0.00 ? 67 ASP A OD1  1 
ATOM 1065 O OD2  . ASP A 1 67 ? -10.929 -0.710  -6.716  1.00 0.00 ? 67 ASP A OD2  1 
ATOM 1066 H H    . ASP A 1 67 ? -10.680 -0.574  -3.447  1.00 0.00 ? 67 ASP A H    1 
ATOM 1067 H HA   . ASP A 1 67 ? -8.101  0.305   -4.031  1.00 0.00 ? 67 ASP A HA   1 
ATOM 1068 H HB2  . ASP A 1 67 ? -10.531 1.483   -5.390  1.00 0.00 ? 67 ASP A HB2  1 
ATOM 1069 H HB3  . ASP A 1 67 ? -8.953  1.126   -6.095  1.00 0.00 ? 67 ASP A HB3  1 
ATOM 1070 N N    . SER A 1 68 ? -9.871  2.636   -2.651  1.00 0.00 ? 68 SER A N    1 
ATOM 1071 C CA   . SER A 1 68 ? -9.785  4.021   -2.110  1.00 0.00 ? 68 SER A CA   1 
ATOM 1072 C C    . SER A 1 68 ? -8.823  4.048   -0.922  1.00 0.00 ? 68 SER A C    1 
ATOM 1073 O O    . SER A 1 68 ? -8.017  4.949   -0.789  1.00 0.00 ? 68 SER A O    1 
ATOM 1074 C CB   . SER A 1 68 ? -11.171 4.480   -1.658  1.00 0.00 ? 68 SER A CB   1 
ATOM 1075 O OG   . SER A 1 68 ? -11.304 5.876   -1.892  1.00 0.00 ? 68 SER A OG   1 
ATOM 1076 H H    . SER A 1 68 ? -10.625 2.060   -2.408  1.00 0.00 ? 68 SER A H    1 
ATOM 1077 H HA   . SER A 1 68 ? -9.418  4.686   -2.881  1.00 0.00 ? 68 SER A HA   1 
ATOM 1078 H HB2  . SER A 1 68 ? -11.928 3.954   -2.217  1.00 0.00 ? 68 SER A HB2  1 
ATOM 1079 H HB3  . SER A 1 68 ? -11.293 4.268   -0.604  1.00 0.00 ? 68 SER A HB3  1 
ATOM 1080 H HG   . SER A 1 68 ? -12.240 6.087   -1.903  1.00 0.00 ? 68 SER A HG   1 
ATOM 1081 N N    . GLN A 1 69 ? -8.887  3.070   -0.058  1.00 0.00 ? 69 GLN A N    1 
ATOM 1082 C CA   . GLN A 1 69 ? -7.958  3.062   1.105   1.00 0.00 ? 69 GLN A CA   1 
ATOM 1083 C C    . GLN A 1 69 ? -6.530  2.992   0.584   1.00 0.00 ? 69 GLN A C    1 
ATOM 1084 O O    . GLN A 1 69 ? -5.640  3.620   1.109   1.00 0.00 ? 69 GLN A O    1 
ATOM 1085 C CB   . GLN A 1 69 ? -8.227  1.852   1.998   1.00 0.00 ? 69 GLN A CB   1 
ATOM 1086 C CG   . GLN A 1 69 ? -9.734  1.662   2.177   1.00 0.00 ? 69 GLN A CG   1 
ATOM 1087 C CD   . GLN A 1 69 ? -10.117 1.965   3.626   1.00 0.00 ? 69 GLN A CD   1 
ATOM 1088 O OE1  . GLN A 1 69 ? -10.633 3.024   3.922   1.00 0.00 ? 69 GLN A OE1  1 
ATOM 1089 N NE2  . GLN A 1 69 ? -9.883  1.074   4.551   1.00 0.00 ? 69 GLN A NE2  1 
ATOM 1090 H H    . GLN A 1 69 ? -9.534  2.343   -0.180  1.00 0.00 ? 69 GLN A H    1 
ATOM 1091 H HA   . GLN A 1 69 ? -8.086  3.967   1.676   1.00 0.00 ? 69 GLN A HA   1 
ATOM 1092 H HB2  . GLN A 1 69 ? -7.799  0.973   1.546   1.00 0.00 ? 69 GLN A HB2  1 
ATOM 1093 H HB3  . GLN A 1 69 ? -7.772  2.014   2.963   1.00 0.00 ? 69 GLN A HB3  1 
ATOM 1094 H HG2  . GLN A 1 69 ? -10.264 2.332   1.517   1.00 0.00 ? 69 GLN A HG2  1 
ATOM 1095 H HG3  . GLN A 1 69 ? -9.997  0.641   1.944   1.00 0.00 ? 69 GLN A HG3  1 
ATOM 1096 H HE21 . GLN A 1 69 ? -9.466  0.219   4.313   1.00 0.00 ? 69 GLN A HE21 1 
ATOM 1097 H HE22 . GLN A 1 69 ? -10.124 1.258   5.482   1.00 0.00 ? 69 GLN A HE22 1 
ATOM 1098 N N    . VAL A 1 70 ? -6.308  2.234   -0.451  1.00 0.00 ? 70 VAL A N    1 
ATOM 1099 C CA   . VAL A 1 70 ? -4.936  2.124   -1.014  1.00 0.00 ? 70 VAL A CA   1 
ATOM 1100 C C    . VAL A 1 70 ? -4.570  3.432   -1.712  1.00 0.00 ? 70 VAL A C    1 
ATOM 1101 O O    . VAL A 1 70 ? -3.522  3.995   -1.480  1.00 0.00 ? 70 VAL A O    1 
ATOM 1102 C CB   . VAL A 1 70 ? -4.895  0.992   -2.040  1.00 0.00 ? 70 VAL A CB   1 
ATOM 1103 C CG1  . VAL A 1 70 ? -3.441  0.596   -2.308  1.00 0.00 ? 70 VAL A CG1  1 
ATOM 1104 C CG2  . VAL A 1 70 ? -5.665  -0.221  -1.509  1.00 0.00 ? 70 VAL A CG2  1 
ATOM 1105 H H    . VAL A 1 70 ? -7.047  1.739   -0.862  1.00 0.00 ? 70 VAL A H    1 
ATOM 1106 H HA   . VAL A 1 70 ? -4.229  1.925   -0.220  1.00 0.00 ? 70 VAL A HA   1 
ATOM 1107 H HB   . VAL A 1 70 ? -5.349  1.335   -2.958  1.00 0.00 ? 70 VAL A HB   1 
ATOM 1108 H HG11 . VAL A 1 70 ? -3.321  -0.465  -2.140  1.00 0.00 ? 70 VAL A HG11 1 
ATOM 1109 H HG12 . VAL A 1 70 ? -3.189  0.828   -3.332  1.00 0.00 ? 70 VAL A HG12 1 
ATOM 1110 H HG13 . VAL A 1 70 ? -2.791  1.142   -1.642  1.00 0.00 ? 70 VAL A HG13 1 
ATOM 1111 H HG21 . VAL A 1 70 ? -6.241  0.066   -0.645  1.00 0.00 ? 70 VAL A HG21 1 
ATOM 1112 H HG22 . VAL A 1 70 ? -6.328  -0.589  -2.277  1.00 0.00 ? 70 VAL A HG22 1 
ATOM 1113 H HG23 . VAL A 1 70 ? -4.966  -0.998  -1.234  1.00 0.00 ? 70 VAL A HG23 1 
ATOM 1114 N N    . SER A 1 71 ? -5.430  3.921   -2.564  1.00 0.00 ? 71 SER A N    1 
ATOM 1115 C CA   . SER A 1 71 ? -5.127  5.194   -3.272  1.00 0.00 ? 71 SER A CA   1 
ATOM 1116 C C    . SER A 1 71 ? -5.001  6.308   -2.239  1.00 0.00 ? 71 SER A C    1 
ATOM 1117 O O    . SER A 1 71 ? -4.449  7.359   -2.499  1.00 0.00 ? 71 SER A O    1 
ATOM 1118 C CB   . SER A 1 71 ? -6.249  5.523   -4.254  1.00 0.00 ? 71 SER A CB   1 
ATOM 1119 O OG   . SER A 1 71 ? -6.582  4.355   -4.993  1.00 0.00 ? 71 SER A OG   1 
ATOM 1120 H H    . SER A 1 71 ? -6.273  3.456   -2.730  1.00 0.00 ? 71 SER A H    1 
ATOM 1121 H HA   . SER A 1 71 ? -4.197  5.092   -3.810  1.00 0.00 ? 71 SER A HA   1 
ATOM 1122 H HB2  . SER A 1 71 ? -7.119  5.862   -3.714  1.00 0.00 ? 71 SER A HB2  1 
ATOM 1123 H HB3  . SER A 1 71 ? -5.912  6.303   -4.925  1.00 0.00 ? 71 SER A HB3  1 
ATOM 1124 H HG   . SER A 1 71 ? -6.236  4.459   -5.883  1.00 0.00 ? 71 SER A HG   1 
ATOM 1125 N N    . ASN A 1 72 ? -5.492  6.067   -1.057  1.00 0.00 ? 72 ASN A N    1 
ATOM 1126 C CA   . ASN A 1 72 ? -5.386  7.086   0.022   1.00 0.00 ? 72 ASN A CA   1 
ATOM 1127 C C    . ASN A 1 72 ? -4.008  6.937   0.646   1.00 0.00 ? 72 ASN A C    1 
ATOM 1128 O O    . ASN A 1 72 ? -3.296  7.896   0.854   1.00 0.00 ? 72 ASN A O    1 
ATOM 1129 C CB   . ASN A 1 72 ? -6.474  6.831   1.065   1.00 0.00 ? 72 ASN A CB   1 
ATOM 1130 C CG   . ASN A 1 72 ? -6.022  7.371   2.423   1.00 0.00 ? 72 ASN A CG   1 
ATOM 1131 O OD1  . ASN A 1 72 ? -6.481  8.406   2.862   1.00 0.00 ? 72 ASN A OD1  1 
ATOM 1132 N ND2  . ASN A 1 72 ? -5.134  6.708   3.112   1.00 0.00 ? 72 ASN A ND2  1 
ATOM 1133 H H    . ASN A 1 72 ? -5.909  5.198   -0.873  1.00 0.00 ? 72 ASN A H    1 
ATOM 1134 H HA   . ASN A 1 72 ? -5.489  8.080   -0.395  1.00 0.00 ? 72 ASN A HA   1 
ATOM 1135 H HB2  . ASN A 1 72 ? -7.383  7.328   0.762   1.00 0.00 ? 72 ASN A HB2  1 
ATOM 1136 H HB3  . ASN A 1 72 ? -6.651  5.768   1.140   1.00 0.00 ? 72 ASN A HB3  1 
ATOM 1137 H HD21 . ASN A 1 72 ? -4.762  5.874   2.757   1.00 0.00 ? 72 ASN A HD21 1 
ATOM 1138 H HD22 . ASN A 1 72 ? -4.838  7.045   3.983   1.00 0.00 ? 72 ASN A HD22 1 
ATOM 1139 N N    . ILE A 1 73 ? -3.608  5.723   0.885   1.00 0.00 ? 73 ILE A N    1 
ATOM 1140 C CA   . ILE A 1 73 ? -2.254  5.469   1.421   1.00 0.00 ? 73 ILE A CA   1 
ATOM 1141 C C    . ILE A 1 73 ? -1.268  5.845   0.308   1.00 0.00 ? 73 ILE A C    1 
ATOM 1142 O O    . ILE A 1 73 ? -0.082  6.005   0.516   1.00 0.00 ? 73 ILE A O    1 
ATOM 1143 C CB   . ILE A 1 73 ? -2.149  3.980   1.767   1.00 0.00 ? 73 ILE A CB   1 
ATOM 1144 C CG1  . ILE A 1 73 ? -2.695  3.769   3.174   1.00 0.00 ? 73 ILE A CG1  1 
ATOM 1145 C CG2  . ILE A 1 73 ? -0.696  3.511   1.706   1.00 0.00 ? 73 ILE A CG2  1 
ATOM 1146 C CD1  . ILE A 1 73 ? -4.115  3.210   3.096   1.00 0.00 ? 73 ILE A CD1  1 
ATOM 1147 H H    . ILE A 1 73 ? -4.187  4.970   0.664   1.00 0.00 ? 73 ILE A H    1 
ATOM 1148 H HA   . ILE A 1 73 ? -2.083  6.073   2.301   1.00 0.00 ? 73 ILE A HA   1 
ATOM 1149 H HB   . ILE A 1 73 ? -2.741  3.407   1.066   1.00 0.00 ? 73 ILE A HB   1 
ATOM 1150 H HG12 . ILE A 1 73 ? -2.061  3.079   3.705   1.00 0.00 ? 73 ILE A HG12 1 
ATOM 1151 H HG13 . ILE A 1 73 ? -2.714  4.716   3.688   1.00 0.00 ? 73 ILE A HG13 1 
ATOM 1152 H HG21 . ILE A 1 73 ? -0.039  4.360   1.764   1.00 0.00 ? 73 ILE A HG21 1 
ATOM 1153 H HG22 . ILE A 1 73 ? -0.498  2.846   2.533   1.00 0.00 ? 73 ILE A HG22 1 
ATOM 1154 H HG23 . ILE A 1 73 ? -0.528  2.989   0.777   1.00 0.00 ? 73 ILE A HG23 1 
ATOM 1155 H HD11 . ILE A 1 73 ? -4.207  2.578   2.226   1.00 0.00 ? 73 ILE A HD11 1 
ATOM 1156 H HD12 . ILE A 1 73 ? -4.326  2.633   3.985   1.00 0.00 ? 73 ILE A HD12 1 
ATOM 1157 H HD13 . ILE A 1 73 ? -4.816  4.027   3.021   1.00 0.00 ? 73 ILE A HD13 1 
ATOM 1158 N N    . ILE A 1 74 ? -1.792  5.999   -0.882  1.00 0.00 ? 74 ILE A N    1 
ATOM 1159 C CA   . ILE A 1 74 ? -0.973  6.375   -2.065  1.00 0.00 ? 74 ILE A CA   1 
ATOM 1160 C C    . ILE A 1 74 ? -0.817  7.897   -2.110  1.00 0.00 ? 74 ILE A C    1 
ATOM 1161 O O    . ILE A 1 74 ? 0.240   8.420   -2.405  1.00 0.00 ? 74 ILE A O    1 
ATOM 1162 C CB   . ILE A 1 74 ? -1.725  5.921   -3.317  1.00 0.00 ? 74 ILE A CB   1 
ATOM 1163 C CG1  . ILE A 1 74 ? -1.442  4.444   -3.585  1.00 0.00 ? 74 ILE A CG1  1 
ATOM 1164 C CG2  . ILE A 1 74 ? -1.300  6.757   -4.523  1.00 0.00 ? 74 ILE A CG2  1 
ATOM 1165 C CD1  . ILE A 1 74 ? -1.876  4.094   -5.010  1.00 0.00 ? 74 ILE A CD1  1 
ATOM 1166 H H    . ILE A 1 74 ? -2.752  5.869   -1.000  1.00 0.00 ? 74 ILE A H    1 
ATOM 1167 H HA   . ILE A 1 74 ? -0.005  5.899   -2.019  1.00 0.00 ? 74 ILE A HA   1 
ATOM 1168 H HB   . ILE A 1 74 ? -2.784  6.057   -3.154  1.00 0.00 ? 74 ILE A HB   1 
ATOM 1169 H HG12 . ILE A 1 74 ? -0.386  4.251   -3.469  1.00 0.00 ? 74 ILE A HG12 1 
ATOM 1170 H HG13 . ILE A 1 74 ? -2.001  3.840   -2.884  1.00 0.00 ? 74 ILE A HG13 1 
ATOM 1171 H HG21 . ILE A 1 74 ? -1.853  6.434   -5.394  1.00 0.00 ? 74 ILE A HG21 1 
ATOM 1172 H HG22 . ILE A 1 74 ? -1.511  7.799   -4.332  1.00 0.00 ? 74 ILE A HG22 1 
ATOM 1173 H HG23 . ILE A 1 74 ? -0.241  6.628   -4.698  1.00 0.00 ? 74 ILE A HG23 1 
ATOM 1174 H HD11 . ILE A 1 74 ? -1.818  3.025   -5.152  1.00 0.00 ? 74 ILE A HD11 1 
ATOM 1175 H HD12 . ILE A 1 74 ? -2.894  4.423   -5.167  1.00 0.00 ? 74 ILE A HD12 1 
ATOM 1176 H HD13 . ILE A 1 74 ? -1.225  4.588   -5.716  1.00 0.00 ? 74 ILE A HD13 1 
ATOM 1177 N N    . GLN A 1 75 ? -1.878  8.605   -1.833  1.00 0.00 ? 75 GLN A N    1 
ATOM 1178 C CA   . GLN A 1 75 ? -1.828  10.092  -1.868  1.00 0.00 ? 75 GLN A CA   1 
ATOM 1179 C C    . GLN A 1 75 ? -1.245  10.616  -0.561  1.00 0.00 ? 75 GLN A C    1 
ATOM 1180 O O    . GLN A 1 75 ? -0.831  11.754  -0.458  1.00 0.00 ? 75 GLN A O    1 
ATOM 1181 C CB   . GLN A 1 75 ? -3.249  10.627  -2.030  1.00 0.00 ? 75 GLN A CB   1 
ATOM 1182 C CG   . GLN A 1 75 ? -3.368  11.347  -3.371  1.00 0.00 ? 75 GLN A CG   1 
ATOM 1183 C CD   . GLN A 1 75 ? -4.822  11.758  -3.607  1.00 0.00 ? 75 GLN A CD   1 
ATOM 1184 O OE1  . GLN A 1 75 ? -5.368  12.553  -2.868  1.00 0.00 ? 75 GLN A OE1  1 
ATOM 1185 N NE2  . GLN A 1 75 ? -5.478  11.244  -4.612  1.00 0.00 ? 75 GLN A NE2  1 
ATOM 1186 H H    . GLN A 1 75 ? -2.717  8.154   -1.606  1.00 0.00 ? 75 GLN A H    1 
ATOM 1187 H HA   . GLN A 1 75 ? -1.220  10.420  -2.698  1.00 0.00 ? 75 GLN A HA   1 
ATOM 1188 H HB2  . GLN A 1 75 ? -3.950  9.802   -1.996  1.00 0.00 ? 75 GLN A HB2  1 
ATOM 1189 H HB3  . GLN A 1 75 ? -3.467  11.318  -1.229  1.00 0.00 ? 75 GLN A HB3  1 
ATOM 1190 H HG2  . GLN A 1 75 ? -2.740  12.226  -3.361  1.00 0.00 ? 75 GLN A HG2  1 
ATOM 1191 H HG3  . GLN A 1 75 ? -3.049  10.686  -4.162  1.00 0.00 ? 75 GLN A HG3  1 
ATOM 1192 H HE21 . GLN A 1 75 ? -5.037  10.603  -5.208  1.00 0.00 ? 75 GLN A HE21 1 
ATOM 1193 H HE22 . GLN A 1 75 ? -6.410  11.501  -4.772  1.00 0.00 ? 75 GLN A HE22 1 
ATOM 1194 N N    . ALA A 1 76 ? -1.228  9.793   0.440   1.00 0.00 ? 76 ALA A N    1 
ATOM 1195 C CA   . ALA A 1 76 ? -0.693  10.228  1.758   1.00 0.00 ? 76 ALA A CA   1 
ATOM 1196 C C    . ALA A 1 76 ? 0.553   9.413   2.108   1.00 0.00 ? 76 ALA A C    1 
ATOM 1197 O O    . ALA A 1 76 ? 1.161   9.605   3.143   1.00 0.00 ? 76 ALA A O    1 
ATOM 1198 C CB   . ALA A 1 76 ? -1.768  10.003  2.819   1.00 0.00 ? 76 ALA A CB   1 
ATOM 1199 H H    . ALA A 1 76 ? -1.580  8.888   0.327   1.00 0.00 ? 76 ALA A H    1 
ATOM 1200 H HA   . ALA A 1 76 ? -0.440  11.277  1.718   1.00 0.00 ? 76 ALA A HA   1 
ATOM 1201 H HB1  . ALA A 1 76 ? -2.743  10.054  2.354   1.00 0.00 ? 76 ALA A HB1  1 
ATOM 1202 H HB2  . ALA A 1 76 ? -1.634  9.029   3.266   1.00 0.00 ? 76 ALA A HB2  1 
ATOM 1203 H HB3  . ALA A 1 76 ? -1.690  10.765  3.580   1.00 0.00 ? 76 ALA A HB3  1 
ATOM 1204 N N    . LYS A 1 77 ? 0.935   8.498   1.260   1.00 0.00 ? 77 LYS A N    1 
ATOM 1205 C CA   . LYS A 1 77 ? 2.135   7.667   1.552   1.00 0.00 ? 77 LYS A CA   1 
ATOM 1206 C C    . LYS A 1 77 ? 2.072   7.203   3.005   1.00 0.00 ? 77 LYS A C    1 
ATOM 1207 O O    . LYS A 1 77 ? 2.682   7.780   3.884   1.00 0.00 ? 77 LYS A O    1 
ATOM 1208 C CB   . LYS A 1 77 ? 3.405   8.487   1.329   1.00 0.00 ? 77 LYS A CB   1 
ATOM 1209 C CG   . LYS A 1 77 ? 4.623   7.578   1.495   1.00 0.00 ? 77 LYS A CG   1 
ATOM 1210 C CD   . LYS A 1 77 ? 5.718   8.007   0.517   1.00 0.00 ? 77 LYS A CD   1 
ATOM 1211 C CE   . LYS A 1 77 ? 5.794   9.534   0.472   1.00 0.00 ? 77 LYS A CE   1 
ATOM 1212 N NZ   . LYS A 1 77 ? 7.218   9.964   0.553   1.00 0.00 ? 77 LYS A NZ   1 
ATOM 1213 H H    . LYS A 1 77 ? 0.428   8.353   0.436   1.00 0.00 ? 77 LYS A H    1 
ATOM 1214 H HA   . LYS A 1 77 ? 2.142   6.804   0.900   1.00 0.00 ? 77 LYS A HA   1 
ATOM 1215 H HB2  . LYS A 1 77 ? 3.397   8.902   0.331   1.00 0.00 ? 77 LYS A HB2  1 
ATOM 1216 H HB3  . LYS A 1 77 ? 3.453   9.286   2.053   1.00 0.00 ? 77 LYS A HB3  1 
ATOM 1217 H HG2  . LYS A 1 77 ? 4.992   7.653   2.507   1.00 0.00 ? 77 LYS A HG2  1 
ATOM 1218 H HG3  . LYS A 1 77 ? 4.338   6.556   1.289   1.00 0.00 ? 77 LYS A HG3  1 
ATOM 1219 H HD2  . LYS A 1 77 ? 6.668   7.608   0.843   1.00 0.00 ? 77 LYS A HD2  1 
ATOM 1220 H HD3  . LYS A 1 77 ? 5.489   7.631   -0.469  1.00 0.00 ? 77 LYS A HD3  1 
ATOM 1221 H HE2  . LYS A 1 77 ? 5.363   9.889   -0.453  1.00 0.00 ? 77 LYS A HE2  1 
ATOM 1222 H HE3  . LYS A 1 77 ? 5.245   9.946   1.306   1.00 0.00 ? 77 LYS A HE3  1 
ATOM 1223 H HZ1  . LYS A 1 77 ? 7.458   10.187  1.539   1.00 0.00 ? 77 LYS A HZ1  1 
ATOM 1224 H HZ2  . LYS A 1 77 ? 7.831   9.196   0.211   1.00 0.00 ? 77 LYS A HZ2  1 
ATOM 1225 H HZ3  . LYS A 1 77 ? 7.360   10.808  -0.036  1.00 0.00 ? 77 LYS A HZ3  1 
ATOM 1226 N N    . LEU A 1 78 ? 1.328   6.169   3.257   1.00 0.00 ? 78 LEU A N    1 
ATOM 1227 C CA   . LEU A 1 78 ? 1.199   5.652   4.645   1.00 0.00 ? 78 LEU A CA   1 
ATOM 1228 C C    . LEU A 1 78 ? 1.965   4.341   4.780   1.00 0.00 ? 78 LEU A C    1 
ATOM 1229 O O    . LEU A 1 78 ? 1.870   3.473   3.937   1.00 0.00 ? 78 LEU A O    1 
ATOM 1230 C CB   . LEU A 1 78 ? -0.276  5.379   4.943   1.00 0.00 ? 78 LEU A CB   1 
ATOM 1231 C CG   . LEU A 1 78 ? -0.900  6.595   5.618   1.00 0.00 ? 78 LEU A CG   1 
ATOM 1232 C CD1  . LEU A 1 78 ? -0.590  6.555   7.114   1.00 0.00 ? 78 LEU A CD1  1 
ATOM 1233 C CD2  . LEU A 1 78 ? -0.325  7.872   4.999   1.00 0.00 ? 78 LEU A CD2  1 
ATOM 1234 H H    . LEU A 1 78 ? 0.847   5.733   2.529   1.00 0.00 ? 78 LEU A H    1 
ATOM 1235 H HA   . LEU A 1 78 ? 1.581   6.377   5.346   1.00 0.00 ? 78 LEU A HA   1 
ATOM 1236 H HB2  . LEU A 1 78 ? -0.796  5.172   4.020   1.00 0.00 ? 78 LEU A HB2  1 
ATOM 1237 H HB3  . LEU A 1 78 ? -0.353  4.526   5.600   1.00 0.00 ? 78 LEU A HB3  1 
ATOM 1238 H HG   . LEU A 1 78 ? -1.970  6.572   5.475   1.00 0.00 ? 78 LEU A HG   1 
ATOM 1239 H HD11 . LEU A 1 78 ? 0.454   6.782   7.271   1.00 0.00 ? 78 LEU A HD11 1 
ATOM 1240 H HD12 . LEU A 1 78 ? -1.199  7.283   7.629   1.00 0.00 ? 78 LEU A HD12 1 
ATOM 1241 H HD13 . LEU A 1 78 ? -0.806  5.567   7.498   1.00 0.00 ? 78 LEU A HD13 1 
ATOM 1242 H HD21 . LEU A 1 78 ? 0.685   8.019   5.352   1.00 0.00 ? 78 LEU A HD21 1 
ATOM 1243 H HD22 . LEU A 1 78 ? -0.322  7.780   3.921   1.00 0.00 ? 78 LEU A HD22 1 
ATOM 1244 H HD23 . LEU A 1 78 ? -0.934  8.717   5.287   1.00 0.00 ? 78 LEU A HD23 1 
ATOM 1245 N N    . LYS A 1 79 ? 2.691   4.164   5.846   1.00 0.00 ? 79 LYS A N    1 
ATOM 1246 C CA   . LYS A 1 79 ? 3.410   2.878   6.021   1.00 0.00 ? 79 LYS A CA   1 
ATOM 1247 C C    . LYS A 1 79 ? 2.344   1.804   6.171   1.00 0.00 ? 79 LYS A C    1 
ATOM 1248 O O    . LYS A 1 79 ? 1.418   1.961   6.932   1.00 0.00 ? 79 LYS A O    1 
ATOM 1249 C CB   . LYS A 1 79 ? 4.281   2.925   7.279   1.00 0.00 ? 79 LYS A CB   1 
ATOM 1250 C CG   . LYS A 1 79 ? 5.565   3.703   6.982   1.00 0.00 ? 79 LYS A CG   1 
ATOM 1251 C CD   . LYS A 1 79 ? 5.989   4.480   8.230   1.00 0.00 ? 79 LYS A CD   1 
ATOM 1252 C CE   . LYS A 1 79 ? 6.377   5.907   7.838   1.00 0.00 ? 79 LYS A CE   1 
ATOM 1253 N NZ   . LYS A 1 79 ? 7.629   6.295   8.547   1.00 0.00 ? 79 LYS A NZ   1 
ATOM 1254 H H    . LYS A 1 79 ? 2.734   4.854   6.538   1.00 0.00 ? 79 LYS A H    1 
ATOM 1255 H HA   . LYS A 1 79 ? 4.020   2.675   5.152   1.00 0.00 ? 79 LYS A HA   1 
ATOM 1256 H HB2  . LYS A 1 79 ? 3.738   3.413   8.074   1.00 0.00 ? 79 LYS A HB2  1 
ATOM 1257 H HB3  . LYS A 1 79 ? 4.535   1.918   7.578   1.00 0.00 ? 79 LYS A HB3  1 
ATOM 1258 H HG2  . LYS A 1 79 ? 6.347   3.014   6.702   1.00 0.00 ? 79 LYS A HG2  1 
ATOM 1259 H HG3  . LYS A 1 79 ? 5.388   4.396   6.174   1.00 0.00 ? 79 LYS A HG3  1 
ATOM 1260 H HD2  . LYS A 1 79 ? 5.169   4.509   8.933   1.00 0.00 ? 79 LYS A HD2  1 
ATOM 1261 H HD3  . LYS A 1 79 ? 6.837   3.992   8.687   1.00 0.00 ? 79 LYS A HD3  1 
ATOM 1262 H HE2  . LYS A 1 79 ? 6.538   5.955   6.771   1.00 0.00 ? 79 LYS A HE2  1 
ATOM 1263 H HE3  . LYS A 1 79 ? 5.583   6.584   8.114   1.00 0.00 ? 79 LYS A HE3  1 
ATOM 1264 H HZ1  . LYS A 1 79 ? 8.340   5.545   8.432   1.00 0.00 ? 79 LYS A HZ1  1 
ATOM 1265 H HZ2  . LYS A 1 79 ? 7.993   7.184   8.146   1.00 0.00 ? 79 LYS A HZ2  1 
ATOM 1266 H HZ3  . LYS A 1 79 ? 7.429   6.426   9.559   1.00 0.00 ? 79 LYS A HZ3  1 
ATOM 1267 N N    . ILE A 1 80 ? 2.430   0.737   5.436   1.00 0.00 ? 80 ILE A N    1 
ATOM 1268 C CA   . ILE A 1 80 ? 1.375   -0.305  5.541   1.00 0.00 ? 80 ILE A CA   1 
ATOM 1269 C C    . ILE A 1 80 ? 1.843   -1.453  6.432   1.00 0.00 ? 80 ILE A C    1 
ATOM 1270 O O    . ILE A 1 80 ? 3.005   -1.794  6.465   1.00 0.00 ? 80 ILE A O    1 
ATOM 1271 C CB   . ILE A 1 80 ? 1.060   -0.843  4.147   1.00 0.00 ? 80 ILE A CB   1 
ATOM 1272 C CG1  . ILE A 1 80 ? 0.660   0.322   3.235   1.00 0.00 ? 80 ILE A CG1  1 
ATOM 1273 C CG2  . ILE A 1 80 ? -0.092  -1.846  4.234   1.00 0.00 ? 80 ILE A CG2  1 
ATOM 1274 C CD1  . ILE A 1 80 ? -0.843  0.268   2.959   1.00 0.00 ? 80 ILE A CD1  1 
ATOM 1275 H H    . ILE A 1 80 ? 3.169   0.630   4.800   1.00 0.00 ? 80 ILE A H    1 
ATOM 1276 H HA   . ILE A 1 80 ? 0.483   0.132   5.963   1.00 0.00 ? 80 ILE A HA   1 
ATOM 1277 H HB   . ILE A 1 80 ? 1.934   -1.334  3.744   1.00 0.00 ? 80 ILE A HB   1 
ATOM 1278 H HG12 . ILE A 1 80 ? 0.904   1.256   3.722   1.00 0.00 ? 80 ILE A HG12 1 
ATOM 1279 H HG13 . ILE A 1 80 ? 1.199   0.250   2.303   1.00 0.00 ? 80 ILE A HG13 1 
ATOM 1280 H HG21 . ILE A 1 80 ? -0.868  -1.447  4.870   1.00 0.00 ? 80 ILE A HG21 1 
ATOM 1281 H HG22 . ILE A 1 80 ? -0.491  -2.024  3.248   1.00 0.00 ? 80 ILE A HG22 1 
ATOM 1282 H HG23 . ILE A 1 80 ? 0.272   -2.773  4.650   1.00 0.00 ? 80 ILE A HG23 1 
ATOM 1283 H HD11 . ILE A 1 80 ? -1.120  1.089   2.313   1.00 0.00 ? 80 ILE A HD11 1 
ATOM 1284 H HD12 . ILE A 1 80 ? -1.089  -0.667  2.478   1.00 0.00 ? 80 ILE A HD12 1 
ATOM 1285 H HD13 . ILE A 1 80 ? -1.383  0.347   3.891   1.00 0.00 ? 80 ILE A HD13 1 
ATOM 1286 N N    . SER A 1 81 ? 0.936   -2.060  7.146   1.00 0.00 ? 81 SER A N    1 
ATOM 1287 C CA   . SER A 1 81 ? 1.319   -3.201  8.017   1.00 0.00 ? 81 SER A CA   1 
ATOM 1288 C C    . SER A 1 81 ? 0.679   -4.469  7.452   1.00 0.00 ? 81 SER A C    1 
ATOM 1289 O O    . SER A 1 81 ? -0.491  -4.487  7.118   1.00 0.00 ? 81 SER A O    1 
ATOM 1290 C CB   . SER A 1 81 ? 0.829   -2.955  9.444   1.00 0.00 ? 81 SER A CB   1 
ATOM 1291 O OG   . SER A 1 81 ? 1.749   -2.105  10.115  1.00 0.00 ? 81 SER A OG   1 
ATOM 1292 H H    . SER A 1 81 ? 0.002   -1.774  7.097   1.00 0.00 ? 81 SER A H    1 
ATOM 1293 H HA   . SER A 1 81 ? 2.391   -3.310  8.014   1.00 0.00 ? 81 SER A HA   1 
ATOM 1294 H HB2  . SER A 1 81 ? -0.137  -2.481  9.421   1.00 0.00 ? 81 SER A HB2  1 
ATOM 1295 H HB3  . SER A 1 81 ? 0.753   -3.901  9.965   1.00 0.00 ? 81 SER A HB3  1 
ATOM 1296 H HG   . SER A 1 81 ? 2.523   -2.627  10.341  1.00 0.00 ? 81 SER A HG   1 
ATOM 1297 N N    . VAL A 1 82 ? 1.440   -5.518  7.315   1.00 0.00 ? 82 VAL A N    1 
ATOM 1298 C CA   . VAL A 1 82 ? 0.875   -6.770  6.743   1.00 0.00 ? 82 VAL A CA   1 
ATOM 1299 C C    . VAL A 1 82 ? 0.850   -7.875  7.799   1.00 0.00 ? 82 VAL A C    1 
ATOM 1300 O O    . VAL A 1 82 ? 1.849   -8.186  8.422   1.00 0.00 ? 82 VAL A O    1 
ATOM 1301 C CB   . VAL A 1 82 ? 1.737   -7.218  5.564   1.00 0.00 ? 82 VAL A CB   1 
ATOM 1302 C CG1  . VAL A 1 82 ? 0.869   -7.966  4.550   1.00 0.00 ? 82 VAL A CG1  1 
ATOM 1303 C CG2  . VAL A 1 82 ? 2.365   -5.989  4.902   1.00 0.00 ? 82 VAL A CG2  1 
ATOM 1304 H H    . VAL A 1 82 ? 2.385   -5.477  7.570   1.00 0.00 ? 82 VAL A H    1 
ATOM 1305 H HA   . VAL A 1 82 ? -0.131  -6.584  6.398   1.00 0.00 ? 82 VAL A HA   1 
ATOM 1306 H HB   . VAL A 1 82 ? 2.516   -7.875  5.917   1.00 0.00 ? 82 VAL A HB   1 
ATOM 1307 H HG11 . VAL A 1 82 ? 0.877   -9.022  4.783   1.00 0.00 ? 82 VAL A HG11 1 
ATOM 1308 H HG12 . VAL A 1 82 ? -0.144  -7.594  4.598   1.00 0.00 ? 82 VAL A HG12 1 
ATOM 1309 H HG13 . VAL A 1 82 ? 1.263   -7.813  3.556   1.00 0.00 ? 82 VAL A HG13 1 
ATOM 1310 H HG21 . VAL A 1 82 ? 2.456   -6.158  3.840   1.00 0.00 ? 82 VAL A HG21 1 
ATOM 1311 H HG22 . VAL A 1 82 ? 1.738   -5.127  5.076   1.00 0.00 ? 82 VAL A HG22 1 
ATOM 1312 H HG23 . VAL A 1 82 ? 3.346   -5.812  5.325   1.00 0.00 ? 82 VAL A HG23 1 
ATOM 1313 N N    . HIS A 1 83 ? -0.287  -8.481  7.991   1.00 0.00 ? 83 HIS A N    1 
ATOM 1314 C CA   . HIS A 1 83 ? -0.390  -9.582  8.989   1.00 0.00 ? 83 HIS A CA   1 
ATOM 1315 C C    . HIS A 1 83 ? -0.776  -10.870 8.263   1.00 0.00 ? 83 HIS A C    1 
ATOM 1316 O O    . HIS A 1 83 ? -1.311  -10.840 7.173   1.00 0.00 ? 83 HIS A O    1 
ATOM 1317 C CB   . HIS A 1 83 ? -1.463  -9.244  10.026  1.00 0.00 ? 83 HIS A CB   1 
ATOM 1318 C CG   . HIS A 1 83 ? -1.088  -7.978  10.740  1.00 0.00 ? 83 HIS A CG   1 
ATOM 1319 N ND1  . HIS A 1 83 ? -0.322  -7.979  11.895  1.00 0.00 ? 83 HIS A ND1  1 
ATOM 1320 C CD2  . HIS A 1 83 ? -1.368  -6.666  10.474  1.00 0.00 ? 83 HIS A CD2  1 
ATOM 1321 C CE1  . HIS A 1 83 ? -0.170  -6.699  12.279  1.00 0.00 ? 83 HIS A CE1  1 
ATOM 1322 N NE2  . HIS A 1 83 ? -0.789  -5.856  11.447  1.00 0.00 ? 83 HIS A NE2  1 
ATOM 1323 H H    . HIS A 1 83 ? -1.075  -8.217  7.468   1.00 0.00 ? 83 HIS A H    1 
ATOM 1324 H HA   . HIS A 1 83 ? 0.561   -9.714  9.481   1.00 0.00 ? 83 HIS A HA   1 
ATOM 1325 H HB2  . HIS A 1 83 ? -2.416  -9.114  9.532   1.00 0.00 ? 83 HIS A HB2  1 
ATOM 1326 H HB3  . HIS A 1 83 ? -1.538  -10.045 10.739  1.00 0.00 ? 83 HIS A HB3  1 
ATOM 1327 H HD1  . HIS A 1 83 ? 0.041   -8.767  12.349  1.00 0.00 ? 83 HIS A HD1  1 
ATOM 1328 H HD2  . HIS A 1 83 ? -1.950  -6.314  9.637   1.00 0.00 ? 83 HIS A HD2  1 
ATOM 1329 H HE1  . HIS A 1 83 ? 0.386   -6.390  13.153  1.00 0.00 ? 83 HIS A HE1  1 
ATOM 1330 N N    . ASP A 1 84 ? -0.517  -12.000 8.854   1.00 0.00 ? 84 ASP A N    1 
ATOM 1331 C CA   . ASP A 1 84 ? -0.881  -13.277 8.188   1.00 0.00 ? 84 ASP A CA   1 
ATOM 1332 C C    . ASP A 1 84 ? -2.283  -13.688 8.637   1.00 0.00 ? 84 ASP A C    1 
ATOM 1333 O O    . ASP A 1 84 ? -2.592  -13.695 9.813   1.00 0.00 ? 84 ASP A O    1 
ATOM 1334 C CB   . ASP A 1 84 ? 0.122   -14.371 8.569   1.00 0.00 ? 84 ASP A CB   1 
ATOM 1335 C CG   . ASP A 1 84 ? 1.329   -13.751 9.278   1.00 0.00 ? 84 ASP A CG   1 
ATOM 1336 O OD1  . ASP A 1 84 ? 2.188   -13.223 8.592   1.00 0.00 ? 84 ASP A OD1  1 
ATOM 1337 O OD2  . ASP A 1 84 ? 1.372   -13.815 10.496  1.00 0.00 ? 84 ASP A OD2  1 
ATOM 1338 H H    . ASP A 1 84 ? -0.091  -12.008 9.734   1.00 0.00 ? 84 ASP A H    1 
ATOM 1339 H HA   . ASP A 1 84 ? -0.875  -13.135 7.114   1.00 0.00 ? 84 ASP A HA   1 
ATOM 1340 H HB2  . ASP A 1 84 ? -0.355  -15.083 9.226   1.00 0.00 ? 84 ASP A HB2  1 
ATOM 1341 H HB3  . ASP A 1 84 ? 0.455   -14.872 7.677   1.00 0.00 ? 84 ASP A HB3  1 
ATOM 1342 N N    . ILE A 1 85 ? -3.133  -14.025 7.711   1.00 0.00 ? 85 ILE A N    1 
ATOM 1343 C CA   . ILE A 1 85 ? -4.518  -14.428 8.080   1.00 0.00 ? 85 ILE A CA   1 
ATOM 1344 C C    . ILE A 1 85 ? -4.927  -15.659 7.269   1.00 0.00 ? 85 ILE A C    1 
ATOM 1345 O O    . ILE A 1 85 ? -4.042  -16.347 6.787   1.00 0.00 ? 85 ILE A O    1 
ATOM 1346 C CB   . ILE A 1 85 ? -5.474  -13.274 7.775   1.00 0.00 ? 85 ILE A CB   1 
ATOM 1347 C CG1  . ILE A 1 85 ? -5.091  -12.639 6.436   1.00 0.00 ? 85 ILE A CG1  1 
ATOM 1348 C CG2  . ILE A 1 85 ? -5.378  -12.223 8.884   1.00 0.00 ? 85 ILE A CG2  1 
ATOM 1349 C CD1  . ILE A 1 85 ? -6.327  -12.546 5.540   1.00 0.00 ? 85 ILE A CD1  1 
ATOM 1350 O OXT  . ILE A 1 85 ? -6.118  -15.892 7.144   1.00 0.00 ? 85 ILE A OXT  1 
ATOM 1351 H H    . ILE A 1 85 ? -2.864  -14.007 6.772   1.00 0.00 ? 85 ILE A H    1 
ATOM 1352 H HA   . ILE A 1 85 ? -4.558  -14.659 9.134   1.00 0.00 ? 85 ILE A HA   1 
ATOM 1353 H HB   . ILE A 1 85 ? -6.485  -13.651 7.720   1.00 0.00 ? 85 ILE A HB   1 
ATOM 1354 H HG12 . ILE A 1 85 ? -4.695  -11.649 6.608   1.00 0.00 ? 85 ILE A HG12 1 
ATOM 1355 H HG13 . ILE A 1 85 ? -4.344  -13.246 5.951   1.00 0.00 ? 85 ILE A HG13 1 
ATOM 1356 H HG21 . ILE A 1 85 ? -5.431  -12.711 9.847   1.00 0.00 ? 85 ILE A HG21 1 
ATOM 1357 H HG22 . ILE A 1 85 ? -4.439  -11.693 8.801   1.00 0.00 ? 85 ILE A HG22 1 
ATOM 1358 H HG23 . ILE A 1 85 ? -6.196  -11.525 8.790   1.00 0.00 ? 85 ILE A HG23 1 
ATOM 1359 H HD11 . ILE A 1 85 ? -7.210  -12.771 6.120   1.00 0.00 ? 85 ILE A HD11 1 
ATOM 1360 H HD12 . ILE A 1 85 ? -6.406  -11.547 5.138   1.00 0.00 ? 85 ILE A HD12 1 
ATOM 1361 H HD13 . ILE A 1 85 ? -6.238  -13.256 4.730   1.00 0.00 ? 85 ILE A HD13 1 
# 
